data_9FZ9
#
_entry.id   9FZ9
#
_cell.length_a   103.154
_cell.length_b   112.582
_cell.length_c   251.464
_cell.angle_alpha   90.00
_cell.angle_beta   90.00
_cell.angle_gamma   90.00
#
_symmetry.space_group_name_H-M   'P 21 21 21'
#
loop_
_entity.id
_entity.type
_entity.pdbx_description
1 polymer 'Glycoside hydrolase family 2 catalytic domain-containing protein'
2 non-polymer 'ACETATE ION'
3 non-polymer GLYCEROL
4 non-polymer 'MALONIC ACID'
5 water water
#
_entity_poly.entity_id   1
_entity_poly.type   'polypeptide(L)'
_entity_poly.pdbx_seq_one_letter_code
;(MSE)QSKTKIELKDNWYHLDGEKYFIKAIGYEIGARPGQAPYEDERKDELEL(MSE)KFDLENIKEGGYNTIRTWSQYS
ENQLKLVQESGLKLI(MSE)GIDIKPEEDYGDPEFVKDSEIELKRVLNYAKKYDCIITYLVINEPQTDHIHSVTGKAFVD
L(MSE)NTLINIIHKGHPGIPVTLSANA(MSE)ISDY(MSE)DESIFDVYAYNCYDHNEGQTAT(MSE)GFKDYIKGLNE
LNGLDKPFITTEFGYSVSPEGGNGQYGSNTLKQQSDGLISNYRDLIDAGAVG(MSE)CPFYYADGWWKGGEKSDHSLNQP
EEWFGFWGYSDLNDKYGTPRPVWFA(MSE)RDY(MSE)KGLIISPKNKSIHTNTKIPLELYNDKDVKKVVVKFRDKVIYS
KNITSEGY(MSE)ADELTIDPVGIED(MSE)ELAFEFYDSDNKIIKNESINILASKTAFELPELTIEVTPEKDLNEGKIA
SIKTKIETSENFTLLDDLKISYNTHLGWAIGSQASVSISDQLDKKIITSENFFNIPDNCWVVNASAGISVRYGKFTFKIH
DQKIIYRGDWAKEVGRKLEHHHHHH
;
_entity_poly.pdbx_strand_id   A,B,C,D
#
loop_
_chem_comp.id
_chem_comp.type
_chem_comp.name
_chem_comp.formula
ACT non-polymer 'ACETATE ION' 'C2 H3 O2 -1'
GOL non-polymer GLYCEROL 'C3 H8 O3'
MLA non-polymer 'MALONIC ACID' 'C3 H4 O4'
#
# COMPACT_ATOMS: atom_id res chain seq x y z
N SER A 3 29.86 66.04 3.10
CA SER A 3 28.65 65.97 2.25
C SER A 3 28.38 64.54 1.78
N LYS A 4 29.41 63.67 1.79
CA LYS A 4 29.28 62.32 1.24
C LYS A 4 28.39 61.46 2.15
N THR A 5 27.78 60.39 1.60
CA THR A 5 26.78 59.59 2.30
C THR A 5 27.39 58.88 3.51
N LYS A 6 26.73 59.01 4.66
CA LYS A 6 27.08 58.26 5.86
C LYS A 6 26.20 57.00 5.91
N ILE A 7 26.86 55.83 5.95
CA ILE A 7 26.18 54.55 6.05
C ILE A 7 26.36 53.97 7.45
N GLU A 8 25.25 53.70 8.13
CA GLU A 8 25.28 53.14 9.47
C GLU A 8 24.41 51.89 9.49
N LEU A 9 24.96 50.79 10.03
CA LEU A 9 24.22 49.56 10.21
C LEU A 9 23.81 49.42 11.68
N LYS A 10 22.51 49.52 11.97
CA LYS A 10 22.00 49.26 13.31
C LYS A 10 20.57 48.75 13.23
N ASP A 11 20.15 48.00 14.27
CA ASP A 11 18.85 47.37 14.33
C ASP A 11 18.60 46.53 13.08
N ASN A 12 19.67 46.01 12.49
CA ASN A 12 19.66 45.18 11.29
C ASN A 12 19.09 45.91 10.06
N TRP A 13 19.23 47.24 10.01
CA TRP A 13 18.90 48.02 8.82
C TRP A 13 20.12 48.79 8.33
N TYR A 14 20.17 49.02 7.02
CA TYR A 14 21.01 50.08 6.48
C TYR A 14 20.37 51.42 6.80
N HIS A 15 21.21 52.36 7.25
CA HIS A 15 20.82 53.76 7.35
C HIS A 15 21.71 54.58 6.43
N LEU A 16 21.07 55.43 5.60
CA LEU A 16 21.77 56.39 4.77
C LEU A 16 21.46 57.79 5.32
N ASP A 17 22.48 58.46 5.84
CA ASP A 17 22.32 59.79 6.40
C ASP A 17 21.24 59.80 7.48
N GLY A 18 21.28 58.82 8.38
CA GLY A 18 20.40 58.77 9.54
C GLY A 18 19.05 58.14 9.23
N GLU A 19 18.69 57.90 7.96
CA GLU A 19 17.37 57.40 7.59
C GLU A 19 17.42 55.92 7.23
N LYS A 20 16.54 55.12 7.82
CA LYS A 20 16.44 53.71 7.44
C LYS A 20 16.14 53.61 5.94
N TYR A 21 16.89 52.77 5.23
CA TYR A 21 16.84 52.71 3.78
C TYR A 21 16.70 51.27 3.33
N PHE A 22 15.50 50.93 2.84
CA PHE A 22 15.23 49.61 2.31
C PHE A 22 15.77 49.57 0.88
N ILE A 23 16.70 48.64 0.62
CA ILE A 23 17.34 48.56 -0.69
C ILE A 23 16.40 47.83 -1.66
N LYS A 24 15.92 48.59 -2.65
CA LYS A 24 15.08 48.06 -3.71
C LYS A 24 15.89 48.00 -4.99
N ALA A 25 16.75 46.97 -5.08
CA ALA A 25 17.68 46.82 -6.19
C ALA A 25 17.11 45.88 -7.24
N ILE A 26 17.77 45.89 -8.40
CA ILE A 26 17.62 44.85 -9.40
C ILE A 26 19.04 44.48 -9.86
N GLY A 27 19.23 43.20 -10.15
CA GLY A 27 20.46 42.72 -10.76
C GLY A 27 20.56 43.27 -12.19
N TYR A 28 21.76 43.71 -12.57
CA TYR A 28 21.97 44.42 -13.83
C TYR A 28 23.34 44.09 -14.41
N GLU A 29 23.33 43.58 -15.65
CA GLU A 29 24.53 43.13 -16.33
C GLU A 29 24.63 43.82 -17.70
N ILE A 30 25.43 44.89 -17.76
CA ILE A 30 25.77 45.55 -19.01
C ILE A 30 26.65 44.60 -19.82
N GLY A 31 26.68 44.80 -21.15
CA GLY A 31 27.56 44.06 -22.03
C GLY A 31 27.04 42.65 -22.34
N ALA A 32 25.73 42.44 -22.18
CA ALA A 32 25.17 41.10 -22.30
C ALA A 32 23.97 41.06 -23.25
N ARG A 33 23.98 41.98 -24.24
CA ARG A 33 23.00 41.97 -25.29
C ARG A 33 23.23 40.76 -26.20
N PRO A 34 22.22 40.37 -27.01
CA PRO A 34 22.43 39.37 -28.04
C PRO A 34 23.69 39.64 -28.84
N GLY A 35 24.57 38.64 -28.93
CA GLY A 35 25.80 38.73 -29.69
C GLY A 35 26.99 39.17 -28.82
N GLN A 36 26.77 39.46 -27.54
CA GLN A 36 27.82 39.93 -26.65
C GLN A 36 28.09 38.91 -25.54
N ALA A 37 29.32 38.92 -25.03
CA ALA A 37 29.73 38.08 -23.92
C ALA A 37 30.54 38.92 -22.94
N PRO A 38 29.98 39.30 -21.77
CA PRO A 38 30.65 40.27 -20.91
C PRO A 38 31.99 39.79 -20.31
N TYR A 39 32.26 38.48 -20.30
CA TYR A 39 33.47 37.96 -19.68
C TYR A 39 34.53 37.60 -20.73
N GLU A 40 34.30 37.91 -22.00
CA GLU A 40 35.27 37.60 -23.05
C GLU A 40 35.50 38.78 -23.97
N ASP A 41 34.49 39.66 -24.13
CA ASP A 41 34.64 40.86 -24.95
C ASP A 41 35.75 41.72 -24.35
N GLU A 42 36.36 42.59 -25.15
CA GLU A 42 37.17 43.66 -24.59
C GLU A 42 36.23 44.58 -23.80
N ARG A 43 36.69 45.06 -22.64
CA ARG A 43 35.91 45.96 -21.79
C ARG A 43 35.60 47.26 -22.54
N LYS A 44 34.31 47.62 -22.55
CA LYS A 44 33.81 48.86 -23.14
C LYS A 44 32.83 49.50 -22.14
N ASP A 45 32.80 50.83 -22.09
CA ASP A 45 31.95 51.53 -21.15
C ASP A 45 30.47 51.37 -21.50
N GLU A 46 30.14 51.39 -22.79
CA GLU A 46 28.77 51.14 -23.23
C GLU A 46 27.81 52.16 -22.61
N LEU A 47 28.18 53.44 -22.65
CA LEU A 47 27.48 54.46 -21.90
C LEU A 47 26.09 54.74 -22.48
N GLU A 48 25.92 54.70 -23.81
CA GLU A 48 24.62 55.00 -24.42
C GLU A 48 23.60 53.96 -23.95
N LEU A 49 23.95 52.67 -24.01
CA LEU A 49 23.04 51.62 -23.62
C LEU A 49 22.77 51.68 -22.11
N MSE A 50 23.77 52.09 -21.31
CA MSE A 50 23.57 52.21 -19.86
C MSE A 50 22.59 53.33 -19.54
O MSE A 50 21.77 53.15 -18.66
CB MSE A 50 24.88 52.48 -19.13
CG MSE A 50 25.49 51.25 -18.49
SE MSE A 50 27.13 51.70 -17.49
CE MSE A 50 26.32 52.13 -15.77
N LYS A 51 22.67 54.47 -20.23
CA LYS A 51 21.70 55.55 -20.05
C LYS A 51 20.28 55.01 -20.26
N PHE A 52 20.07 54.20 -21.30
CA PHE A 52 18.77 53.62 -21.58
C PHE A 52 18.34 52.74 -20.40
N ASP A 53 19.25 51.87 -19.96
CA ASP A 53 18.98 50.90 -18.90
C ASP A 53 18.67 51.57 -17.57
N LEU A 54 19.52 52.48 -17.12
CA LEU A 54 19.35 53.14 -15.84
C LEU A 54 18.05 53.94 -15.83
N GLU A 55 17.66 54.55 -16.95
CA GLU A 55 16.39 55.26 -17.01
C GLU A 55 15.26 54.24 -16.85
N ASN A 56 15.31 53.09 -17.54
CA ASN A 56 14.25 52.12 -17.43
C ASN A 56 14.13 51.63 -15.99
N ILE A 57 15.27 51.41 -15.34
CA ILE A 57 15.32 50.83 -14.01
C ILE A 57 14.74 51.82 -13.00
N LYS A 58 15.02 53.11 -13.14
CA LYS A 58 14.38 54.12 -12.30
C LYS A 58 12.85 54.08 -12.50
N GLU A 59 12.38 53.95 -13.74
CA GLU A 59 10.96 53.96 -14.06
C GLU A 59 10.27 52.67 -13.60
N GLY A 60 11.05 51.60 -13.41
CA GLY A 60 10.54 50.34 -12.92
C GLY A 60 10.38 50.34 -11.41
N GLY A 61 10.91 51.37 -10.73
CA GLY A 61 10.67 51.61 -9.32
C GLY A 61 11.87 51.28 -8.42
N TYR A 62 13.02 50.92 -8.99
CA TYR A 62 14.18 50.47 -8.22
C TYR A 62 14.95 51.69 -7.77
N ASN A 63 15.66 51.58 -6.64
CA ASN A 63 16.53 52.64 -6.16
C ASN A 63 18.01 52.25 -6.24
N THR A 64 18.30 51.01 -6.63
CA THR A 64 19.66 50.47 -6.59
C THR A 64 19.86 49.47 -7.73
N ILE A 65 21.10 49.29 -8.17
CA ILE A 65 21.47 48.22 -9.08
C ILE A 65 22.54 47.35 -8.41
N ARG A 66 22.51 46.06 -8.74
CA ARG A 66 23.45 45.06 -8.23
C ARG A 66 24.19 44.44 -9.41
N THR A 67 25.53 44.37 -9.32
CA THR A 67 26.37 43.88 -10.40
C THR A 67 27.27 42.75 -9.90
N TRP A 68 27.99 42.13 -10.84
CA TRP A 68 28.90 41.03 -10.55
C TRP A 68 30.34 41.41 -10.91
N SER A 69 30.54 42.52 -11.65
CA SER A 69 31.85 42.97 -12.11
C SER A 69 32.05 44.47 -11.88
N GLN A 70 33.30 44.84 -11.58
CA GLN A 70 33.74 46.22 -11.45
C GLN A 70 33.27 47.06 -12.63
N TYR A 71 32.85 48.29 -12.36
CA TYR A 71 32.69 49.32 -13.38
C TYR A 71 33.95 50.15 -13.45
N SER A 72 34.20 50.74 -14.63
CA SER A 72 35.23 51.74 -14.82
C SER A 72 34.77 53.04 -14.18
N GLU A 73 35.67 54.01 -14.08
CA GLU A 73 35.35 55.29 -13.48
C GLU A 73 34.24 55.97 -14.29
N ASN A 74 34.31 55.87 -15.62
CA ASN A 74 33.32 56.48 -16.49
C ASN A 74 31.95 55.86 -16.28
N GLN A 75 31.89 54.56 -16.00
CA GLN A 75 30.61 53.93 -15.74
C GLN A 75 30.08 54.43 -14.39
N LEU A 76 30.96 54.56 -13.40
CA LEU A 76 30.55 55.02 -12.08
C LEU A 76 29.97 56.42 -12.19
N LYS A 77 30.60 57.29 -12.98
CA LYS A 77 30.13 58.66 -13.18
C LYS A 77 28.68 58.66 -13.65
N LEU A 78 28.35 57.76 -14.58
CA LEU A 78 27.01 57.67 -15.14
C LEU A 78 26.02 57.19 -14.09
N VAL A 79 26.41 56.21 -13.27
CA VAL A 79 25.57 55.73 -12.20
C VAL A 79 25.37 56.84 -11.16
N GLN A 80 26.47 57.52 -10.81
CA GLN A 80 26.42 58.63 -9.87
C GLN A 80 25.37 59.65 -10.33
N GLU A 81 25.43 60.07 -11.60
CA GLU A 81 24.53 61.09 -12.15
C GLU A 81 23.08 60.60 -12.14
N SER A 82 22.89 59.28 -12.28
CA SER A 82 21.56 58.70 -12.43
C SER A 82 20.74 58.85 -11.16
N GLY A 83 21.42 58.93 -10.01
CA GLY A 83 20.79 58.98 -8.71
C GLY A 83 20.60 57.60 -8.07
N LEU A 84 20.80 56.51 -8.83
CA LEU A 84 20.68 55.15 -8.32
C LEU A 84 21.88 54.82 -7.44
N LYS A 85 21.67 53.92 -6.46
CA LYS A 85 22.75 53.41 -5.64
C LYS A 85 23.28 52.15 -6.29
N LEU A 86 24.47 51.70 -5.85
CA LEU A 86 25.12 50.58 -6.48
C LEU A 86 25.69 49.57 -5.47
N ILE A 87 25.30 48.30 -5.63
CA ILE A 87 25.94 47.17 -4.99
C ILE A 87 26.90 46.56 -6.01
N MSE A 88 28.20 46.86 -5.86
CA MSE A 88 29.18 46.54 -6.89
C MSE A 88 29.78 45.18 -6.59
O MSE A 88 30.27 44.96 -5.49
CB MSE A 88 30.26 47.62 -6.95
CG MSE A 88 31.40 47.30 -7.90
SE MSE A 88 32.30 48.96 -8.51
CE MSE A 88 30.95 49.41 -9.75
N GLY A 89 29.71 44.26 -7.56
CA GLY A 89 30.38 42.98 -7.47
C GLY A 89 31.81 43.08 -8.01
N ILE A 90 32.74 42.37 -7.38
CA ILE A 90 34.11 42.27 -7.85
C ILE A 90 34.31 40.91 -8.52
N ASP A 91 34.93 40.90 -9.70
CA ASP A 91 35.12 39.68 -10.47
C ASP A 91 36.28 38.85 -9.90
N ILE A 92 36.02 38.17 -8.79
CA ILE A 92 36.93 37.16 -8.28
C ILE A 92 36.39 35.81 -8.77
N LYS A 93 37.13 35.16 -9.68
CA LYS A 93 36.67 33.96 -10.35
C LYS A 93 36.43 32.87 -9.30
N PRO A 94 35.18 32.38 -9.14
CA PRO A 94 34.86 31.35 -8.14
C PRO A 94 35.64 30.03 -8.28
N GLU A 95 36.09 29.67 -9.48
CA GLU A 95 36.65 28.36 -9.77
C GLU A 95 38.17 28.37 -9.69
N GLU A 96 38.77 29.50 -9.29
CA GLU A 96 40.20 29.65 -9.20
C GLU A 96 40.71 29.21 -7.83
N ASP A 97 42.02 29.02 -7.72
CA ASP A 97 42.64 28.54 -6.48
C ASP A 97 42.92 29.71 -5.53
N TYR A 98 42.08 29.85 -4.50
CA TYR A 98 42.13 30.97 -3.57
C TYR A 98 43.45 30.98 -2.80
N GLY A 99 44.13 29.83 -2.77
CA GLY A 99 45.33 29.65 -1.96
C GLY A 99 46.60 29.88 -2.75
N ASP A 100 46.50 30.00 -4.08
CA ASP A 100 47.66 30.29 -4.92
C ASP A 100 48.14 31.73 -4.67
N PRO A 101 49.38 31.93 -4.14
CA PRO A 101 49.93 33.27 -3.92
C PRO A 101 49.75 34.23 -5.08
N GLU A 102 49.85 33.74 -6.33
CA GLU A 102 49.81 34.59 -7.50
C GLU A 102 48.39 35.04 -7.82
N PHE A 103 47.39 34.17 -7.57
CA PHE A 103 46.01 34.55 -7.78
C PHE A 103 45.58 35.58 -6.74
N VAL A 104 46.08 35.43 -5.51
CA VAL A 104 45.78 36.36 -4.43
C VAL A 104 46.37 37.71 -4.80
N LYS A 105 47.65 37.74 -5.18
CA LYS A 105 48.33 38.99 -5.52
C LYS A 105 47.61 39.72 -6.66
N ASP A 106 47.19 38.98 -7.69
CA ASP A 106 46.54 39.59 -8.84
C ASP A 106 45.18 40.18 -8.43
N SER A 107 44.47 39.50 -7.53
CA SER A 107 43.22 39.98 -6.97
C SER A 107 43.43 41.26 -6.15
N GLU A 108 44.50 41.29 -5.33
CA GLU A 108 44.79 42.45 -4.50
C GLU A 108 45.03 43.68 -5.39
N ILE A 109 45.81 43.50 -6.46
CA ILE A 109 46.19 44.62 -7.32
C ILE A 109 44.97 45.16 -8.09
N GLU A 110 44.10 44.27 -8.57
CA GLU A 110 42.96 44.69 -9.36
C GLU A 110 41.98 45.44 -8.46
N LEU A 111 41.74 44.91 -7.26
CA LEU A 111 40.84 45.54 -6.33
C LEU A 111 41.35 46.92 -5.93
N LYS A 112 42.65 47.05 -5.61
CA LYS A 112 43.21 48.33 -5.25
C LYS A 112 43.08 49.35 -6.39
N ARG A 113 43.26 48.88 -7.63
CA ARG A 113 43.15 49.74 -8.79
C ARG A 113 41.71 50.31 -8.87
N VAL A 114 40.70 49.46 -8.68
CA VAL A 114 39.31 49.86 -8.73
C VAL A 114 39.02 50.87 -7.61
N LEU A 115 39.45 50.53 -6.38
CA LEU A 115 39.13 51.31 -5.20
C LEU A 115 39.72 52.71 -5.34
N ASN A 116 40.86 52.80 -6.00
CA ASN A 116 41.57 54.06 -6.12
C ASN A 116 40.68 55.15 -6.72
N TYR A 117 39.81 54.79 -7.69
CA TYR A 117 38.86 55.74 -8.27
C TYR A 117 37.46 55.58 -7.65
N ALA A 118 37.08 54.34 -7.29
CA ALA A 118 35.70 54.08 -6.80
C ALA A 118 35.42 54.84 -5.51
N LYS A 119 36.43 55.03 -4.67
CA LYS A 119 36.22 55.69 -3.35
C LYS A 119 35.48 57.03 -3.54
N LYS A 120 35.65 57.69 -4.68
CA LYS A 120 35.06 59.04 -4.89
C LYS A 120 33.62 58.94 -5.42
N TYR A 121 32.98 57.77 -5.32
CA TYR A 121 31.60 57.66 -5.76
C TYR A 121 30.75 57.06 -4.65
N ASP A 122 30.00 57.92 -3.94
CA ASP A 122 29.24 57.54 -2.76
C ASP A 122 27.93 56.87 -3.12
N CYS A 123 27.64 56.75 -4.42
CA CYS A 123 26.52 55.94 -4.88
C CYS A 123 26.73 54.45 -4.55
N ILE A 124 27.98 54.04 -4.34
CA ILE A 124 28.31 52.68 -3.94
C ILE A 124 27.98 52.49 -2.46
N ILE A 125 27.12 51.49 -2.15
CA ILE A 125 26.62 51.29 -0.80
C ILE A 125 26.94 49.89 -0.27
N THR A 126 27.52 49.02 -1.11
CA THR A 126 27.97 47.70 -0.67
C THR A 126 28.91 47.13 -1.72
N TYR A 127 29.98 46.45 -1.27
CA TYR A 127 30.83 45.63 -2.14
C TYR A 127 30.50 44.15 -1.95
N LEU A 128 30.37 43.39 -3.05
CA LEU A 128 30.28 41.93 -3.02
C LEU A 128 31.58 41.36 -3.56
N VAL A 129 32.29 40.58 -2.74
CA VAL A 129 33.66 40.22 -3.06
C VAL A 129 33.74 38.91 -3.82
N ILE A 130 32.66 38.09 -3.84
CA ILE A 130 32.67 36.89 -4.65
C ILE A 130 31.25 36.38 -4.86
N ASN A 131 31.04 35.59 -5.92
CA ASN A 131 29.72 35.05 -6.22
C ASN A 131 29.73 33.52 -6.26
N GLU A 132 28.88 32.91 -5.43
CA GLU A 132 28.51 31.49 -5.45
C GLU A 132 29.71 30.57 -5.45
N PRO A 133 30.62 30.63 -4.46
CA PRO A 133 31.69 29.64 -4.38
C PRO A 133 31.10 28.26 -4.06
N GLN A 134 31.55 27.25 -4.80
CA GLN A 134 30.99 25.90 -4.73
C GLN A 134 31.61 25.13 -3.56
N THR A 135 30.84 24.22 -2.96
CA THR A 135 31.23 23.52 -1.75
C THR A 135 32.43 22.60 -2.01
N ASP A 136 32.40 21.83 -3.10
CA ASP A 136 33.47 20.89 -3.39
C ASP A 136 34.78 21.65 -3.69
N HIS A 137 34.66 22.81 -4.33
CA HIS A 137 35.84 23.59 -4.71
C HIS A 137 36.56 24.11 -3.47
N ILE A 138 35.79 24.64 -2.51
CA ILE A 138 36.33 25.15 -1.26
C ILE A 138 37.01 24.01 -0.51
N HIS A 139 36.35 22.83 -0.46
CA HIS A 139 36.93 21.66 0.20
C HIS A 139 38.28 21.32 -0.45
N SER A 140 38.33 21.48 -1.78
CA SER A 140 39.46 21.10 -2.59
C SER A 140 40.66 22.03 -2.35
N VAL A 141 40.38 23.34 -2.31
CA VAL A 141 41.46 24.35 -2.09
C VAL A 141 41.58 24.61 -0.58
N THR A 142 40.78 23.92 0.25
CA THR A 142 40.79 24.09 1.74
C THR A 142 40.08 25.37 2.14
N GLY A 143 39.27 25.30 3.21
CA GLY A 143 38.50 26.48 3.66
C GLY A 143 39.42 27.57 4.17
N LYS A 144 40.51 27.19 4.85
CA LYS A 144 41.48 28.17 5.32
C LYS A 144 41.86 29.17 4.23
N ALA A 145 42.06 28.68 3.02
CA ALA A 145 42.47 29.50 1.89
C ALA A 145 41.34 30.45 1.51
N PHE A 146 40.10 29.94 1.52
CA PHE A 146 38.91 30.72 1.21
C PHE A 146 38.77 31.86 2.22
N VAL A 147 38.85 31.53 3.51
CA VAL A 147 38.64 32.52 4.57
C VAL A 147 39.74 33.57 4.51
N ASP A 148 40.99 33.15 4.34
CA ASP A 148 42.12 34.06 4.26
C ASP A 148 41.90 35.04 3.09
N LEU A 149 41.38 34.54 1.97
CA LEU A 149 41.18 35.38 0.80
C LEU A 149 40.09 36.41 1.11
N MSE A 150 38.95 35.96 1.65
CA MSE A 150 37.89 36.86 2.08
C MSE A 150 38.44 37.95 3.00
O MSE A 150 38.16 39.14 2.82
CB MSE A 150 36.78 36.08 2.78
CG MSE A 150 36.07 35.06 1.90
SE MSE A 150 35.15 35.81 0.33
CE MSE A 150 36.45 35.35 -1.06
N ASN A 151 39.24 37.57 4.01
CA ASN A 151 39.76 38.53 4.99
C ASN A 151 40.64 39.57 4.30
N THR A 152 41.48 39.16 3.34
CA THR A 152 42.35 40.09 2.63
C THR A 152 41.53 41.12 1.88
N LEU A 153 40.46 40.66 1.21
CA LEU A 153 39.67 41.51 0.33
C LEU A 153 38.82 42.49 1.15
N ILE A 154 38.25 42.00 2.27
CA ILE A 154 37.49 42.83 3.19
C ILE A 154 38.34 43.97 3.74
N ASN A 155 39.56 43.66 4.19
CA ASN A 155 40.42 44.64 4.84
C ASN A 155 40.89 45.69 3.84
N ILE A 156 41.19 45.24 2.62
CA ILE A 156 41.58 46.14 1.55
C ILE A 156 40.46 47.15 1.29
N ILE A 157 39.20 46.67 1.22
CA ILE A 157 38.08 47.54 0.94
C ILE A 157 37.81 48.46 2.14
N HIS A 158 37.89 47.95 3.37
CA HIS A 158 37.65 48.76 4.56
C HIS A 158 38.61 49.95 4.60
N LYS A 159 39.84 49.77 4.07
CA LYS A 159 40.86 50.80 4.05
C LYS A 159 40.72 51.72 2.83
N GLY A 160 40.47 51.13 1.66
CA GLY A 160 40.53 51.84 0.39
C GLY A 160 39.26 52.64 0.08
N HIS A 161 38.11 52.13 0.55
CA HIS A 161 36.84 52.84 0.45
C HIS A 161 36.13 52.79 1.81
N PRO A 162 36.55 53.62 2.78
CA PRO A 162 35.99 53.55 4.13
C PRO A 162 34.47 53.69 4.17
N GLY A 163 33.86 53.05 5.16
CA GLY A 163 32.45 53.25 5.48
C GLY A 163 31.49 52.39 4.65
N ILE A 164 32.01 51.61 3.70
CA ILE A 164 31.14 50.87 2.79
C ILE A 164 31.06 49.42 3.25
N PRO A 165 29.85 48.90 3.54
CA PRO A 165 29.69 47.49 3.88
C PRO A 165 30.23 46.54 2.83
N VAL A 166 30.78 45.42 3.30
CA VAL A 166 31.31 44.36 2.43
C VAL A 166 30.58 43.05 2.75
N THR A 167 30.16 42.33 1.72
CA THR A 167 29.69 40.96 1.90
C THR A 167 29.96 40.16 0.61
N LEU A 168 29.24 39.04 0.43
CA LEU A 168 29.38 38.19 -0.74
C LEU A 168 28.01 37.62 -1.12
N SER A 169 27.86 37.22 -2.40
CA SER A 169 26.64 36.61 -2.85
C SER A 169 26.77 35.09 -2.80
N ALA A 170 26.65 34.54 -1.58
CA ALA A 170 26.68 33.09 -1.40
C ALA A 170 25.30 32.49 -1.69
N ASN A 171 25.27 31.31 -2.32
CA ASN A 171 23.99 30.69 -2.61
C ASN A 171 23.49 29.95 -1.38
N ALA A 172 22.23 30.19 -0.99
CA ALA A 172 21.66 29.67 0.24
C ALA A 172 21.44 28.15 0.20
N MSE A 173 21.20 27.57 -0.98
CA MSE A 173 20.99 26.13 -1.08
C MSE A 173 22.28 25.34 -0.92
O MSE A 173 22.20 24.14 -0.64
CB MSE A 173 20.35 25.75 -2.42
CG MSE A 173 18.90 26.06 -2.55
SE MSE A 173 17.71 25.15 -1.32
CE MSE A 173 17.78 23.39 -2.18
N ILE A 174 23.46 25.95 -1.12
CA ILE A 174 24.73 25.22 -1.09
C ILE A 174 25.72 25.83 -0.09
N SER A 175 25.43 27.01 0.47
CA SER A 175 26.35 27.64 1.41
C SER A 175 25.66 28.00 2.73
N ASP A 176 24.58 27.27 3.02
CA ASP A 176 23.89 27.31 4.30
C ASP A 176 24.85 27.07 5.48
N TYR A 177 25.93 26.31 5.24
CA TYR A 177 26.86 25.93 6.30
C TYR A 177 27.84 27.05 6.63
N MSE A 178 27.94 28.06 5.77
CA MSE A 178 29.11 28.92 5.72
C MSE A 178 29.03 30.02 6.77
O MSE A 178 27.99 30.64 6.97
CB MSE A 178 29.25 29.52 4.32
CG MSE A 178 30.36 30.53 4.19
SE MSE A 178 30.51 31.22 2.37
CE MSE A 178 30.94 29.55 1.39
N ASP A 179 30.16 30.28 7.43
CA ASP A 179 30.24 31.37 8.38
C ASP A 179 30.28 32.71 7.62
N GLU A 180 29.40 33.63 7.96
CA GLU A 180 29.37 34.94 7.30
C GLU A 180 29.68 36.07 8.29
N SER A 181 30.19 35.74 9.48
CA SER A 181 30.31 36.76 10.50
C SER A 181 31.53 37.64 10.31
N ILE A 182 32.38 37.34 9.32
CA ILE A 182 33.50 38.22 9.00
C ILE A 182 33.03 39.39 8.13
N PHE A 183 31.86 39.24 7.50
CA PHE A 183 31.30 40.27 6.64
C PHE A 183 30.52 41.27 7.49
N ASP A 184 30.22 42.43 6.88
CA ASP A 184 29.49 43.48 7.55
C ASP A 184 27.97 43.26 7.43
N VAL A 185 27.56 42.40 6.48
CA VAL A 185 26.16 42.20 6.17
C VAL A 185 25.96 40.74 5.75
N TYR A 186 24.85 40.12 6.18
CA TYR A 186 24.54 38.75 5.78
C TYR A 186 23.85 38.83 4.42
N ALA A 187 24.21 37.93 3.50
CA ALA A 187 23.67 37.97 2.14
C ALA A 187 23.63 36.57 1.52
N TYR A 188 22.63 36.34 0.69
CA TYR A 188 22.46 35.08 -0.01
C TYR A 188 21.71 35.28 -1.32
N ASN A 189 22.13 34.52 -2.34
CA ASN A 189 21.30 34.24 -3.50
C ASN A 189 20.26 33.21 -3.04
N CYS A 190 18.97 33.57 -3.11
CA CYS A 190 17.88 32.75 -2.56
C CYS A 190 16.86 32.42 -3.65
N TYR A 191 16.81 31.15 -4.07
CA TYR A 191 15.86 30.69 -5.07
C TYR A 191 14.90 29.66 -4.45
N ASP A 192 13.63 29.75 -4.85
CA ASP A 192 12.58 28.89 -4.33
C ASP A 192 12.09 27.93 -5.41
N HIS A 193 12.65 26.71 -5.42
CA HIS A 193 12.26 25.69 -6.39
C HIS A 193 11.42 24.60 -5.72
N ASN A 194 11.14 24.75 -4.42
CA ASN A 194 10.38 23.76 -3.65
C ASN A 194 11.01 22.36 -3.74
N GLU A 195 12.28 22.27 -3.37
CA GLU A 195 13.05 21.05 -3.37
C GLU A 195 14.05 21.15 -2.23
N GLY A 196 14.41 19.99 -1.65
CA GLY A 196 15.36 19.93 -0.55
C GLY A 196 14.91 20.83 0.59
N GLN A 197 15.78 21.77 0.99
CA GLN A 197 15.51 22.66 2.10
C GLN A 197 14.22 23.47 1.86
N THR A 198 13.92 23.87 0.62
CA THR A 198 12.75 24.72 0.41
C THR A 198 11.47 23.86 0.39
N ALA A 199 11.59 22.53 0.26
CA ALA A 199 10.42 21.66 0.35
C ALA A 199 10.08 21.32 1.81
N THR A 200 11.10 21.10 2.65
CA THR A 200 10.87 20.71 4.03
C THR A 200 10.40 21.92 4.83
N MSE A 201 11.15 23.03 4.73
CA MSE A 201 10.95 24.15 5.64
C MSE A 201 10.06 25.23 5.03
O MSE A 201 9.54 26.08 5.75
CB MSE A 201 12.32 24.72 6.01
CG MSE A 201 13.02 23.96 7.11
SE MSE A 201 14.92 24.40 7.26
CE MSE A 201 15.55 23.28 5.81
N GLY A 202 9.89 25.23 3.71
CA GLY A 202 9.37 26.39 2.99
C GLY A 202 10.47 27.42 2.73
N PHE A 203 10.18 28.36 1.84
CA PHE A 203 11.16 29.39 1.47
C PHE A 203 11.39 30.35 2.63
N LYS A 204 10.31 30.95 3.15
CA LYS A 204 10.40 31.91 4.23
C LYS A 204 11.28 31.32 5.35
N ASP A 205 10.83 30.19 5.89
CA ASP A 205 11.36 29.66 7.12
C ASP A 205 12.79 29.14 6.91
N TYR A 206 13.11 28.67 5.70
CA TYR A 206 14.46 28.22 5.39
C TYR A 206 15.44 29.38 5.55
N ILE A 207 15.15 30.49 4.88
CA ILE A 207 16.02 31.66 4.86
C ILE A 207 15.99 32.33 6.23
N LYS A 208 14.81 32.36 6.86
CA LYS A 208 14.67 32.85 8.23
C LYS A 208 15.58 32.05 9.16
N GLY A 209 15.58 30.72 9.00
CA GLY A 209 16.41 29.83 9.81
C GLY A 209 17.90 30.17 9.69
N LEU A 210 18.36 30.47 8.47
CA LEU A 210 19.75 30.81 8.25
C LEU A 210 20.09 32.13 8.95
N ASN A 211 19.13 33.06 8.89
CA ASN A 211 19.34 34.36 9.50
C ASN A 211 19.46 34.20 11.02
N GLU A 212 18.65 33.29 11.58
CA GLU A 212 18.67 33.01 13.01
C GLU A 212 19.99 32.37 13.40
N LEU A 213 20.47 31.44 12.58
CA LEU A 213 21.75 30.78 12.86
C LEU A 213 22.88 31.81 12.80
N ASN A 214 22.76 32.83 11.94
CA ASN A 214 23.83 33.80 11.76
C ASN A 214 23.88 34.74 12.96
N GLY A 215 22.74 34.86 13.67
CA GLY A 215 22.72 35.48 14.98
C GLY A 215 21.91 36.78 15.06
N LEU A 216 21.19 37.15 13.99
CA LEU A 216 20.35 38.35 13.97
C LEU A 216 21.08 39.58 14.50
N ASP A 217 22.35 39.75 14.14
CA ASP A 217 23.19 40.80 14.71
C ASP A 217 23.70 41.75 13.61
N LYS A 218 23.29 41.51 12.36
CA LYS A 218 23.66 42.37 11.24
C LYS A 218 22.47 42.45 10.28
N PRO A 219 22.42 43.47 9.39
CA PRO A 219 21.42 43.46 8.33
C PRO A 219 21.54 42.25 7.42
N PHE A 220 20.39 41.78 6.92
CA PHE A 220 20.35 40.71 5.92
C PHE A 220 19.74 41.25 4.63
N ILE A 221 20.39 40.93 3.49
CA ILE A 221 19.88 41.27 2.17
C ILE A 221 19.92 40.04 1.27
N THR A 222 19.02 40.00 0.26
CA THR A 222 19.08 39.02 -0.80
C THR A 222 19.77 39.66 -2.02
N THR A 223 20.67 38.89 -2.65
CA THR A 223 21.46 39.36 -3.76
C THR A 223 21.03 38.73 -5.09
N GLU A 224 20.08 37.78 -5.05
CA GLU A 224 19.44 37.18 -6.21
C GLU A 224 18.16 36.45 -5.78
N PHE A 225 17.13 36.49 -6.66
CA PHE A 225 15.98 35.59 -6.60
C PHE A 225 15.15 35.76 -7.88
N GLY A 226 14.54 34.68 -8.36
CA GLY A 226 13.70 34.78 -9.54
C GLY A 226 13.47 33.45 -10.26
N TYR A 227 13.01 33.58 -11.51
CA TYR A 227 12.53 32.46 -12.31
C TYR A 227 12.81 32.69 -13.79
N SER A 228 13.11 31.58 -14.49
CA SER A 228 13.43 31.56 -15.91
C SER A 228 12.23 31.10 -16.73
N VAL A 229 12.04 31.74 -17.89
CA VAL A 229 10.89 31.48 -18.75
C VAL A 229 11.33 30.81 -20.04
N SER A 230 12.41 30.02 -19.96
CA SER A 230 12.89 29.30 -21.12
C SER A 230 11.76 28.45 -21.67
N PRO A 231 11.62 28.34 -23.02
CA PRO A 231 10.64 27.44 -23.61
C PRO A 231 10.66 26.01 -23.08
N GLU A 232 11.87 25.49 -22.88
CA GLU A 232 12.12 24.15 -22.38
C GLU A 232 13.32 24.17 -21.43
N GLY A 233 13.63 23.00 -20.87
CA GLY A 233 14.90 22.73 -20.22
C GLY A 233 14.79 22.92 -18.71
N GLY A 234 15.86 22.54 -18.01
CA GLY A 234 15.93 22.61 -16.56
C GLY A 234 15.09 21.49 -15.96
N ASN A 235 14.56 21.71 -14.76
CA ASN A 235 13.67 20.75 -14.15
C ASN A 235 12.88 21.42 -13.03
N GLY A 236 11.62 21.01 -12.90
CA GLY A 236 10.68 21.64 -12.00
C GLY A 236 10.57 23.13 -12.31
N GLN A 237 10.67 23.93 -11.27
CA GLN A 237 10.49 25.37 -11.36
C GLN A 237 11.77 26.05 -11.84
N TYR A 238 12.87 25.28 -11.99
CA TYR A 238 14.09 25.79 -12.58
C TYR A 238 13.97 25.62 -14.10
N GLY A 239 13.79 26.75 -14.80
CA GLY A 239 13.47 26.74 -16.22
C GLY A 239 11.98 26.54 -16.46
N SER A 240 11.57 26.79 -17.72
CA SER A 240 10.29 26.37 -18.25
C SER A 240 9.07 27.01 -17.58
N ASN A 241 9.22 28.15 -16.91
CA ASN A 241 8.07 28.83 -16.33
C ASN A 241 7.35 29.65 -17.42
N THR A 242 6.02 29.81 -17.28
CA THR A 242 5.27 30.75 -18.08
C THR A 242 5.59 32.15 -17.60
N LEU A 243 5.21 33.14 -18.41
CA LEU A 243 5.34 34.53 -18.04
C LEU A 243 4.57 34.80 -16.74
N LYS A 244 3.39 34.20 -16.60
CA LYS A 244 2.57 34.41 -15.43
C LYS A 244 3.23 33.78 -14.19
N GLN A 245 3.77 32.58 -14.33
CA GLN A 245 4.48 31.95 -13.23
C GLN A 245 5.70 32.76 -12.80
N GLN A 246 6.39 33.38 -13.76
CA GLN A 246 7.53 34.24 -13.44
C GLN A 246 7.06 35.42 -12.59
N SER A 247 5.98 36.07 -13.02
CA SER A 247 5.46 37.26 -12.35
C SER A 247 5.00 36.90 -10.93
N ASP A 248 4.13 35.89 -10.81
CA ASP A 248 3.60 35.45 -9.54
C ASP A 248 4.75 34.99 -8.63
N GLY A 249 5.73 34.31 -9.22
CA GLY A 249 6.87 33.81 -8.46
C GLY A 249 7.68 34.95 -7.84
N LEU A 250 7.94 36.01 -8.61
CA LEU A 250 8.72 37.12 -8.09
C LEU A 250 8.00 37.76 -6.90
N ILE A 251 6.67 37.92 -7.01
CA ILE A 251 5.89 38.57 -5.96
C ILE A 251 5.86 37.68 -4.72
N SER A 252 5.70 36.38 -4.93
CA SER A 252 5.76 35.41 -3.85
C SER A 252 7.12 35.50 -3.15
N ASN A 253 8.21 35.52 -3.92
CA ASN A 253 9.54 35.56 -3.35
C ASN A 253 9.77 36.85 -2.56
N TYR A 254 9.29 37.99 -3.08
CA TYR A 254 9.53 39.26 -2.45
C TYR A 254 8.94 39.21 -1.04
N ARG A 255 7.69 38.74 -0.94
CA ARG A 255 6.98 38.69 0.33
C ARG A 255 7.75 37.81 1.33
N ASP A 256 8.08 36.60 0.86
CA ASP A 256 8.68 35.57 1.71
C ASP A 256 10.03 36.04 2.25
N LEU A 257 10.82 36.72 1.42
CA LEU A 257 12.17 37.10 1.82
C LEU A 257 12.14 38.30 2.78
N ILE A 258 11.14 39.18 2.66
CA ILE A 258 10.94 40.21 3.67
C ILE A 258 10.56 39.54 4.99
N ASP A 259 9.67 38.54 4.90
CA ASP A 259 9.19 37.81 6.05
C ASP A 259 10.34 37.08 6.76
N ALA A 260 11.41 36.75 6.03
CA ALA A 260 12.58 36.10 6.60
C ALA A 260 13.50 37.08 7.32
N GLY A 261 13.26 38.38 7.15
CA GLY A 261 13.97 39.41 7.90
C GLY A 261 14.84 40.31 7.02
N ALA A 262 14.68 40.22 5.70
CA ALA A 262 15.55 40.97 4.80
C ALA A 262 15.13 42.42 4.71
N VAL A 263 16.15 43.29 4.58
CA VAL A 263 15.98 44.75 4.51
C VAL A 263 16.63 45.30 3.25
N GLY A 264 16.90 44.42 2.29
CA GLY A 264 17.47 44.75 1.00
C GLY A 264 17.22 43.61 0.02
N MSE A 265 16.91 43.95 -1.23
CA MSE A 265 16.39 42.98 -2.20
C MSE A 265 17.01 43.21 -3.58
O MSE A 265 17.01 44.34 -4.09
CB MSE A 265 14.88 43.13 -2.27
CG MSE A 265 14.18 42.88 -0.96
SE MSE A 265 14.15 40.97 -0.44
CE MSE A 265 13.49 41.23 1.32
N CYS A 266 17.52 42.14 -4.18
CA CYS A 266 18.12 42.20 -5.51
C CYS A 266 17.51 41.13 -6.40
N PRO A 267 16.25 41.28 -6.84
CA PRO A 267 15.64 40.35 -7.79
C PRO A 267 16.53 40.12 -9.01
N PHE A 268 16.44 38.91 -9.58
CA PHE A 268 17.24 38.57 -10.78
C PHE A 268 16.30 38.42 -11.97
N TYR A 269 16.67 39.00 -13.13
CA TYR A 269 17.41 40.30 -13.19
C TYR A 269 16.78 41.21 -14.26
N TYR A 270 17.53 42.20 -14.73
CA TYR A 270 17.01 43.18 -15.68
C TYR A 270 16.62 42.51 -16.99
N ALA A 271 17.57 41.77 -17.61
CA ALA A 271 17.42 41.38 -19.01
C ALA A 271 18.19 40.10 -19.32
N ASP A 272 17.69 39.37 -20.33
CA ASP A 272 18.27 38.10 -20.75
C ASP A 272 19.72 38.27 -21.21
N GLY A 273 20.50 37.21 -20.96
CA GLY A 273 21.87 37.09 -21.44
C GLY A 273 22.01 35.84 -22.28
N TRP A 274 22.00 36.01 -23.61
CA TRP A 274 22.00 34.90 -24.54
C TRP A 274 23.30 34.10 -24.41
N TRP A 275 24.36 34.76 -23.92
CA TRP A 275 25.69 34.16 -23.77
C TRP A 275 25.67 33.07 -22.72
N LYS A 276 24.75 33.15 -21.76
CA LYS A 276 24.82 32.31 -20.58
C LYS A 276 24.62 30.82 -20.91
N GLY A 277 24.21 30.48 -22.14
CA GLY A 277 24.00 29.09 -22.49
C GLY A 277 25.02 28.57 -23.50
N GLY A 278 25.97 29.42 -23.92
CA GLY A 278 27.12 28.96 -24.69
C GLY A 278 27.23 29.64 -26.05
N GLU A 279 26.10 29.84 -26.74
CA GLU A 279 26.10 30.49 -28.04
C GLU A 279 25.49 31.88 -27.86
N LYS A 280 26.32 32.93 -28.00
CA LYS A 280 25.95 34.28 -27.64
C LYS A 280 25.05 34.92 -28.69
N SER A 281 25.05 34.40 -29.91
CA SER A 281 24.24 34.93 -31.00
C SER A 281 22.95 34.14 -31.19
N ASP A 282 22.70 33.21 -30.28
CA ASP A 282 21.56 32.31 -30.40
C ASP A 282 20.80 32.32 -29.08
N HIS A 283 19.46 32.36 -29.19
CA HIS A 283 18.61 32.29 -28.01
C HIS A 283 18.11 30.86 -27.89
N SER A 284 18.83 30.05 -27.13
CA SER A 284 18.64 28.61 -27.14
C SER A 284 17.33 28.26 -26.43
N LEU A 285 16.52 27.39 -27.06
CA LEU A 285 15.17 27.09 -26.56
C LEU A 285 15.24 26.37 -25.21
N ASN A 286 16.35 25.69 -24.90
CA ASN A 286 16.36 24.75 -23.78
C ASN A 286 17.42 25.10 -22.74
N GLN A 287 17.87 26.35 -22.68
CA GLN A 287 18.83 26.78 -21.67
C GLN A 287 18.16 27.75 -20.70
N PRO A 288 17.73 27.28 -19.52
CA PRO A 288 17.15 28.15 -18.51
C PRO A 288 17.94 29.45 -18.25
N GLU A 289 19.27 29.37 -18.26
CA GLU A 289 20.08 30.51 -17.84
C GLU A 289 19.91 31.72 -18.76
N GLU A 290 19.42 31.51 -19.99
CA GLU A 290 19.30 32.57 -20.98
C GLU A 290 17.93 33.27 -20.94
N TRP A 291 17.08 32.99 -19.93
CA TRP A 291 15.72 33.51 -19.93
C TRP A 291 15.29 33.97 -18.54
N PHE A 292 16.20 34.61 -17.78
CA PHE A 292 15.86 35.06 -16.42
C PHE A 292 15.44 36.53 -16.41
N GLY A 293 15.54 37.23 -17.53
CA GLY A 293 15.34 38.67 -17.54
C GLY A 293 13.88 39.09 -17.29
N PHE A 294 13.73 40.30 -16.76
CA PHE A 294 12.45 40.98 -16.73
C PHE A 294 12.15 41.57 -18.10
N TRP A 295 13.23 41.77 -18.91
CA TRP A 295 13.12 42.20 -20.31
C TRP A 295 13.66 41.11 -21.24
N GLY A 296 13.05 40.99 -22.42
CA GLY A 296 13.49 40.06 -23.45
C GLY A 296 13.72 40.77 -24.78
N TYR A 297 14.65 40.23 -25.58
CA TYR A 297 15.00 40.77 -26.88
C TYR A 297 14.25 40.02 -27.97
N SER A 298 13.88 40.72 -29.05
CA SER A 298 13.09 40.11 -30.11
C SER A 298 13.96 39.24 -31.01
N ASP A 299 15.23 39.64 -31.20
CA ASP A 299 16.11 39.00 -32.17
C ASP A 299 17.53 39.49 -31.93
N LEU A 300 18.48 38.90 -32.67
CA LEU A 300 19.90 39.14 -32.51
C LEU A 300 20.24 40.64 -32.61
N ASN A 301 19.52 41.44 -33.40
CA ASN A 301 19.96 42.82 -33.62
C ASN A 301 19.24 43.80 -32.70
N ASP A 302 18.42 43.31 -31.78
CA ASP A 302 17.66 44.14 -30.84
C ASP A 302 18.53 44.40 -29.61
N LYS A 303 18.87 45.68 -29.40
CA LYS A 303 19.68 46.10 -28.28
C LYS A 303 18.82 46.66 -27.15
N TYR A 304 17.49 46.70 -27.33
CA TYR A 304 16.62 47.40 -26.39
C TYR A 304 15.67 46.42 -25.72
N GLY A 305 14.92 45.64 -26.51
CA GLY A 305 14.01 44.66 -25.96
C GLY A 305 12.76 45.31 -25.35
N THR A 306 12.00 44.51 -24.61
CA THR A 306 10.69 44.91 -24.10
C THR A 306 10.47 44.24 -22.74
N PRO A 307 9.80 44.92 -21.78
CA PRO A 307 9.53 44.33 -20.49
C PRO A 307 8.44 43.25 -20.53
N ARG A 308 8.67 42.16 -19.81
CA ARG A 308 7.71 41.08 -19.61
C ARG A 308 6.76 41.43 -18.47
N PRO A 309 5.63 40.71 -18.30
CA PRO A 309 4.64 41.06 -17.28
C PRO A 309 5.20 41.29 -15.88
N VAL A 310 6.22 40.50 -15.50
CA VAL A 310 6.86 40.58 -14.18
C VAL A 310 7.31 42.00 -13.88
N TRP A 311 7.80 42.72 -14.89
CA TRP A 311 8.29 44.09 -14.74
C TRP A 311 7.23 44.99 -14.12
N PHE A 312 5.99 44.89 -14.61
CA PHE A 312 4.92 45.78 -14.18
C PHE A 312 4.39 45.33 -12.82
N ALA A 313 4.33 44.02 -12.61
CA ALA A 313 3.89 43.50 -11.31
C ALA A 313 4.85 43.97 -10.23
N MSE A 314 6.16 43.90 -10.50
CA MSE A 314 7.16 44.31 -9.52
C MSE A 314 7.12 45.82 -9.27
O MSE A 314 7.26 46.27 -8.13
CB MSE A 314 8.55 43.88 -9.99
CG MSE A 314 8.82 42.41 -9.81
SE MSE A 314 9.23 42.02 -7.92
CE MSE A 314 11.03 42.79 -7.87
N ARG A 315 6.96 46.61 -10.34
CA ARG A 315 6.86 48.05 -10.19
C ARG A 315 5.69 48.41 -9.28
N ASP A 316 4.51 47.87 -9.59
CA ASP A 316 3.31 48.17 -8.80
C ASP A 316 3.49 47.68 -7.36
N TYR A 317 4.14 46.52 -7.17
CA TYR A 317 4.27 45.94 -5.83
C TYR A 317 5.25 46.74 -4.96
N MSE A 318 6.26 47.37 -5.56
CA MSE A 318 7.31 48.01 -4.79
C MSE A 318 6.90 49.39 -4.25
O MSE A 318 7.65 49.97 -3.47
CB MSE A 318 8.56 48.13 -5.65
CG MSE A 318 9.49 46.95 -5.50
SE MSE A 318 10.87 47.06 -6.81
CE MSE A 318 11.90 48.49 -6.14
N LYS A 319 5.72 49.88 -4.63
CA LYS A 319 5.32 51.24 -4.27
C LYS A 319 5.14 51.38 -2.76
N GLY A 320 4.56 50.34 -2.11
CA GLY A 320 4.38 50.33 -0.67
C GLY A 320 4.72 48.97 -0.07
N LEU A 321 5.87 48.88 0.61
CA LEU A 321 6.33 47.59 1.11
C LEU A 321 5.93 47.44 2.58
N ILE A 322 5.42 46.26 2.93
CA ILE A 322 5.13 45.93 4.31
C ILE A 322 6.28 45.09 4.88
N ILE A 323 6.97 45.61 5.89
CA ILE A 323 8.07 44.89 6.52
C ILE A 323 7.57 44.18 7.77
N SER A 324 6.65 44.82 8.51
CA SER A 324 6.01 44.25 9.68
C SER A 324 4.56 44.73 9.72
N PRO A 325 3.56 43.90 10.09
CA PRO A 325 3.77 42.50 10.43
C PRO A 325 4.11 41.62 9.24
N LYS A 326 4.71 40.46 9.53
CA LYS A 326 5.16 39.54 8.50
C LYS A 326 4.10 38.47 8.25
N ASN A 327 4.05 38.01 7.00
CA ASN A 327 3.11 36.97 6.60
C ASN A 327 3.50 35.65 7.26
N LYS A 328 2.47 34.92 7.73
CA LYS A 328 2.66 33.64 8.40
C LYS A 328 3.44 33.83 9.72
N SER A 329 3.20 34.96 10.39
CA SER A 329 3.79 35.24 11.68
C SER A 329 2.78 34.93 12.79
N ILE A 330 3.32 34.61 13.98
CA ILE A 330 2.53 34.17 15.11
C ILE A 330 2.72 35.15 16.26
N HIS A 331 1.61 35.65 16.82
CA HIS A 331 1.65 36.74 17.79
C HIS A 331 0.90 36.31 19.05
N THR A 332 1.49 36.62 20.22
CA THR A 332 0.86 36.35 21.51
C THR A 332 0.67 37.65 22.28
N ASN A 333 0.16 38.69 21.61
CA ASN A 333 0.10 40.03 22.14
C ASN A 333 -1.05 40.77 21.45
N THR A 334 -1.63 41.80 22.08
CA THR A 334 -2.66 42.60 21.41
C THR A 334 -2.03 43.72 20.59
N LYS A 335 -0.72 43.93 20.72
CA LYS A 335 -0.01 44.99 20.02
C LYS A 335 0.88 44.37 18.94
N ILE A 336 0.65 44.78 17.69
CA ILE A 336 1.36 44.24 16.54
C ILE A 336 2.24 45.36 15.96
N PRO A 337 3.58 45.24 16.01
CA PRO A 337 4.43 46.22 15.33
C PRO A 337 4.11 46.36 13.84
N LEU A 338 4.08 47.61 13.36
CA LEU A 338 3.89 47.95 11.96
C LEU A 338 5.12 48.67 11.42
N GLU A 339 5.62 48.21 10.28
CA GLU A 339 6.76 48.84 9.62
C GLU A 339 6.49 48.87 8.12
N LEU A 340 6.50 50.06 7.52
CA LEU A 340 6.30 50.22 6.09
C LEU A 340 7.50 50.95 5.48
N TYR A 341 7.77 50.70 4.20
CA TYR A 341 8.69 51.51 3.42
C TYR A 341 7.97 51.93 2.14
N ASN A 342 7.57 53.21 2.06
CA ASN A 342 6.72 53.70 1.00
C ASN A 342 7.47 54.65 0.05
N ASP A 343 7.11 54.57 -1.24
CA ASP A 343 7.60 55.55 -2.20
C ASP A 343 6.73 56.82 -2.13
N LYS A 344 7.16 57.85 -2.86
CA LYS A 344 6.56 59.17 -2.71
C LYS A 344 5.12 59.21 -3.22
N ASP A 345 4.66 58.21 -3.98
CA ASP A 345 3.31 58.24 -4.51
C ASP A 345 2.27 57.81 -3.46
N VAL A 346 2.70 57.11 -2.40
CA VAL A 346 1.80 56.62 -1.36
C VAL A 346 1.46 57.76 -0.40
N LYS A 347 0.17 58.10 -0.31
CA LYS A 347 -0.29 59.19 0.53
C LYS A 347 -1.19 58.71 1.67
N LYS A 348 -1.75 57.49 1.57
CA LYS A 348 -2.58 56.96 2.64
C LYS A 348 -2.40 55.45 2.68
N VAL A 349 -2.43 54.90 3.90
CA VAL A 349 -2.45 53.47 4.11
C VAL A 349 -3.63 53.13 5.00
N VAL A 350 -4.36 52.07 4.64
CA VAL A 350 -5.47 51.58 5.44
C VAL A 350 -5.25 50.08 5.70
N VAL A 351 -5.64 49.60 6.88
CA VAL A 351 -5.64 48.19 7.18
C VAL A 351 -7.06 47.78 7.60
N LYS A 352 -7.55 46.69 7.03
CA LYS A 352 -8.86 46.18 7.39
C LYS A 352 -8.77 44.74 7.91
N PHE A 353 -9.77 44.39 8.73
CA PHE A 353 -10.02 43.01 9.10
C PHE A 353 -11.53 42.80 9.11
N ARG A 354 -11.97 41.82 8.33
CA ARG A 354 -13.38 41.56 8.09
C ARG A 354 -14.10 42.83 7.68
N ASP A 355 -13.49 43.59 6.76
CA ASP A 355 -14.11 44.76 6.14
C ASP A 355 -14.32 45.90 7.12
N LYS A 356 -13.56 45.88 8.23
CA LYS A 356 -13.60 46.98 9.17
C LYS A 356 -12.21 47.59 9.26
N VAL A 357 -12.16 48.92 9.26
CA VAL A 357 -10.90 49.64 9.33
C VAL A 357 -10.32 49.48 10.74
N ILE A 358 -9.07 49.03 10.83
CA ILE A 358 -8.40 48.93 12.11
C ILE A 358 -7.21 49.89 12.17
N TYR A 359 -6.86 50.51 11.04
CA TYR A 359 -5.75 51.45 10.99
C TYR A 359 -5.91 52.32 9.76
N SER A 360 -5.58 53.62 9.90
CA SER A 360 -5.73 54.57 8.82
C SER A 360 -4.86 55.79 9.10
N LYS A 361 -3.86 56.01 8.24
CA LYS A 361 -2.94 57.12 8.43
C LYS A 361 -2.64 57.80 7.10
N ASN A 362 -2.65 59.14 7.11
CA ASN A 362 -2.13 59.94 6.01
C ASN A 362 -0.61 59.99 6.10
N ILE A 363 0.06 59.60 5.01
CA ILE A 363 1.51 59.56 4.94
C ILE A 363 2.03 60.95 4.58
N THR A 364 2.79 61.55 5.50
CA THR A 364 3.31 62.91 5.35
C THR A 364 4.68 62.87 4.68
N SER A 365 5.30 61.69 4.63
CA SER A 365 6.73 61.59 4.50
C SER A 365 7.10 60.22 3.95
N GLU A 366 7.82 60.19 2.82
CA GLU A 366 8.11 58.95 2.12
C GLU A 366 9.18 58.17 2.87
N GLY A 367 9.36 56.90 2.50
CA GLY A 367 10.35 56.06 3.13
C GLY A 367 9.80 55.27 4.31
N TYR A 368 10.68 55.02 5.29
CA TYR A 368 10.38 54.18 6.43
C TYR A 368 9.45 54.87 7.41
N MSE A 369 8.48 54.11 7.94
CA MSE A 369 7.67 54.57 9.05
C MSE A 369 7.29 53.37 9.93
O MSE A 369 7.14 52.26 9.45
CB MSE A 369 6.42 55.31 8.56
CG MSE A 369 5.54 54.49 7.66
SE MSE A 369 3.67 54.99 7.61
CE MSE A 369 3.23 54.60 9.49
N ALA A 370 7.10 53.64 11.24
CA ALA A 370 6.78 52.63 12.23
C ALA A 370 5.54 53.03 13.03
N ASP A 371 4.70 52.06 13.42
CA ASP A 371 3.47 52.32 14.15
C ASP A 371 3.05 51.02 14.84
N GLU A 372 1.90 50.99 15.52
CA GLU A 372 1.45 49.76 16.16
C GLU A 372 -0.04 49.55 15.91
N LEU A 373 -0.43 48.30 15.63
CA LEU A 373 -1.84 47.94 15.53
C LEU A 373 -2.31 47.41 16.87
N THR A 374 -3.58 47.65 17.18
CA THR A 374 -4.26 46.96 18.25
C THR A 374 -5.22 45.93 17.65
N ILE A 375 -5.22 44.72 18.20
CA ILE A 375 -6.16 43.67 17.84
C ILE A 375 -6.75 43.10 19.12
N ASP A 376 -7.85 42.36 18.97
CA ASP A 376 -8.54 41.76 20.11
C ASP A 376 -8.98 40.34 19.72
N PRO A 377 -8.02 39.41 19.55
CA PRO A 377 -8.36 38.05 19.15
C PRO A 377 -9.11 37.27 20.22
N VAL A 378 -10.15 36.53 19.79
CA VAL A 378 -10.89 35.61 20.62
C VAL A 378 -10.21 34.24 20.58
N GLY A 379 -9.71 33.80 21.73
CA GLY A 379 -8.90 32.60 21.80
C GLY A 379 -7.67 32.72 20.90
N ILE A 380 -7.51 31.70 20.04
CA ILE A 380 -6.56 31.72 18.92
C ILE A 380 -7.36 32.06 17.67
N GLU A 381 -6.91 33.07 16.93
CA GLU A 381 -7.59 33.53 15.72
C GLU A 381 -6.58 33.75 14.60
N ASP A 382 -6.83 33.07 13.46
CA ASP A 382 -6.19 33.38 12.21
C ASP A 382 -6.80 34.67 11.67
N MSE A 383 -5.95 35.57 11.17
CA MSE A 383 -6.40 36.88 10.74
C MSE A 383 -5.72 37.25 9.43
O MSE A 383 -4.50 37.23 9.35
CB MSE A 383 -6.10 37.93 11.81
CG MSE A 383 -6.58 37.59 13.20
SE MSE A 383 -6.43 39.18 14.39
CE MSE A 383 -5.34 38.31 15.66
N GLU A 384 -6.55 37.57 8.41
CA GLU A 384 -6.09 38.15 7.17
C GLU A 384 -6.15 39.67 7.30
N LEU A 385 -5.00 40.30 7.56
CA LEU A 385 -4.93 41.75 7.64
C LEU A 385 -4.84 42.28 6.21
N ALA A 386 -5.83 43.10 5.80
CA ALA A 386 -5.94 43.58 4.43
C ALA A 386 -5.42 45.02 4.31
N PHE A 387 -4.27 45.19 3.66
CA PHE A 387 -3.64 46.50 3.51
C PHE A 387 -4.04 47.15 2.18
N GLU A 388 -4.28 48.46 2.23
CA GLU A 388 -4.62 49.28 1.07
C GLU A 388 -3.73 50.52 1.01
N PHE A 389 -3.14 50.78 -0.16
CA PHE A 389 -2.30 51.95 -0.40
C PHE A 389 -2.97 52.88 -1.42
N TYR A 390 -2.95 54.19 -1.13
CA TYR A 390 -3.66 55.20 -1.90
C TYR A 390 -2.68 56.27 -2.40
N ASP A 391 -2.97 56.80 -3.60
CA ASP A 391 -2.23 57.92 -4.19
C ASP A 391 -2.89 59.23 -3.76
N SER A 392 -2.36 60.34 -4.28
CA SER A 392 -2.82 61.66 -3.90
C SER A 392 -4.23 61.95 -4.41
N ASP A 393 -4.74 61.16 -5.36
CA ASP A 393 -6.11 61.29 -5.85
C ASP A 393 -7.07 60.38 -5.07
N ASN A 394 -6.56 59.75 -4.01
CA ASN A 394 -7.32 58.87 -3.14
C ASN A 394 -7.78 57.62 -3.91
N LYS A 395 -7.01 57.21 -4.92
CA LYS A 395 -7.23 55.98 -5.66
C LYS A 395 -6.34 54.89 -5.10
N ILE A 396 -6.87 53.68 -4.97
CA ILE A 396 -6.09 52.55 -4.49
C ILE A 396 -5.06 52.17 -5.55
N ILE A 397 -3.81 51.93 -5.15
CA ILE A 397 -2.78 51.53 -6.10
C ILE A 397 -2.17 50.18 -5.72
N LYS A 398 -2.43 49.65 -4.51
CA LYS A 398 -1.94 48.34 -4.15
C LYS A 398 -2.82 47.71 -3.06
N ASN A 399 -3.10 46.41 -3.20
CA ASN A 399 -3.66 45.59 -2.14
C ASN A 399 -2.62 44.56 -1.72
N GLU A 400 -2.51 44.27 -0.43
CA GLU A 400 -1.69 43.16 0.03
C GLU A 400 -2.22 42.64 1.36
N SER A 401 -2.34 41.31 1.48
CA SER A 401 -2.73 40.67 2.73
C SER A 401 -1.49 40.28 3.54
N ILE A 402 -1.56 40.45 4.87
CA ILE A 402 -0.64 39.79 5.79
C ILE A 402 -1.45 38.84 6.69
N ASN A 403 -1.11 37.54 6.63
CA ASN A 403 -1.80 36.52 7.40
C ASN A 403 -1.06 36.23 8.70
N ILE A 404 -1.74 36.39 9.83
CA ILE A 404 -1.13 36.14 11.13
C ILE A 404 -2.01 35.21 11.95
N LEU A 405 -1.39 34.61 12.97
CA LEU A 405 -2.09 33.78 13.95
C LEU A 405 -1.83 34.37 15.32
N ALA A 406 -2.89 34.78 16.01
CA ALA A 406 -2.75 35.64 17.18
C ALA A 406 -3.61 35.18 18.33
N SER A 407 -3.15 35.50 19.55
CA SER A 407 -3.90 35.28 20.77
C SER A 407 -3.39 36.28 21.82
N LYS A 408 -4.23 36.59 22.81
CA LYS A 408 -3.84 37.45 23.91
C LYS A 408 -2.84 36.72 24.80
N THR A 409 -2.99 35.39 24.91
CA THR A 409 -2.17 34.56 25.78
C THR A 409 -1.38 33.60 24.89
N ALA A 410 -0.27 33.08 25.43
CA ALA A 410 0.52 32.09 24.73
C ALA A 410 -0.27 30.79 24.63
N PHE A 411 0.07 29.98 23.62
CA PHE A 411 -0.65 28.76 23.30
C PHE A 411 0.35 27.74 22.72
N GLU A 412 -0.01 26.46 22.81
CA GLU A 412 0.84 25.38 22.35
C GLU A 412 0.70 25.22 20.84
N LEU A 413 1.86 25.10 20.18
CA LEU A 413 1.94 24.74 18.77
C LEU A 413 2.34 23.28 18.65
N PRO A 414 2.01 22.61 17.53
CA PRO A 414 2.66 21.35 17.21
C PRO A 414 4.13 21.58 16.88
N GLU A 415 4.96 20.60 17.20
CA GLU A 415 6.40 20.76 17.12
C GLU A 415 6.99 19.54 16.42
N LEU A 416 7.92 19.80 15.49
CA LEU A 416 8.65 18.76 14.80
C LEU A 416 10.13 18.88 15.14
N THR A 417 10.73 17.77 15.59
CA THR A 417 12.17 17.66 15.83
C THR A 417 12.68 16.40 15.14
N ILE A 418 13.98 16.40 14.79
CA ILE A 418 14.64 15.25 14.19
C ILE A 418 15.90 14.89 14.98
N GLU A 419 16.24 13.61 14.95
CA GLU A 419 17.55 13.11 15.39
C GLU A 419 18.23 12.49 14.19
N VAL A 420 19.48 12.89 13.92
CA VAL A 420 20.19 12.44 12.72
C VAL A 420 21.40 11.57 13.11
N THR A 421 21.66 10.55 12.29
CA THR A 421 22.80 9.66 12.46
C THR A 421 23.56 9.60 11.14
N PRO A 422 24.91 9.62 11.11
CA PRO A 422 25.75 10.22 12.14
C PRO A 422 25.33 11.64 12.48
N GLU A 423 25.55 11.97 13.75
CA GLU A 423 25.03 13.16 14.39
C GLU A 423 26.02 14.32 14.24
N LYS A 424 27.32 14.04 14.33
CA LYS A 424 28.33 15.08 14.38
C LYS A 424 29.41 14.91 13.32
N ASP A 425 29.68 13.68 12.88
CA ASP A 425 30.81 13.40 12.02
C ASP A 425 30.45 12.30 11.01
N LEU A 426 30.39 12.69 9.74
CA LEU A 426 30.02 11.80 8.65
C LEU A 426 31.04 10.68 8.45
N ASN A 427 32.27 10.85 8.96
CA ASN A 427 33.26 9.79 8.89
C ASN A 427 32.86 8.58 9.74
N GLU A 428 31.88 8.73 10.65
CA GLU A 428 31.57 7.65 11.58
C GLU A 428 30.59 6.66 10.95
N GLY A 429 30.27 6.79 9.65
CA GLY A 429 29.42 5.80 9.02
C GLY A 429 29.22 6.05 7.52
N LYS A 430 28.87 4.99 6.79
CA LYS A 430 28.54 5.08 5.38
C LYS A 430 27.04 5.27 5.16
N ILE A 431 26.23 5.10 6.21
CA ILE A 431 24.79 5.17 6.08
C ILE A 431 24.22 6.08 7.14
N ALA A 432 23.23 6.89 6.74
CA ALA A 432 22.58 7.83 7.64
C ALA A 432 21.11 7.48 7.86
N SER A 433 20.56 8.02 8.95
CA SER A 433 19.14 8.01 9.23
C SER A 433 18.68 9.40 9.68
N ILE A 434 17.44 9.74 9.33
CA ILE A 434 16.72 10.82 9.99
C ILE A 434 15.52 10.21 10.71
N LYS A 435 15.50 10.36 12.05
CA LYS A 435 14.35 10.01 12.87
C LYS A 435 13.51 11.25 13.12
N THR A 436 12.25 11.23 12.67
CA THR A 436 11.36 12.37 12.82
C THR A 436 10.38 12.13 13.96
N LYS A 437 10.14 13.16 14.77
CA LYS A 437 9.13 13.15 15.81
C LYS A 437 8.24 14.40 15.71
N ILE A 438 6.92 14.19 15.68
CA ILE A 438 5.94 15.27 15.61
C ILE A 438 5.03 15.17 16.82
N GLU A 439 5.07 16.19 17.71
CA GLU A 439 4.08 16.29 18.78
C GLU A 439 2.86 17.03 18.26
N THR A 440 1.71 16.35 18.18
CA THR A 440 0.49 16.97 17.70
C THR A 440 -0.04 17.93 18.76
N SER A 441 -1.02 18.72 18.36
CA SER A 441 -1.66 19.69 19.25
C SER A 441 -3.10 19.83 18.81
N GLU A 442 -4.03 19.78 19.79
CA GLU A 442 -5.50 19.85 19.55
C GLU A 442 -5.90 20.43 18.19
N ASN A 443 -6.08 21.76 18.09
CA ASN A 443 -6.61 22.38 16.84
C ASN A 443 -5.49 22.79 15.89
N PHE A 444 -4.47 21.94 15.72
CA PHE A 444 -3.50 22.19 14.61
C PHE A 444 -3.55 21.01 13.68
N THR A 445 -4.27 21.15 12.56
CA THR A 445 -4.45 20.02 11.66
C THR A 445 -3.17 19.86 10.87
N LEU A 446 -2.60 18.64 10.90
CA LEU A 446 -1.51 18.28 10.00
C LEU A 446 -2.09 17.96 8.64
N LEU A 447 -1.36 18.33 7.59
CA LEU A 447 -1.65 17.88 6.23
C LEU A 447 -0.76 16.66 5.95
N ASP A 448 -1.26 15.73 5.12
CA ASP A 448 -0.53 14.48 4.94
C ASP A 448 0.57 14.75 3.91
N ASP A 449 1.59 15.50 4.30
CA ASP A 449 2.58 15.96 3.34
C ASP A 449 3.97 15.98 3.99
N LEU A 450 4.30 14.98 4.84
CA LEU A 450 5.59 14.97 5.53
C LEU A 450 6.70 14.77 4.52
N LYS A 451 7.74 15.61 4.57
CA LYS A 451 8.86 15.52 3.66
C LYS A 451 10.19 15.51 4.40
N ILE A 452 11.15 14.74 3.83
CA ILE A 452 12.46 14.51 4.41
C ILE A 452 13.51 14.81 3.36
N SER A 453 14.58 15.52 3.74
CA SER A 453 15.67 15.85 2.84
C SER A 453 17.02 15.56 3.48
N TYR A 454 17.89 14.82 2.76
CA TYR A 454 19.28 14.61 3.16
C TYR A 454 20.13 15.19 2.02
N ASN A 455 20.37 16.51 2.09
CA ASN A 455 21.01 17.24 1.01
C ASN A 455 22.53 17.23 1.19
N THR A 456 23.20 16.43 0.33
CA THR A 456 24.58 16.04 0.51
C THR A 456 25.53 17.03 -0.18
N HIS A 457 24.98 18.09 -0.79
CA HIS A 457 25.75 19.25 -1.23
C HIS A 457 26.72 18.93 -2.36
N LEU A 458 26.40 17.93 -3.18
CA LEU A 458 27.24 17.58 -4.33
C LEU A 458 26.86 18.47 -5.52
N GLY A 459 27.62 19.56 -5.71
CA GLY A 459 27.29 20.53 -6.73
C GLY A 459 25.93 21.16 -6.43
N TRP A 460 25.08 21.24 -7.44
CA TRP A 460 23.72 21.75 -7.32
C TRP A 460 22.74 20.63 -7.00
N ALA A 461 23.20 19.38 -7.00
CA ALA A 461 22.29 18.25 -6.74
C ALA A 461 21.81 18.30 -5.30
N ILE A 462 20.50 18.10 -5.09
CA ILE A 462 19.90 18.28 -3.77
C ILE A 462 19.90 16.98 -2.96
N GLY A 463 20.40 15.89 -3.55
CA GLY A 463 20.43 14.60 -2.88
C GLY A 463 19.03 14.03 -2.63
N SER A 464 18.97 13.04 -1.74
CA SER A 464 17.77 12.26 -1.52
C SER A 464 16.67 13.08 -0.88
N GLN A 465 15.44 12.72 -1.22
CA GLN A 465 14.25 13.39 -0.73
C GLN A 465 13.16 12.34 -0.66
N ALA A 466 12.35 12.35 0.41
CA ALA A 466 11.32 11.34 0.61
C ALA A 466 10.00 11.97 1.08
N SER A 467 8.89 11.41 0.57
CA SER A 467 7.55 11.75 1.01
C SER A 467 7.03 10.61 1.85
N VAL A 468 6.55 10.90 3.06
CA VAL A 468 6.11 9.87 3.99
C VAL A 468 4.65 10.12 4.35
N SER A 469 3.80 9.13 4.12
CA SER A 469 2.40 9.21 4.49
C SER A 469 2.29 9.04 6.01
N ILE A 470 1.39 9.81 6.63
CA ILE A 470 1.10 9.66 8.04
C ILE A 470 -0.39 9.44 8.24
N SER A 471 -1.08 8.93 7.22
CA SER A 471 -2.52 8.67 7.29
C SER A 471 -2.82 7.64 8.39
N ASP A 472 -1.91 6.69 8.61
CA ASP A 472 -2.13 5.65 9.59
C ASP A 472 -1.93 6.16 11.02
N GLN A 473 -1.32 7.33 11.22
CA GLN A 473 -0.92 7.77 12.54
C GLN A 473 -1.62 9.07 12.95
N LEU A 474 -2.80 9.35 12.37
CA LEU A 474 -3.34 10.70 12.42
C LEU A 474 -3.67 11.12 13.86
N ASP A 475 -4.42 10.27 14.57
CA ASP A 475 -4.98 10.62 15.86
C ASP A 475 -3.97 10.47 17.01
N LYS A 476 -2.82 9.82 16.75
CA LYS A 476 -1.80 9.62 17.77
C LYS A 476 -1.20 10.96 18.23
N LYS A 477 -0.74 10.96 19.49
CA LYS A 477 -0.22 12.15 20.14
C LYS A 477 1.19 12.49 19.63
N ILE A 478 2.01 11.44 19.43
CA ILE A 478 3.35 11.54 18.88
C ILE A 478 3.41 10.73 17.59
N ILE A 479 3.85 11.36 16.51
CA ILE A 479 3.96 10.75 15.19
C ILE A 479 5.44 10.66 14.84
N THR A 480 5.91 9.46 14.47
CA THR A 480 7.33 9.28 14.22
C THR A 480 7.54 8.64 12.85
N SER A 481 8.76 8.82 12.34
CA SER A 481 9.20 8.23 11.09
C SER A 481 10.70 7.99 11.16
N GLU A 482 11.20 6.99 10.41
CA GLU A 482 12.61 6.68 10.32
C GLU A 482 12.97 6.44 8.86
N ASN A 483 13.88 7.27 8.31
CA ASN A 483 14.28 7.15 6.92
C ASN A 483 15.79 7.04 6.81
N PHE A 484 16.25 6.22 5.85
CA PHE A 484 17.65 5.90 5.69
C PHE A 484 18.20 6.48 4.39
N PHE A 485 19.49 6.82 4.40
CA PHE A 485 20.15 7.43 3.24
C PHE A 485 21.60 6.99 3.18
N ASN A 486 22.08 6.67 1.98
CA ASN A 486 23.48 6.32 1.77
C ASN A 486 24.27 7.62 1.72
N ILE A 487 25.40 7.67 2.42
CA ILE A 487 26.25 8.85 2.47
C ILE A 487 27.32 8.73 1.39
N PRO A 488 27.34 9.58 0.36
CA PRO A 488 28.44 9.58 -0.61
C PRO A 488 29.78 9.85 0.07
N ASP A 489 30.84 9.17 -0.39
CA ASP A 489 32.17 9.35 0.18
C ASP A 489 32.66 10.78 0.00
N ASN A 490 32.21 11.46 -1.07
CA ASN A 490 32.67 12.80 -1.37
C ASN A 490 31.67 13.85 -0.87
N CYS A 491 30.77 13.44 0.03
CA CYS A 491 29.93 14.39 0.74
C CYS A 491 30.70 14.94 1.94
N TRP A 492 30.89 16.26 1.95
CA TRP A 492 31.69 16.95 2.95
C TRP A 492 30.78 17.61 3.98
N VAL A 493 29.54 17.91 3.58
CA VAL A 493 28.57 18.50 4.50
C VAL A 493 27.16 18.13 4.03
N VAL A 494 26.29 17.88 5.02
CA VAL A 494 24.89 17.58 4.71
C VAL A 494 23.99 18.52 5.50
N ASN A 495 22.93 18.99 4.83
CA ASN A 495 21.78 19.58 5.49
C ASN A 495 20.67 18.53 5.55
N ALA A 496 20.42 18.02 6.76
CA ALA A 496 19.35 17.07 7.01
C ALA A 496 18.15 17.82 7.58
N SER A 497 16.99 17.69 6.92
CA SER A 497 15.79 18.40 7.35
C SER A 497 14.53 17.59 7.11
N ALA A 498 13.49 17.96 7.85
CA ALA A 498 12.16 17.42 7.65
C ALA A 498 11.15 18.50 7.98
N GLY A 499 9.94 18.38 7.41
CA GLY A 499 8.91 19.38 7.59
C GLY A 499 7.54 18.89 7.10
N ILE A 500 6.50 19.51 7.66
CA ILE A 500 5.12 19.18 7.34
C ILE A 500 4.26 20.42 7.49
N SER A 501 3.15 20.47 6.72
CA SER A 501 2.24 21.60 6.73
C SER A 501 1.25 21.46 7.87
N VAL A 502 0.90 22.59 8.49
CA VAL A 502 -0.07 22.68 9.57
C VAL A 502 -1.11 23.73 9.18
N ARG A 503 -2.35 23.55 9.64
CA ARG A 503 -3.41 24.51 9.36
C ARG A 503 -4.17 24.80 10.64
N TYR A 504 -4.41 26.09 10.90
CA TYR A 504 -5.41 26.58 11.83
C TYR A 504 -6.29 27.57 11.06
N GLY A 505 -7.57 27.23 10.88
CA GLY A 505 -8.46 28.03 10.07
C GLY A 505 -7.95 28.18 8.64
N LYS A 506 -7.77 29.44 8.21
CA LYS A 506 -7.23 29.75 6.89
C LYS A 506 -5.72 29.95 6.94
N PHE A 507 -5.11 29.81 8.11
CA PHE A 507 -3.69 30.07 8.29
C PHE A 507 -2.93 28.76 8.12
N THR A 508 -2.01 28.73 7.15
CA THR A 508 -1.24 27.54 6.84
C THR A 508 0.23 27.86 6.96
N PHE A 509 0.98 26.98 7.64
CA PHE A 509 2.40 27.20 7.89
C PHE A 509 3.10 25.85 8.01
N LYS A 510 4.43 25.86 8.17
CA LYS A 510 5.17 24.62 8.25
C LYS A 510 5.91 24.50 9.59
N ILE A 511 5.95 23.28 10.12
CA ILE A 511 6.85 22.97 11.22
C ILE A 511 7.96 22.07 10.70
N HIS A 512 9.15 22.22 11.29
CA HIS A 512 10.35 21.64 10.71
C HIS A 512 11.51 21.63 11.68
N ASP A 513 12.56 20.89 11.27
CA ASP A 513 13.83 20.88 11.98
C ASP A 513 14.92 20.66 10.94
N GLN A 514 16.14 21.05 11.32
CA GLN A 514 17.28 21.17 10.43
C GLN A 514 18.55 20.87 11.21
N LYS A 515 19.43 20.06 10.62
CA LYS A 515 20.74 19.81 11.19
C LYS A 515 21.77 19.93 10.08
N ILE A 516 22.86 20.65 10.35
CA ILE A 516 23.97 20.75 9.42
C ILE A 516 25.15 19.98 10.01
N ILE A 517 25.69 19.01 9.26
CA ILE A 517 26.65 18.06 9.80
C ILE A 517 27.82 17.91 8.83
N TYR A 518 29.05 17.91 9.38
CA TYR A 518 30.26 17.93 8.57
C TYR A 518 30.96 16.58 8.59
N ARG A 519 31.76 16.32 7.54
CA ARG A 519 32.70 15.20 7.53
C ARG A 519 34.03 15.69 8.11
N GLY A 520 34.46 15.12 9.24
CA GLY A 520 35.76 15.49 9.82
C GLY A 520 35.83 16.97 10.12
N ASP A 521 37.03 17.55 9.98
CA ASP A 521 37.26 18.91 10.47
C ASP A 521 37.58 19.89 9.33
N TRP A 522 37.18 19.58 8.08
CA TRP A 522 37.60 20.37 6.93
C TRP A 522 37.05 21.80 7.03
N ALA A 523 35.98 21.96 7.82
CA ALA A 523 35.24 23.19 7.87
C ALA A 523 35.52 23.98 9.16
N LYS A 524 36.60 23.64 9.88
CA LYS A 524 36.94 24.32 11.12
C LYS A 524 37.10 25.82 10.90
N GLU A 525 37.50 26.25 9.70
CA GLU A 525 37.65 27.67 9.41
C GLU A 525 36.36 28.21 8.77
N VAL A 526 35.87 27.58 7.70
CA VAL A 526 34.85 28.19 6.85
C VAL A 526 33.45 28.02 7.44
N GLY A 527 33.26 27.01 8.30
CA GLY A 527 31.92 26.68 8.80
C GLY A 527 31.48 27.59 9.94
N ARG A 528 30.15 27.78 10.05
CA ARG A 528 29.59 28.63 11.09
C ARG A 528 29.86 28.01 12.47
N LYS A 529 30.34 28.82 13.42
CA LYS A 529 30.53 28.38 14.80
C LYS A 529 29.19 28.28 15.56
N SER B 3 -37.22 54.23 -31.38
CA SER B 3 -36.03 54.63 -30.59
C SER B 3 -35.56 53.49 -29.68
N LYS B 4 -36.42 52.48 -29.42
CA LYS B 4 -36.12 51.43 -28.46
C LYS B 4 -35.02 50.50 -28.98
N THR B 5 -34.30 49.84 -28.06
CA THR B 5 -33.19 48.98 -28.39
C THR B 5 -33.67 47.73 -29.14
N LYS B 6 -33.03 47.41 -30.27
CA LYS B 6 -33.26 46.18 -30.99
C LYS B 6 -32.25 45.11 -30.52
N ILE B 7 -32.77 43.99 -29.98
CA ILE B 7 -31.91 42.89 -29.54
C ILE B 7 -32.05 41.74 -30.52
N GLU B 8 -30.90 41.33 -31.10
CA GLU B 8 -30.87 40.25 -32.06
C GLU B 8 -29.85 39.21 -31.59
N LEU B 9 -30.28 37.95 -31.57
CA LEU B 9 -29.42 36.84 -31.21
C LEU B 9 -29.00 36.10 -32.47
N LYS B 10 -27.71 36.20 -32.84
CA LYS B 10 -27.19 35.45 -33.96
C LYS B 10 -25.71 35.17 -33.73
N ASP B 11 -25.22 34.08 -34.34
CA ASP B 11 -23.83 33.64 -34.20
C ASP B 11 -23.46 33.52 -32.72
N ASN B 12 -24.46 33.20 -31.90
CA ASN B 12 -24.36 32.98 -30.47
C ASN B 12 -23.87 34.21 -29.72
N TRP B 13 -24.17 35.41 -30.24
CA TRP B 13 -23.94 36.66 -29.54
C TRP B 13 -25.25 37.42 -29.38
N TYR B 14 -25.34 38.19 -28.30
CA TYR B 14 -26.30 39.28 -28.24
C TYR B 14 -25.82 40.40 -29.14
N HIS B 15 -26.74 40.97 -29.92
CA HIS B 15 -26.50 42.21 -30.65
C HIS B 15 -27.50 43.24 -30.13
N LEU B 16 -26.99 44.44 -29.80
CA LEU B 16 -27.80 45.59 -29.43
C LEU B 16 -27.65 46.62 -30.54
N ASP B 17 -28.74 46.87 -31.27
CA ASP B 17 -28.72 47.80 -32.38
C ASP B 17 -27.61 47.46 -33.37
N GLY B 18 -27.51 46.18 -33.74
CA GLY B 18 -26.59 45.75 -34.78
C GLY B 18 -25.16 45.50 -34.28
N GLU B 19 -24.83 45.90 -33.05
CA GLU B 19 -23.47 45.77 -32.51
C GLU B 19 -23.36 44.59 -31.56
N LYS B 20 -22.39 43.70 -31.77
CA LYS B 20 -22.16 42.61 -30.82
C LYS B 20 -21.87 43.20 -29.45
N TYR B 21 -22.54 42.66 -28.42
CA TYR B 21 -22.52 43.25 -27.10
C TYR B 21 -22.21 42.17 -26.06
N PHE B 22 -20.99 42.22 -25.52
CA PHE B 22 -20.56 41.31 -24.48
C PHE B 22 -21.12 41.83 -23.15
N ILE B 23 -21.94 41.00 -22.48
CA ILE B 23 -22.59 41.42 -21.26
C ILE B 23 -21.60 41.32 -20.10
N LYS B 24 -21.23 42.48 -19.56
CA LYS B 24 -20.37 42.58 -18.39
C LYS B 24 -21.20 42.97 -17.18
N ALA B 25 -21.93 41.99 -16.62
CA ALA B 25 -22.85 42.25 -15.53
C ALA B 25 -22.19 41.92 -14.19
N ILE B 26 -22.86 42.37 -13.12
CA ILE B 26 -22.61 41.89 -11.78
C ILE B 26 -23.97 41.62 -11.15
N GLY B 27 -24.03 40.56 -10.32
CA GLY B 27 -25.23 40.25 -9.56
C GLY B 27 -25.42 41.33 -8.50
N TYR B 28 -26.67 41.76 -8.29
CA TYR B 28 -26.97 42.91 -7.46
C TYR B 28 -28.30 42.71 -6.74
N GLU B 29 -28.26 42.82 -5.40
CA GLU B 29 -29.41 42.57 -4.56
C GLU B 29 -29.63 43.76 -3.62
N ILE B 30 -30.56 44.64 -4.00
CA ILE B 30 -31.00 45.72 -3.14
C ILE B 30 -31.79 45.13 -1.98
N GLY B 31 -31.87 45.90 -0.88
CA GLY B 31 -32.66 45.53 0.28
C GLY B 31 -31.98 44.46 1.14
N ALA B 32 -30.65 44.36 1.05
CA ALA B 32 -29.92 43.29 1.70
C ALA B 32 -28.75 43.84 2.52
N ARG B 33 -28.90 45.06 3.04
CA ARG B 33 -27.96 45.63 3.96
C ARG B 33 -28.02 44.91 5.30
N PRO B 34 -26.99 45.03 6.17
CA PRO B 34 -27.10 44.55 7.54
C PRO B 34 -28.40 45.01 8.18
N GLY B 35 -29.16 44.06 8.72
CA GLY B 35 -30.41 44.34 9.40
C GLY B 35 -31.63 44.27 8.48
N GLN B 36 -31.42 43.97 7.18
CA GLN B 36 -32.49 43.87 6.22
C GLN B 36 -32.59 42.44 5.68
N ALA B 37 -33.79 42.08 5.23
CA ALA B 37 -34.06 40.79 4.60
C ALA B 37 -34.98 41.03 3.41
N PRO B 38 -34.48 40.94 2.16
CA PRO B 38 -35.25 41.39 1.01
C PRO B 38 -36.55 40.62 0.75
N TYR B 39 -36.69 39.40 1.30
CA TYR B 39 -37.83 38.56 0.99
C TYR B 39 -38.84 38.55 2.13
N GLU B 40 -38.63 39.33 3.20
CA GLU B 40 -39.57 39.32 4.32
C GLU B 40 -39.89 40.74 4.81
N ASP B 41 -39.02 41.72 4.52
CA ASP B 41 -39.31 43.11 4.82
C ASP B 41 -40.59 43.53 4.06
N GLU B 42 -41.24 44.61 4.48
CA GLU B 42 -42.15 45.29 3.56
C GLU B 42 -41.30 45.86 2.42
N ARG B 43 -41.75 45.71 1.16
CA ARG B 43 -40.93 46.08 0.01
C ARG B 43 -40.79 47.61 0.00
N LYS B 44 -39.55 48.08 -0.19
CA LYS B 44 -39.24 49.49 -0.32
C LYS B 44 -38.39 49.73 -1.58
N ASP B 45 -38.58 50.88 -2.24
CA ASP B 45 -37.80 51.22 -3.41
C ASP B 45 -36.32 51.41 -3.08
N GLU B 46 -36.00 52.01 -1.92
CA GLU B 46 -34.64 52.16 -1.46
C GLU B 46 -33.79 52.91 -2.49
N LEU B 47 -34.32 54.01 -3.01
CA LEU B 47 -33.76 54.69 -4.15
C LEU B 47 -32.43 55.35 -3.83
N GLU B 48 -32.27 55.89 -2.62
CA GLU B 48 -31.04 56.59 -2.25
C GLU B 48 -29.87 55.58 -2.29
N LEU B 49 -30.07 54.41 -1.68
CA LEU B 49 -29.01 53.41 -1.63
C LEU B 49 -28.74 52.84 -3.03
N MSE B 50 -29.77 52.77 -3.89
CA MSE B 50 -29.58 52.29 -5.25
C MSE B 50 -28.72 53.27 -6.05
O MSE B 50 -27.88 52.84 -6.83
CB MSE B 50 -30.91 52.07 -5.97
CG MSE B 50 -31.32 50.64 -6.04
SE MSE B 50 -33.00 50.40 -7.00
CE MSE B 50 -32.26 50.12 -8.77
N LYS B 51 -28.98 54.58 -5.91
CA LYS B 51 -28.15 55.60 -6.56
C LYS B 51 -26.67 55.36 -6.22
N PHE B 52 -26.38 55.09 -4.94
CA PHE B 52 -25.01 54.85 -4.50
C PHE B 52 -24.45 53.63 -5.22
N ASP B 53 -25.23 52.53 -5.21
CA ASP B 53 -24.84 51.26 -5.76
C ASP B 53 -24.58 51.35 -7.27
N LEU B 54 -25.54 51.87 -8.03
CA LEU B 54 -25.43 51.93 -9.48
C LEU B 54 -24.22 52.77 -9.88
N GLU B 55 -23.93 53.85 -9.14
CA GLU B 55 -22.75 54.63 -9.43
C GLU B 55 -21.49 53.78 -9.20
N ASN B 56 -21.43 53.06 -8.09
CA ASN B 56 -20.25 52.25 -7.82
C ASN B 56 -20.06 51.19 -8.90
N ILE B 57 -21.17 50.60 -9.36
CA ILE B 57 -21.13 49.50 -10.30
C ILE B 57 -20.65 50.00 -11.66
N LYS B 58 -21.07 51.20 -12.09
CA LYS B 58 -20.54 51.79 -13.29
C LYS B 58 -19.02 51.99 -13.16
N GLU B 59 -18.56 52.46 -11.99
CA GLU B 59 -17.15 52.76 -11.76
C GLU B 59 -16.31 51.48 -11.65
N GLY B 60 -16.97 50.38 -11.33
CA GLY B 60 -16.29 49.09 -11.25
C GLY B 60 -16.09 48.45 -12.62
N GLY B 61 -16.73 49.01 -13.66
CA GLY B 61 -16.48 48.62 -15.04
C GLY B 61 -17.61 47.81 -15.67
N TYR B 62 -18.74 47.63 -14.97
CA TYR B 62 -19.83 46.77 -15.42
C TYR B 62 -20.73 47.58 -16.33
N ASN B 63 -21.39 46.91 -17.28
CA ASN B 63 -22.38 47.56 -18.14
C ASN B 63 -23.80 47.09 -17.84
N THR B 64 -23.95 46.11 -16.92
CA THR B 64 -25.25 45.48 -16.68
C THR B 64 -25.33 45.06 -15.21
N ILE B 65 -26.57 44.93 -14.70
CA ILE B 65 -26.81 44.33 -13.40
C ILE B 65 -27.75 43.13 -13.60
N ARG B 66 -27.59 42.12 -12.74
CA ARG B 66 -28.40 40.92 -12.75
C ARG B 66 -29.08 40.80 -11.39
N THR B 67 -30.40 40.52 -11.40
CA THR B 67 -31.19 40.47 -10.18
C THR B 67 -31.94 39.14 -10.10
N TRP B 68 -32.61 38.93 -8.95
CA TRP B 68 -33.39 37.74 -8.71
C TRP B 68 -34.86 38.07 -8.49
N SER B 69 -35.18 39.35 -8.32
CA SER B 69 -36.54 39.83 -8.03
C SER B 69 -36.90 41.03 -8.90
N GLN B 70 -38.21 41.09 -9.23
CA GLN B 70 -38.81 42.20 -9.94
C GLN B 70 -38.46 43.51 -9.24
N TYR B 71 -38.21 44.56 -10.03
CA TYR B 71 -38.18 45.92 -9.55
C TYR B 71 -39.55 46.55 -9.76
N SER B 72 -39.87 47.57 -8.95
CA SER B 72 -41.00 48.46 -9.18
C SER B 72 -40.68 49.38 -10.35
N GLU B 73 -41.69 50.12 -10.82
CA GLU B 73 -41.50 51.03 -11.93
C GLU B 73 -40.50 52.12 -11.54
N ASN B 74 -40.58 52.60 -10.30
CA ASN B 74 -39.67 53.61 -9.80
C ASN B 74 -38.23 53.11 -9.79
N GLN B 75 -38.02 51.82 -9.49
CA GLN B 75 -36.67 51.30 -9.49
C GLN B 75 -36.18 51.22 -10.93
N LEU B 76 -37.06 50.81 -11.85
CA LEU B 76 -36.69 50.70 -13.26
C LEU B 76 -36.24 52.07 -13.78
N LYS B 77 -36.99 53.12 -13.43
CA LYS B 77 -36.69 54.47 -13.85
C LYS B 77 -35.26 54.83 -13.49
N LEU B 78 -34.85 54.47 -12.27
CA LEU B 78 -33.52 54.80 -11.77
C LEU B 78 -32.45 54.03 -12.54
N VAL B 79 -32.72 52.76 -12.85
CA VAL B 79 -31.81 51.95 -13.63
C VAL B 79 -31.73 52.51 -15.06
N GLN B 80 -32.88 52.84 -15.63
CA GLN B 80 -32.96 53.42 -16.96
C GLN B 80 -32.03 54.65 -17.04
N GLU B 81 -32.16 55.57 -16.09
CA GLU B 81 -31.39 56.81 -16.09
C GLU B 81 -29.90 56.55 -15.90
N SER B 82 -29.57 55.45 -15.20
CA SER B 82 -28.19 55.15 -14.85
C SER B 82 -27.35 54.83 -16.09
N GLY B 83 -28.02 54.33 -17.14
CA GLY B 83 -27.35 53.88 -18.36
C GLY B 83 -26.99 52.39 -18.33
N LEU B 84 -27.11 51.72 -17.18
CA LEU B 84 -26.83 50.29 -17.07
C LEU B 84 -27.96 49.49 -17.69
N LYS B 85 -27.63 48.28 -18.20
CA LYS B 85 -28.63 47.35 -18.68
C LYS B 85 -29.03 46.44 -17.54
N LEU B 86 -30.13 45.71 -17.70
CA LEU B 86 -30.68 44.90 -16.62
C LEU B 86 -31.10 43.50 -17.08
N ILE B 87 -30.57 42.48 -16.41
CA ILE B 87 -31.07 41.12 -16.48
C ILE B 87 -31.96 40.89 -15.26
N MSE B 88 -33.28 40.95 -15.48
CA MSE B 88 -34.22 40.99 -14.38
C MSE B 88 -34.64 39.57 -14.04
O MSE B 88 -35.09 38.86 -14.92
CB MSE B 88 -35.43 41.88 -14.72
CG MSE B 88 -36.52 41.85 -13.68
SE MSE B 88 -37.70 43.41 -13.75
CE MSE B 88 -36.44 44.61 -12.94
N GLY B 89 -34.49 39.20 -12.77
CA GLY B 89 -35.02 37.94 -12.26
C GLY B 89 -36.47 38.12 -11.78
N ILE B 90 -37.30 37.09 -11.99
CA ILE B 90 -38.65 37.04 -11.47
C ILE B 90 -38.69 36.10 -10.28
N ASP B 91 -39.35 36.53 -9.19
CA ASP B 91 -39.42 35.74 -7.97
C ASP B 91 -40.44 34.62 -8.07
N ILE B 92 -40.07 33.56 -8.78
CA ILE B 92 -40.85 32.33 -8.79
C ILE B 92 -40.22 31.38 -7.79
N LYS B 93 -40.89 31.13 -6.66
CA LYS B 93 -40.31 30.41 -5.54
C LYS B 93 -39.92 28.99 -5.98
N PRO B 94 -38.62 28.65 -5.93
CA PRO B 94 -38.14 27.33 -6.35
C PRO B 94 -38.76 26.12 -5.63
N GLU B 95 -39.20 26.30 -4.38
CA GLU B 95 -39.62 25.20 -3.53
C GLU B 95 -41.14 24.98 -3.58
N GLU B 96 -41.83 25.75 -4.41
CA GLU B 96 -43.28 25.67 -4.51
C GLU B 96 -43.69 24.63 -5.55
N ASP B 97 -44.97 24.25 -5.51
CA ASP B 97 -45.50 23.21 -6.38
C ASP B 97 -45.89 23.80 -7.73
N TYR B 98 -45.05 23.55 -8.75
CA TYR B 98 -45.19 24.13 -10.07
C TYR B 98 -46.51 23.69 -10.73
N GLY B 99 -47.08 22.59 -10.22
CA GLY B 99 -48.25 21.97 -10.82
C GLY B 99 -49.55 22.39 -10.15
N ASP B 100 -49.46 23.10 -9.02
CA ASP B 100 -50.64 23.61 -8.33
C ASP B 100 -51.30 24.71 -9.17
N PRO B 101 -52.55 24.52 -9.65
CA PRO B 101 -53.25 25.54 -10.42
C PRO B 101 -53.19 26.96 -9.82
N GLU B 102 -53.24 27.05 -8.49
CA GLU B 102 -53.31 28.34 -7.81
C GLU B 102 -51.94 29.03 -7.80
N PHE B 103 -50.85 28.26 -7.69
CA PHE B 103 -49.52 28.81 -7.72
C PHE B 103 -49.20 29.33 -9.12
N VAL B 104 -49.67 28.60 -10.14
CA VAL B 104 -49.44 29.00 -11.53
C VAL B 104 -50.20 30.31 -11.78
N LYS B 105 -51.48 30.36 -11.39
CA LYS B 105 -52.30 31.54 -11.60
C LYS B 105 -51.70 32.77 -10.90
N ASP B 106 -51.21 32.60 -9.67
CA ASP B 106 -50.64 33.72 -8.92
C ASP B 106 -49.36 34.22 -9.60
N SER B 107 -48.56 33.29 -10.15
CA SER B 107 -47.37 33.64 -10.92
C SER B 107 -47.73 34.40 -12.20
N GLU B 108 -48.78 33.95 -12.91
CA GLU B 108 -49.22 34.61 -14.13
C GLU B 108 -49.61 36.06 -13.84
N ILE B 109 -50.37 36.29 -12.76
CA ILE B 109 -50.89 37.62 -12.44
C ILE B 109 -49.75 38.56 -12.05
N GLU B 110 -48.79 38.07 -11.27
CA GLU B 110 -47.72 38.90 -10.79
C GLU B 110 -46.82 39.31 -11.97
N LEU B 111 -46.51 38.33 -12.82
CA LEU B 111 -45.68 38.58 -13.97
C LEU B 111 -46.34 39.59 -14.92
N LYS B 112 -47.64 39.41 -15.21
CA LYS B 112 -48.36 40.33 -16.08
C LYS B 112 -48.34 41.75 -15.50
N ARG B 113 -48.48 41.87 -14.17
CA ARG B 113 -48.49 43.16 -13.52
C ARG B 113 -47.15 43.86 -13.73
N VAL B 114 -46.05 43.12 -13.57
CA VAL B 114 -44.71 43.67 -13.74
C VAL B 114 -44.52 44.12 -15.19
N LEU B 115 -44.87 43.24 -16.14
CA LEU B 115 -44.61 43.45 -17.54
C LEU B 115 -45.36 44.68 -18.02
N ASN B 116 -46.54 44.92 -17.43
CA ASN B 116 -47.38 46.03 -17.81
C ASN B 116 -46.63 47.35 -17.80
N TYR B 117 -45.73 47.55 -16.82
CA TYR B 117 -44.92 48.75 -16.72
C TYR B 117 -43.49 48.51 -17.26
N ALA B 118 -42.97 47.30 -17.09
CA ALA B 118 -41.56 47.01 -17.48
C ALA B 118 -41.40 47.16 -19.00
N LYS B 119 -42.44 46.83 -19.76
CA LYS B 119 -42.32 46.85 -21.24
C LYS B 119 -41.81 48.21 -21.73
N LYS B 120 -41.86 49.25 -20.88
CA LYS B 120 -41.48 50.57 -21.36
C LYS B 120 -40.00 50.86 -21.14
N TYR B 121 -39.27 49.96 -20.49
CA TYR B 121 -37.89 50.23 -20.11
C TYR B 121 -36.96 49.29 -20.87
N ASP B 122 -36.30 49.82 -21.91
CA ASP B 122 -35.51 49.04 -22.84
C ASP B 122 -34.11 48.74 -22.28
N CYS B 123 -33.82 49.23 -21.07
CA CYS B 123 -32.63 48.84 -20.33
C CYS B 123 -32.67 47.36 -19.98
N ILE B 124 -33.88 46.75 -19.96
CA ILE B 124 -34.04 45.32 -19.71
C ILE B 124 -33.67 44.55 -20.98
N ILE B 125 -32.70 43.62 -20.86
CA ILE B 125 -32.15 42.91 -22.01
C ILE B 125 -32.29 41.39 -21.87
N THR B 126 -32.75 40.90 -20.71
CA THR B 126 -33.06 39.48 -20.53
C THR B 126 -33.94 39.32 -19.29
N TYR B 127 -34.90 38.38 -19.35
CA TYR B 127 -35.66 37.94 -18.18
C TYR B 127 -35.16 36.56 -17.74
N LEU B 128 -34.96 36.38 -16.42
CA LEU B 128 -34.71 35.07 -15.81
C LEU B 128 -35.95 34.66 -15.03
N VAL B 129 -36.57 33.54 -15.39
CA VAL B 129 -37.90 33.22 -14.90
C VAL B 129 -37.83 32.37 -13.64
N ILE B 130 -36.68 31.77 -13.29
CA ILE B 130 -36.57 31.00 -12.05
C ILE B 130 -35.10 30.78 -11.72
N ASN B 131 -34.81 30.58 -10.43
CA ASN B 131 -33.45 30.38 -9.97
C ASN B 131 -33.28 29.04 -9.25
N GLU B 132 -32.35 28.21 -9.77
CA GLU B 132 -31.81 27.01 -9.14
C GLU B 132 -32.91 26.05 -8.66
N PRO B 133 -33.79 25.55 -9.55
CA PRO B 133 -34.68 24.48 -9.15
C PRO B 133 -33.88 23.21 -8.86
N GLN B 134 -34.19 22.57 -7.73
CA GLN B 134 -33.47 21.40 -7.27
CA GLN B 134 -33.48 21.39 -7.25
C GLN B 134 -34.04 20.15 -7.95
N THR B 135 -33.16 19.16 -8.17
CA THR B 135 -33.47 17.97 -8.94
C THR B 135 -34.57 17.14 -8.26
N ASP B 136 -34.46 16.94 -6.94
CA ASP B 136 -35.41 16.09 -6.23
C ASP B 136 -36.80 16.73 -6.22
N HIS B 137 -36.84 18.07 -6.17
CA HIS B 137 -38.11 18.79 -6.09
C HIS B 137 -38.86 18.64 -7.42
N ILE B 138 -38.14 18.80 -8.54
CA ILE B 138 -38.71 18.64 -9.86
C ILE B 138 -39.25 17.21 -10.03
N HIS B 139 -38.47 16.21 -9.58
CA HIS B 139 -38.90 14.82 -9.64
C HIS B 139 -40.20 14.66 -8.87
N SER B 140 -40.29 15.37 -7.74
CA SER B 140 -41.38 15.26 -6.81
C SER B 140 -42.68 15.84 -7.38
N VAL B 141 -42.56 17.02 -8.00
CA VAL B 141 -43.75 17.71 -8.60
C VAL B 141 -43.89 17.30 -10.08
N THR B 142 -43.03 16.40 -10.57
CA THR B 142 -43.05 15.91 -11.99
C THR B 142 -42.49 16.96 -12.94
N GLY B 143 -41.57 16.57 -13.83
CA GLY B 143 -40.97 17.50 -14.80
C GLY B 143 -42.02 18.14 -15.68
N LYS B 144 -43.05 17.38 -16.08
CA LYS B 144 -44.12 17.95 -16.89
C LYS B 144 -44.63 19.26 -16.31
N ALA B 145 -44.78 19.33 -14.99
CA ALA B 145 -45.31 20.51 -14.34
C ALA B 145 -44.29 21.65 -14.44
N PHE B 146 -43.00 21.33 -14.27
CA PHE B 146 -41.93 22.31 -14.42
C PHE B 146 -41.92 22.88 -15.83
N VAL B 147 -41.95 22.02 -16.85
CA VAL B 147 -41.86 22.46 -18.23
C VAL B 147 -43.10 23.30 -18.59
N ASP B 148 -44.29 22.83 -18.18
CA ASP B 148 -45.53 23.57 -18.43
C ASP B 148 -45.44 24.97 -17.83
N LEU B 149 -44.86 25.09 -16.63
CA LEU B 149 -44.76 26.37 -15.96
C LEU B 149 -43.82 27.28 -16.75
N MSE B 150 -42.63 26.76 -17.10
CA MSE B 150 -41.69 27.49 -17.92
C MSE B 150 -42.37 28.00 -19.20
O MSE B 150 -42.23 29.18 -19.56
CB MSE B 150 -40.49 26.62 -18.28
CG MSE B 150 -39.67 26.14 -17.08
SE MSE B 150 -38.86 27.59 -16.04
CE MSE B 150 -40.09 27.62 -14.52
N ASN B 151 -43.13 27.14 -19.90
CA ASN B 151 -43.74 27.52 -21.17
C ASN B 151 -44.75 28.64 -20.97
N THR B 152 -45.54 28.60 -19.89
CA THR B 152 -46.52 29.63 -19.61
C THR B 152 -45.83 30.98 -19.44
N LEU B 153 -44.72 30.97 -18.70
CA LEU B 153 -44.04 32.20 -18.30
C LEU B 153 -43.30 32.80 -19.50
N ILE B 154 -42.67 31.95 -20.31
CA ILE B 154 -42.00 32.37 -21.53
C ILE B 154 -42.97 33.07 -22.49
N ASN B 155 -44.15 32.47 -22.70
CA ASN B 155 -45.11 32.99 -23.66
C ASN B 155 -45.66 34.33 -23.20
N ILE B 156 -45.92 34.43 -21.89
CA ILE B 156 -46.40 35.66 -21.29
C ILE B 156 -45.40 36.78 -21.54
N ILE B 157 -44.09 36.50 -21.34
CA ILE B 157 -43.08 37.52 -21.51
C ILE B 157 -42.89 37.86 -23.00
N HIS B 158 -42.93 36.86 -23.89
CA HIS B 158 -42.76 37.12 -25.32
C HIS B 158 -43.86 38.05 -25.82
N LYS B 159 -45.05 38.00 -25.22
CA LYS B 159 -46.18 38.83 -25.60
C LYS B 159 -46.14 40.20 -24.90
N GLY B 160 -45.83 40.19 -23.59
CA GLY B 160 -45.98 41.38 -22.76
C GLY B 160 -44.82 42.34 -22.90
N HIS B 161 -43.62 41.81 -23.16
CA HIS B 161 -42.43 42.62 -23.42
C HIS B 161 -41.69 42.06 -24.65
N PRO B 162 -42.19 42.33 -25.87
CA PRO B 162 -41.62 41.74 -27.08
C PRO B 162 -40.13 42.01 -27.24
N GLY B 163 -39.43 41.07 -27.88
CA GLY B 163 -38.05 41.25 -28.30
C GLY B 163 -37.02 40.97 -27.21
N ILE B 164 -37.46 40.63 -26.00
CA ILE B 164 -36.52 40.45 -24.88
C ILE B 164 -36.28 38.96 -24.67
N PRO B 165 -35.01 38.49 -24.76
CA PRO B 165 -34.69 37.11 -24.45
C PRO B 165 -35.14 36.66 -23.06
N VAL B 166 -35.56 35.39 -22.96
CA VAL B 166 -35.97 34.76 -21.72
C VAL B 166 -35.11 33.52 -21.47
N THR B 167 -34.64 33.34 -20.23
CA THR B 167 -33.99 32.11 -19.82
C THR B 167 -34.15 31.95 -18.31
N LEU B 168 -33.31 31.09 -17.70
CA LEU B 168 -33.36 30.81 -16.27
C LEU B 168 -31.95 30.60 -15.73
N SER B 169 -31.79 30.81 -14.41
CA SER B 169 -30.50 30.62 -13.79
C SER B 169 -30.45 29.24 -13.15
N ALA B 170 -30.28 28.21 -13.98
CA ALA B 170 -30.12 26.85 -13.51
C ALA B 170 -28.66 26.61 -13.08
N ASN B 171 -28.47 25.85 -12.01
CA ASN B 171 -27.14 25.56 -11.53
C ASN B 171 -26.54 24.42 -12.35
N ALA B 172 -25.31 24.61 -12.85
CA ALA B 172 -24.66 23.67 -13.74
C ALA B 172 -24.29 22.35 -13.06
N MSE B 173 -23.99 22.37 -11.75
CA MSE B 173 -23.60 21.15 -11.03
C MSE B 173 -24.80 20.23 -10.78
O MSE B 173 -24.59 19.05 -10.52
CB MSE B 173 -22.94 21.48 -9.69
CG MSE B 173 -21.54 22.07 -9.80
SE MSE B 173 -20.22 20.79 -10.52
CE MSE B 173 -20.09 19.60 -8.94
N ILE B 174 -26.05 20.75 -10.82
CA ILE B 174 -27.22 19.95 -10.51
C ILE B 174 -28.25 19.93 -11.65
N SER B 175 -28.09 20.76 -12.69
CA SER B 175 -29.05 20.81 -13.79
C SER B 175 -28.34 20.63 -15.14
N ASP B 176 -27.21 19.95 -15.11
CA ASP B 176 -26.50 19.48 -16.30
C ASP B 176 -27.41 18.67 -17.23
N TYR B 177 -28.40 17.98 -16.65
CA TYR B 177 -29.27 17.09 -17.39
C TYR B 177 -30.38 17.84 -18.13
N MSE B 178 -30.60 19.12 -17.78
CA MSE B 178 -31.86 19.79 -18.06
C MSE B 178 -31.92 20.31 -19.50
O MSE B 178 -30.96 20.85 -20.01
CB MSE B 178 -32.05 20.93 -17.08
CG MSE B 178 -33.26 21.80 -17.35
SE MSE B 178 -33.53 23.12 -15.92
CE MSE B 178 -33.87 21.94 -14.41
N ASP B 179 -33.07 20.13 -20.14
CA ASP B 179 -33.28 20.69 -21.48
C ASP B 179 -33.48 22.19 -21.39
N GLU B 180 -32.70 22.98 -22.14
CA GLU B 180 -32.83 24.42 -22.11
C GLU B 180 -33.27 24.96 -23.48
N SER B 181 -33.72 24.11 -24.39
CA SER B 181 -33.96 24.56 -25.75
C SER B 181 -35.29 25.31 -25.88
N ILE B 182 -36.11 25.36 -24.82
CA ILE B 182 -37.33 26.17 -24.88
C ILE B 182 -37.00 27.65 -24.61
N PHE B 183 -35.82 27.90 -24.04
CA PHE B 183 -35.40 29.25 -23.72
C PHE B 183 -34.73 29.87 -24.94
N ASP B 184 -34.59 31.20 -24.90
CA ASP B 184 -34.00 31.94 -25.99
C ASP B 184 -32.48 32.02 -25.84
N VAL B 185 -31.96 31.69 -24.64
CA VAL B 185 -30.53 31.79 -24.35
C VAL B 185 -30.17 30.70 -23.35
N TYR B 186 -29.00 30.08 -23.50
CA TYR B 186 -28.53 29.08 -22.55
C TYR B 186 -27.86 29.82 -21.39
N ALA B 187 -28.13 29.37 -20.16
CA ALA B 187 -27.61 30.04 -18.97
C ALA B 187 -27.39 29.06 -17.83
N TYR B 188 -26.35 29.33 -17.02
CA TYR B 188 -26.06 28.51 -15.84
C TYR B 188 -25.38 29.34 -14.76
N ASN B 189 -25.75 29.06 -13.50
CA ASN B 189 -24.91 29.40 -12.35
C ASN B 189 -23.75 28.40 -12.35
N CYS B 190 -22.51 28.90 -12.47
CA CYS B 190 -21.32 28.06 -12.64
C CYS B 190 -20.30 28.33 -11.54
N TYR B 191 -20.12 27.37 -10.62
CA TYR B 191 -19.14 27.50 -9.55
C TYR B 191 -18.05 26.43 -9.70
N ASP B 192 -16.79 26.81 -9.42
CA ASP B 192 -15.65 25.94 -9.56
C ASP B 192 -15.06 25.62 -8.19
N HIS B 193 -15.48 24.48 -7.62
CA HIS B 193 -14.99 24.05 -6.32
C HIS B 193 -14.04 22.87 -6.44
N ASN B 194 -13.72 22.45 -7.68
CA ASN B 194 -12.80 21.35 -7.94
C ASN B 194 -13.27 20.06 -7.26
N GLU B 195 -14.51 19.69 -7.54
CA GLU B 195 -15.15 18.51 -6.98
C GLU B 195 -16.13 18.01 -8.02
N GLY B 196 -16.33 16.68 -8.04
CA GLY B 196 -17.26 16.05 -8.96
C GLY B 196 -16.88 16.42 -10.39
N GLN B 197 -17.85 16.98 -11.13
CA GLN B 197 -17.66 17.32 -12.53
C GLN B 197 -16.48 18.29 -12.72
N THR B 198 -16.25 19.21 -11.78
CA THR B 198 -15.19 20.19 -11.99
C THR B 198 -13.82 19.57 -11.65
N ALA B 199 -13.78 18.43 -10.94
CA ALA B 199 -12.51 17.74 -10.70
C ALA B 199 -12.11 16.84 -11.88
N THR B 200 -13.09 16.17 -12.49
CA THR B 200 -12.80 15.25 -13.58
C THR B 200 -12.46 16.04 -14.83
N MSE B 201 -13.33 16.98 -15.20
CA MSE B 201 -13.25 17.61 -16.51
C MSE B 201 -12.48 18.94 -16.45
O MSE B 201 -11.99 19.41 -17.49
CB MSE B 201 -14.67 17.82 -17.06
CG MSE B 201 -15.25 16.56 -17.67
SE MSE B 201 -17.16 16.66 -18.03
CE MSE B 201 -17.71 16.23 -16.17
N GLY B 202 -12.34 19.53 -15.27
CA GLY B 202 -12.00 20.94 -15.16
C GLY B 202 -13.22 21.84 -15.39
N PHE B 203 -13.07 23.10 -15.02
CA PHE B 203 -14.17 24.06 -15.08
C PHE B 203 -14.50 24.39 -16.53
N LYS B 204 -13.49 24.82 -17.30
CA LYS B 204 -13.67 25.17 -18.69
C LYS B 204 -14.45 24.07 -19.41
N ASP B 205 -13.87 22.87 -19.40
CA ASP B 205 -14.32 21.78 -20.25
C ASP B 205 -15.69 21.28 -19.79
N TYR B 206 -15.97 21.36 -18.49
CA TYR B 206 -17.26 20.95 -17.96
C TYR B 206 -18.37 21.81 -18.59
N ILE B 207 -18.21 23.13 -18.49
CA ILE B 207 -19.21 24.08 -18.94
C ILE B 207 -19.25 24.08 -20.46
N LYS B 208 -18.08 23.96 -21.08
CA LYS B 208 -17.98 23.83 -22.53
C LYS B 208 -18.77 22.61 -22.99
N GLY B 209 -18.63 21.49 -22.28
CA GLY B 209 -19.33 20.26 -22.61
C GLY B 209 -20.85 20.43 -22.58
N LEU B 210 -21.36 21.17 -21.60
CA LEU B 210 -22.79 21.39 -21.49
C LEU B 210 -23.26 22.26 -22.65
N ASN B 211 -22.43 23.23 -23.04
CA ASN B 211 -22.77 24.11 -24.14
C ASN B 211 -22.85 23.28 -25.43
N GLU B 212 -21.93 22.32 -25.59
CA GLU B 212 -21.90 21.46 -26.76
C GLU B 212 -23.13 20.56 -26.78
N LEU B 213 -23.52 20.02 -25.63
CA LEU B 213 -24.71 19.19 -25.55
C LEU B 213 -25.95 20.02 -25.89
N ASN B 214 -25.95 21.31 -25.55
CA ASN B 214 -27.13 22.15 -25.77
C ASN B 214 -27.26 22.47 -27.25
N GLY B 215 -26.14 22.44 -27.98
CA GLY B 215 -26.16 22.41 -29.44
C GLY B 215 -25.55 23.63 -30.10
N LEU B 216 -24.91 24.52 -29.33
CA LEU B 216 -24.20 25.68 -29.88
C LEU B 216 -25.08 26.45 -30.87
N ASP B 217 -26.38 26.61 -30.57
CA ASP B 217 -27.33 27.20 -31.51
C ASP B 217 -27.99 28.47 -30.94
N LYS B 218 -27.58 28.86 -29.72
CA LYS B 218 -28.05 30.07 -29.08
C LYS B 218 -26.89 30.67 -28.28
N PRO B 219 -26.95 31.97 -27.90
CA PRO B 219 -25.95 32.53 -27.01
C PRO B 219 -25.94 31.84 -25.66
N PHE B 220 -24.75 31.75 -25.05
CA PHE B 220 -24.59 31.24 -23.69
C PHE B 220 -24.07 32.35 -22.78
N ILE B 221 -24.68 32.49 -21.59
CA ILE B 221 -24.24 33.41 -20.57
C ILE B 221 -24.14 32.69 -19.22
N THR B 222 -23.29 33.20 -18.33
CA THR B 222 -23.23 32.76 -16.94
C THR B 222 -24.01 33.76 -16.09
N THR B 223 -24.82 33.26 -15.16
CA THR B 223 -25.69 34.07 -14.33
C THR B 223 -25.21 34.13 -12.86
N GLU B 224 -24.17 33.35 -12.53
CA GLU B 224 -23.49 33.41 -11.24
C GLU B 224 -22.12 32.72 -11.37
N PHE B 225 -21.12 33.23 -10.63
CA PHE B 225 -19.89 32.53 -10.34
C PHE B 225 -19.13 33.32 -9.29
N GLY B 226 -18.37 32.62 -8.42
CA GLY B 226 -17.57 33.33 -7.44
C GLY B 226 -17.23 32.49 -6.22
N TYR B 227 -16.83 33.20 -5.16
CA TYR B 227 -16.22 32.61 -3.98
C TYR B 227 -16.57 33.43 -2.74
N SER B 228 -16.77 32.71 -1.62
CA SER B 228 -17.10 33.28 -0.32
C SER B 228 -15.86 33.36 0.57
N VAL B 229 -15.76 34.46 1.34
CA VAL B 229 -14.61 34.71 2.18
C VAL B 229 -15.01 34.62 3.66
N SER B 230 -15.99 33.77 3.96
CA SER B 230 -16.41 33.58 5.32
C SER B 230 -15.20 33.19 6.17
N PRO B 231 -15.08 33.69 7.41
CA PRO B 231 -14.03 33.25 8.32
C PRO B 231 -13.88 31.73 8.45
N GLU B 232 -15.01 31.04 8.51
CA GLU B 232 -15.09 29.60 8.63
C GLU B 232 -16.29 29.08 7.83
N GLY B 233 -16.44 27.76 7.85
CA GLY B 233 -17.65 27.09 7.41
C GLY B 233 -17.53 26.61 5.98
N GLY B 234 -18.55 25.84 5.55
CA GLY B 234 -18.59 25.28 4.22
C GLY B 234 -17.63 24.10 4.12
N ASN B 235 -17.08 23.87 2.93
CA ASN B 235 -16.06 22.83 2.78
C ASN B 235 -15.31 23.06 1.47
N GLY B 236 -14.00 22.76 1.51
CA GLY B 236 -13.11 23.05 0.41
C GLY B 236 -13.17 24.54 0.05
N GLN B 237 -13.34 24.79 -1.25
CA GLN B 237 -13.36 26.13 -1.79
C GLN B 237 -14.74 26.78 -1.62
N TYR B 238 -15.73 26.04 -1.11
CA TYR B 238 -17.02 26.61 -0.78
C TYR B 238 -16.92 27.14 0.64
N GLY B 239 -16.89 28.48 0.77
CA GLY B 239 -16.60 29.11 2.04
C GLY B 239 -15.09 29.21 2.30
N SER B 240 -14.73 30.02 3.31
CA SER B 240 -13.43 30.01 3.95
C SER B 240 -12.27 30.40 3.01
N ASN B 241 -12.54 31.13 1.90
CA ASN B 241 -11.45 31.63 1.07
C ASN B 241 -10.86 32.90 1.68
N THR B 242 -9.55 33.14 1.46
CA THR B 242 -8.93 34.43 1.75
C THR B 242 -9.39 35.44 0.71
N LEU B 243 -9.14 36.71 1.00
CA LEU B 243 -9.45 37.78 0.06
C LEU B 243 -8.67 37.57 -1.24
N LYS B 244 -7.43 37.08 -1.15
CA LYS B 244 -6.60 36.85 -2.31
C LYS B 244 -7.16 35.69 -3.12
N GLN B 245 -7.57 34.61 -2.45
CA GLN B 245 -8.17 33.48 -3.14
C GLN B 245 -9.46 33.89 -3.86
N GLN B 246 -10.23 34.80 -3.26
CA GLN B 246 -11.44 35.29 -3.90
C GLN B 246 -11.07 36.01 -5.20
N SER B 247 -10.10 36.91 -5.12
CA SER B 247 -9.70 37.73 -6.25
C SER B 247 -9.19 36.84 -7.39
N ASP B 248 -8.21 35.99 -7.08
CA ASP B 248 -7.60 35.11 -8.05
C ASP B 248 -8.65 34.18 -8.64
N GLY B 249 -9.57 33.70 -7.79
CA GLY B 249 -10.61 32.79 -8.22
C GLY B 249 -11.53 33.44 -9.25
N LEU B 250 -11.93 34.70 -9.07
CA LEU B 250 -12.90 35.32 -9.99
C LEU B 250 -12.21 35.70 -11.32
N ILE B 251 -10.87 35.89 -11.32
CA ILE B 251 -10.16 36.10 -12.58
C ILE B 251 -10.00 34.76 -13.31
N SER B 252 -9.68 33.71 -12.56
CA SER B 252 -9.61 32.38 -13.11
C SER B 252 -10.95 31.98 -13.72
N ASN B 253 -12.05 32.22 -13.02
CA ASN B 253 -13.38 31.86 -13.49
C ASN B 253 -13.75 32.64 -14.75
N TYR B 254 -13.40 33.93 -14.80
CA TYR B 254 -13.76 34.78 -15.92
C TYR B 254 -13.16 34.16 -17.19
N ARG B 255 -11.87 33.83 -17.12
CA ARG B 255 -11.13 33.31 -18.26
C ARG B 255 -11.75 32.01 -18.73
N ASP B 256 -11.96 31.09 -17.76
CA ASP B 256 -12.44 29.75 -18.04
C ASP B 256 -13.82 29.79 -18.70
N LEU B 257 -14.70 30.68 -18.24
CA LEU B 257 -16.07 30.69 -18.70
C LEU B 257 -16.16 31.33 -20.10
N ILE B 258 -15.27 32.28 -20.41
CA ILE B 258 -15.17 32.79 -21.77
C ILE B 258 -14.68 31.65 -22.67
N ASP B 259 -13.68 30.90 -22.17
CA ASP B 259 -13.10 29.77 -22.90
C ASP B 259 -14.15 28.68 -23.18
N ALA B 260 -15.20 28.62 -22.36
CA ALA B 260 -16.28 27.65 -22.55
C ALA B 260 -17.29 28.12 -23.60
N GLY B 261 -17.20 29.39 -24.02
CA GLY B 261 -18.02 29.90 -25.10
C GLY B 261 -18.97 31.01 -24.67
N ALA B 262 -18.83 31.54 -23.45
CA ALA B 262 -19.82 32.47 -22.95
C ALA B 262 -19.60 33.87 -23.52
N VAL B 263 -20.71 34.58 -23.75
CA VAL B 263 -20.70 35.92 -24.33
C VAL B 263 -21.45 36.89 -23.42
N GLY B 264 -21.63 36.47 -22.15
CA GLY B 264 -22.25 37.28 -21.11
C GLY B 264 -21.90 36.71 -19.74
N MSE B 265 -21.69 37.60 -18.77
CA MSE B 265 -21.06 37.22 -17.50
C MSE B 265 -21.72 37.95 -16.34
O MSE B 265 -21.84 39.19 -16.36
CB MSE B 265 -19.56 37.54 -17.54
CG MSE B 265 -18.83 36.84 -18.65
SE MSE B 265 -18.55 34.93 -18.28
CE MSE B 265 -17.87 34.45 -20.00
N CYS B 266 -22.13 37.19 -15.32
CA CYS B 266 -22.74 37.74 -14.12
C CYS B 266 -22.03 37.22 -12.90
N PRO B 267 -20.80 37.70 -12.60
CA PRO B 267 -20.13 37.35 -11.36
C PRO B 267 -21.03 37.56 -10.14
N PHE B 268 -20.82 36.73 -9.12
CA PHE B 268 -21.61 36.84 -7.85
C PHE B 268 -20.67 37.36 -6.76
N TYR B 269 -21.13 38.32 -5.95
CA TYR B 269 -22.00 39.44 -6.41
C TYR B 269 -21.49 40.78 -5.88
N TYR B 270 -22.35 41.79 -5.85
CA TYR B 270 -21.96 43.13 -5.44
C TYR B 270 -21.54 43.13 -3.96
N ALA B 271 -22.42 42.66 -3.08
CA ALA B 271 -22.27 42.92 -1.65
C ALA B 271 -22.88 41.80 -0.81
N ASP B 272 -22.31 41.63 0.40
CA ASP B 272 -22.74 40.62 1.35
C ASP B 272 -24.20 40.81 1.75
N GLY B 273 -24.85 39.67 2.00
CA GLY B 273 -26.20 39.64 2.55
C GLY B 273 -26.22 38.87 3.85
N TRP B 274 -26.23 39.60 4.98
CA TRP B 274 -26.16 39.01 6.30
C TRP B 274 -27.37 38.11 6.57
N TRP B 275 -28.48 38.40 5.87
CA TRP B 275 -29.73 37.66 6.04
C TRP B 275 -29.59 36.22 5.56
N LYS B 276 -28.64 35.96 4.65
CA LYS B 276 -28.60 34.68 3.96
C LYS B 276 -28.26 33.53 4.91
N GLY B 277 -27.85 33.82 6.14
CA GLY B 277 -27.50 32.77 7.10
C GLY B 277 -28.47 32.67 8.27
N GLY B 278 -29.52 33.51 8.28
CA GLY B 278 -30.64 33.30 9.18
C GLY B 278 -30.91 34.48 10.12
N GLU B 279 -29.84 35.04 10.71
CA GLU B 279 -29.95 36.24 11.51
C GLU B 279 -29.45 37.44 10.70
N LYS B 280 -30.38 38.36 10.44
CA LYS B 280 -30.13 39.44 9.48
C LYS B 280 -29.31 40.56 10.11
N SER B 281 -29.28 40.63 11.45
CA SER B 281 -28.56 41.66 12.15
C SER B 281 -27.22 41.14 12.67
N ASP B 282 -26.84 39.93 12.24
CA ASP B 282 -25.62 39.29 12.70
C ASP B 282 -24.84 38.81 11.48
N HIS B 283 -23.51 39.05 11.52
CA HIS B 283 -22.63 38.57 10.47
C HIS B 283 -21.96 37.30 10.97
N SER B 284 -22.57 36.16 10.66
CA SER B 284 -22.19 34.90 11.27
C SER B 284 -20.84 34.43 10.73
N LEU B 285 -19.92 34.03 11.63
CA LEU B 285 -18.56 33.70 11.23
C LEU B 285 -18.50 32.46 10.36
N ASN B 286 -19.51 31.57 10.43
CA ASN B 286 -19.39 30.26 9.83
C ASN B 286 -20.46 29.98 8.76
N GLN B 287 -21.07 31.03 8.20
CA GLN B 287 -22.04 30.88 7.12
C GLN B 287 -21.47 31.40 5.81
N PRO B 288 -20.96 30.52 4.93
CA PRO B 288 -20.46 30.93 3.64
C PRO B 288 -21.38 31.88 2.86
N GLU B 289 -22.70 31.67 2.94
CA GLU B 289 -23.63 32.41 2.11
C GLU B 289 -23.61 33.91 2.42
N GLU B 290 -23.12 34.31 3.61
CA GLU B 290 -23.15 35.70 4.03
C GLU B 290 -21.86 36.45 3.64
N TRP B 291 -20.97 35.86 2.84
CA TRP B 291 -19.68 36.48 2.55
C TRP B 291 -19.29 36.34 1.08
N PHE B 292 -20.25 36.46 0.15
CA PHE B 292 -19.96 36.31 -1.27
C PHE B 292 -19.72 37.67 -1.96
N GLY B 293 -19.92 38.76 -1.25
CA GLY B 293 -19.85 40.07 -1.87
C GLY B 293 -18.45 40.49 -2.32
N PHE B 294 -18.41 41.39 -3.32
CA PHE B 294 -17.21 42.11 -3.67
C PHE B 294 -17.02 43.27 -2.71
N TRP B 295 -18.11 43.67 -2.04
CA TRP B 295 -18.11 44.68 -0.98
C TRP B 295 -18.53 44.04 0.35
N GLY B 296 -17.89 44.50 1.43
CA GLY B 296 -18.25 44.06 2.78
C GLY B 296 -18.59 45.26 3.68
N TYR B 297 -19.47 45.00 4.66
CA TYR B 297 -19.90 46.00 5.62
C TYR B 297 -19.08 45.85 6.90
N SER B 298 -18.79 46.98 7.54
CA SER B 298 -17.95 47.05 8.73
C SER B 298 -18.68 46.49 9.96
N ASP B 299 -19.98 46.76 10.06
CA ASP B 299 -20.79 46.41 11.21
C ASP B 299 -22.26 46.70 10.88
N LEU B 300 -23.16 46.44 11.83
CA LEU B 300 -24.59 46.53 11.63
C LEU B 300 -25.02 47.91 11.14
N ASN B 301 -24.30 48.97 11.52
CA ASN B 301 -24.68 50.35 11.24
C ASN B 301 -24.19 50.84 9.88
N ASP B 302 -23.37 50.06 9.19
CA ASP B 302 -22.78 50.45 7.92
C ASP B 302 -23.72 50.10 6.78
N LYS B 303 -24.22 51.11 6.07
CA LYS B 303 -25.12 50.88 4.93
C LYS B 303 -24.37 51.01 3.61
N TYR B 304 -23.05 51.26 3.65
CA TYR B 304 -22.30 51.58 2.44
C TYR B 304 -21.24 50.52 2.17
N GLY B 305 -20.41 50.24 3.16
CA GLY B 305 -19.40 49.21 3.00
C GLY B 305 -18.23 49.69 2.15
N THR B 306 -17.37 48.75 1.80
CA THR B 306 -16.09 49.02 1.16
C THR B 306 -15.78 47.88 0.20
N PRO B 307 -15.17 48.16 -0.97
CA PRO B 307 -14.79 47.08 -1.89
C PRO B 307 -13.58 46.27 -1.41
N ARG B 308 -13.66 44.95 -1.58
CA ARG B 308 -12.58 44.00 -1.33
C ARG B 308 -11.67 43.92 -2.56
N PRO B 309 -10.47 43.32 -2.45
CA PRO B 309 -9.49 43.32 -3.55
C PRO B 309 -10.05 42.88 -4.89
N VAL B 310 -10.96 41.88 -4.86
CA VAL B 310 -11.55 41.32 -6.07
C VAL B 310 -12.18 42.42 -6.95
N TRP B 311 -12.75 43.44 -6.31
CA TRP B 311 -13.38 44.53 -7.04
C TRP B 311 -12.42 45.21 -8.02
N PHE B 312 -11.19 45.47 -7.57
CA PHE B 312 -10.22 46.19 -8.38
C PHE B 312 -9.60 45.26 -9.41
N ALA B 313 -9.39 44.01 -9.04
CA ALA B 313 -8.86 43.04 -9.99
C ALA B 313 -9.84 42.87 -11.15
N MSE B 314 -11.14 42.79 -10.85
CA MSE B 314 -12.16 42.62 -11.88
C MSE B 314 -12.27 43.86 -12.76
O MSE B 314 -12.40 43.74 -13.97
CB MSE B 314 -13.52 42.30 -11.25
CG MSE B 314 -13.59 40.84 -10.73
SE MSE B 314 -13.90 39.59 -12.20
CE MSE B 314 -15.81 40.00 -12.41
N ARG B 315 -12.23 45.04 -12.15
CA ARG B 315 -12.27 46.28 -12.92
C ARG B 315 -11.11 46.32 -13.92
N ASP B 316 -9.89 46.09 -13.44
CA ASP B 316 -8.72 46.15 -14.30
C ASP B 316 -8.80 45.07 -15.37
N TYR B 317 -9.32 43.89 -15.03
CA TYR B 317 -9.37 42.78 -15.97
C TYR B 317 -10.39 43.02 -17.09
N MSE B 318 -11.48 43.73 -16.81
CA MSE B 318 -12.59 43.83 -17.73
C MSE B 318 -12.33 44.85 -18.85
O MSE B 318 -13.13 44.94 -19.79
CB MSE B 318 -13.86 44.19 -16.98
CG MSE B 318 -14.65 42.98 -16.55
SE MSE B 318 -16.07 43.66 -15.42
CE MSE B 318 -17.33 42.26 -15.77
N LYS B 319 -11.24 45.62 -18.75
CA LYS B 319 -10.99 46.71 -19.68
C LYS B 319 -10.79 46.20 -21.11
N GLY B 320 -10.07 45.08 -21.24
CA GLY B 320 -9.87 44.44 -22.54
C GLY B 320 -10.06 42.93 -22.44
N LEU B 321 -11.17 42.43 -22.99
CA LEU B 321 -11.50 41.02 -22.89
C LEU B 321 -11.05 40.30 -24.15
N ILE B 322 -10.42 39.14 -23.95
CA ILE B 322 -10.05 38.25 -25.04
C ILE B 322 -11.10 37.14 -25.14
N ILE B 323 -11.84 37.07 -26.23
CA ILE B 323 -12.85 36.03 -26.43
C ILE B 323 -12.25 34.89 -27.27
N SER B 324 -11.42 35.27 -28.25
CA SER B 324 -10.69 34.32 -29.08
C SER B 324 -9.32 34.91 -29.36
N PRO B 325 -8.22 34.13 -29.36
CA PRO B 325 -8.25 32.71 -29.05
C PRO B 325 -8.50 32.39 -27.58
N LYS B 326 -8.92 31.15 -27.33
CA LYS B 326 -9.27 30.69 -25.99
C LYS B 326 -8.07 30.00 -25.35
N ASN B 327 -7.98 30.14 -24.03
CA ASN B 327 -6.94 29.49 -23.24
C ASN B 327 -7.15 27.98 -23.27
N LYS B 328 -6.04 27.24 -23.41
CA LYS B 328 -6.04 25.79 -23.45
C LYS B 328 -6.80 25.29 -24.68
N SER B 329 -6.67 26.04 -25.79
CA SER B 329 -7.27 25.67 -27.07
C SER B 329 -6.20 25.04 -27.94
N ILE B 330 -6.64 24.17 -28.85
CA ILE B 330 -5.78 23.35 -29.69
C ILE B 330 -6.08 23.70 -31.14
N HIS B 331 -5.04 24.04 -31.90
CA HIS B 331 -5.19 24.59 -33.24
C HIS B 331 -4.37 23.76 -34.22
N THR B 332 -4.96 23.48 -35.39
CA THR B 332 -4.27 22.78 -36.47
C THR B 332 -4.25 23.68 -37.72
N ASN B 333 -3.92 24.96 -37.54
CA ASN B 333 -4.00 25.94 -38.60
C ASN B 333 -2.99 27.04 -38.30
N THR B 334 -2.48 27.75 -39.33
CA THR B 334 -1.59 28.88 -39.09
C THR B 334 -2.38 30.16 -38.82
N LYS B 335 -3.71 30.12 -39.05
CA LYS B 335 -4.56 31.29 -38.84
C LYS B 335 -5.44 31.04 -37.62
N ILE B 336 -5.30 31.92 -36.61
CA ILE B 336 -6.02 31.80 -35.36
C ILE B 336 -7.02 32.95 -35.27
N PRO B 337 -8.34 32.67 -35.24
CA PRO B 337 -9.32 33.73 -35.05
C PRO B 337 -9.07 34.56 -33.80
N LEU B 338 -9.19 35.88 -33.94
CA LEU B 338 -9.03 36.84 -32.84
C LEU B 338 -10.35 37.59 -32.63
N GLU B 339 -10.80 37.62 -31.37
CA GLU B 339 -12.00 38.36 -31.01
C GLU B 339 -11.76 39.06 -29.68
N LEU B 340 -11.92 40.40 -29.68
CA LEU B 340 -11.73 41.20 -28.48
C LEU B 340 -13.01 41.99 -28.21
N TYR B 341 -13.25 42.32 -26.93
CA TYR B 341 -14.27 43.28 -26.54
C TYR B 341 -13.60 44.29 -25.61
N ASN B 342 -13.37 45.49 -26.14
CA ASN B 342 -12.58 46.52 -25.45
C ASN B 342 -13.43 47.70 -24.98
N ASP B 343 -13.06 48.24 -23.81
CA ASP B 343 -13.65 49.48 -23.36
C ASP B 343 -12.90 50.67 -24.00
N LYS B 344 -13.41 51.86 -23.75
CA LYS B 344 -12.98 53.03 -24.48
C LYS B 344 -11.54 53.43 -24.11
N ASP B 345 -10.96 52.89 -23.03
CA ASP B 345 -9.61 53.27 -22.65
C ASP B 345 -8.55 52.56 -23.49
N VAL B 346 -8.92 51.44 -24.13
CA VAL B 346 -7.97 50.62 -24.88
C VAL B 346 -7.74 51.24 -26.25
N LYS B 347 -6.49 51.61 -26.55
CA LYS B 347 -6.13 52.24 -27.82
C LYS B 347 -5.20 51.37 -28.66
N LYS B 348 -4.53 50.37 -28.05
CA LYS B 348 -3.64 49.49 -28.80
C LYS B 348 -3.64 48.12 -28.13
N VAL B 349 -3.57 47.08 -28.94
CA VAL B 349 -3.39 45.70 -28.48
C VAL B 349 -2.19 45.11 -29.18
N VAL B 350 -1.33 44.43 -28.42
CA VAL B 350 -0.16 43.77 -29.00
C VAL B 350 -0.15 42.33 -28.51
N VAL B 351 0.27 41.41 -29.39
CA VAL B 351 0.44 40.02 -29.04
C VAL B 351 1.88 39.62 -29.32
N LYS B 352 2.52 39.00 -28.32
CA LYS B 352 3.90 38.57 -28.45
C LYS B 352 4.04 37.07 -28.21
N PHE B 353 5.11 36.51 -28.77
CA PHE B 353 5.55 35.17 -28.47
C PHE B 353 7.06 35.18 -28.46
N ARG B 354 7.64 34.72 -27.35
CA ARG B 354 9.07 34.78 -27.10
C ARG B 354 9.59 36.20 -27.35
N ASP B 355 8.86 37.19 -26.82
CA ASP B 355 9.29 38.59 -26.78
C ASP B 355 9.33 39.21 -28.19
N LYS B 356 8.62 38.59 -29.14
CA LYS B 356 8.55 39.12 -30.49
C LYS B 356 7.09 39.36 -30.88
N VAL B 357 6.84 40.49 -31.54
CA VAL B 357 5.48 40.90 -31.86
C VAL B 357 4.98 40.00 -32.98
N ILE B 358 3.78 39.41 -32.80
CA ILE B 358 3.15 38.67 -33.89
C ILE B 358 1.88 39.37 -34.35
N TYR B 359 1.38 40.34 -33.59
CA TYR B 359 0.17 41.05 -33.94
C TYR B 359 0.16 42.40 -33.23
N SER B 360 -0.30 43.43 -33.94
CA SER B 360 -0.34 44.79 -33.38
C SER B 360 -1.39 45.61 -34.11
N LYS B 361 -2.39 46.11 -33.38
CA LYS B 361 -3.41 46.95 -34.00
C LYS B 361 -3.73 48.15 -33.12
N ASN B 362 -3.85 49.33 -33.75
CA ASN B 362 -4.42 50.51 -33.12
C ASN B 362 -5.94 50.40 -33.13
N ILE B 363 -6.57 50.50 -31.96
CA ILE B 363 -8.01 50.37 -31.81
C ILE B 363 -8.68 51.71 -32.11
N THR B 364 -9.51 51.75 -33.16
CA THR B 364 -10.15 52.96 -33.64
C THR B 364 -11.49 53.17 -32.94
N SER B 365 -11.99 52.12 -32.29
CA SER B 365 -13.41 51.99 -32.01
C SER B 365 -13.59 51.00 -30.86
N GLU B 366 -14.33 51.38 -29.82
CA GLU B 366 -14.51 50.55 -28.64
C GLU B 366 -15.49 49.41 -28.95
N GLY B 367 -15.56 48.43 -28.05
CA GLY B 367 -16.47 47.30 -28.21
C GLY B 367 -15.83 46.13 -28.95
N TYR B 368 -16.65 45.42 -29.73
CA TYR B 368 -16.22 44.18 -30.37
C TYR B 368 -15.33 44.46 -31.57
N MSE B 369 -14.28 43.64 -31.73
CA MSE B 369 -13.53 43.61 -32.99
C MSE B 369 -13.06 42.19 -33.27
O MSE B 369 -12.83 41.41 -32.35
CB MSE B 369 -12.37 44.62 -32.93
CG MSE B 369 -11.37 44.34 -31.83
SE MSE B 369 -9.61 43.75 -32.53
CE MSE B 369 -9.10 45.42 -33.40
N ALA B 370 -12.89 41.89 -34.56
CA ALA B 370 -12.46 40.58 -35.03
C ALA B 370 -11.28 40.73 -36.00
N ASP B 371 -10.34 39.77 -35.95
CA ASP B 371 -9.18 39.76 -36.84
C ASP B 371 -8.62 38.34 -36.84
N GLU B 372 -7.43 38.11 -37.40
CA GLU B 372 -6.76 36.83 -37.26
C GLU B 372 -5.29 37.01 -36.91
N LEU B 373 -4.73 36.06 -36.15
CA LEU B 373 -3.29 35.98 -35.90
C LEU B 373 -2.69 35.02 -36.92
N THR B 374 -1.45 35.30 -37.33
CA THR B 374 -0.64 34.36 -38.07
C THR B 374 0.43 33.80 -37.13
N ILE B 375 0.60 32.47 -37.14
CA ILE B 375 1.62 31.80 -36.33
C ILE B 375 2.34 30.82 -37.24
N ASP B 376 3.53 30.38 -36.80
CA ASP B 376 4.37 29.53 -37.61
C ASP B 376 4.96 28.42 -36.74
N PRO B 377 4.14 27.49 -36.20
CA PRO B 377 4.64 26.46 -35.31
C PRO B 377 5.51 25.42 -36.04
N VAL B 378 6.61 25.04 -35.36
CA VAL B 378 7.45 23.92 -35.77
C VAL B 378 6.89 22.64 -35.15
N GLY B 379 6.44 21.73 -36.01
CA GLY B 379 5.79 20.51 -35.55
C GLY B 379 4.57 20.84 -34.70
N ILE B 380 4.52 20.26 -33.49
CA ILE B 380 3.58 20.63 -32.44
C ILE B 380 4.33 21.54 -31.47
N GLU B 381 3.74 22.72 -31.21
CA GLU B 381 4.33 23.72 -30.32
C GLU B 381 3.28 24.26 -29.36
N ASP B 382 3.58 24.17 -28.07
CA ASP B 382 2.89 24.91 -27.03
C ASP B 382 3.31 26.37 -27.12
N MSE B 383 2.34 27.28 -27.02
CA MSE B 383 2.64 28.69 -27.19
C MSE B 383 1.87 29.50 -26.13
O MSE B 383 0.66 29.38 -26.03
CB MSE B 383 2.26 29.17 -28.60
CG MSE B 383 2.82 28.32 -29.72
SE MSE B 383 2.56 29.15 -31.48
CE MSE B 383 0.70 29.44 -31.43
N GLU B 384 2.62 30.30 -25.38
CA GLU B 384 2.06 31.31 -24.50
C GLU B 384 1.95 32.62 -25.28
N LEU B 385 0.76 32.93 -25.78
CA LEU B 385 0.51 34.17 -26.50
C LEU B 385 0.33 35.27 -25.45
N ALA B 386 1.25 36.26 -25.48
CA ALA B 386 1.29 37.32 -24.49
C ALA B 386 0.60 38.58 -25.02
N PHE B 387 -0.56 38.89 -24.45
CA PHE B 387 -1.35 40.05 -24.86
C PHE B 387 -1.01 41.25 -23.98
N GLU B 388 -0.93 42.42 -24.62
CA GLU B 388 -0.69 43.70 -23.97
C GLU B 388 -1.74 44.72 -24.45
N PHE B 389 -2.37 45.41 -23.49
CA PHE B 389 -3.33 46.45 -23.78
C PHE B 389 -2.75 47.81 -23.36
N TYR B 390 -2.93 48.83 -24.22
CA TYR B 390 -2.35 50.15 -24.02
C TYR B 390 -3.44 51.23 -24.01
N ASP B 391 -3.20 52.28 -23.21
CA ASP B 391 -4.07 53.45 -23.16
C ASP B 391 -3.54 54.47 -24.15
N SER B 392 -4.18 55.66 -24.16
CA SER B 392 -3.84 56.71 -25.12
C SER B 392 -2.45 57.30 -24.88
N ASP B 393 -1.88 57.09 -23.69
CA ASP B 393 -0.53 57.55 -23.36
C ASP B 393 0.50 56.47 -23.64
N ASN B 394 0.06 55.38 -24.26
CA ASN B 394 0.94 54.28 -24.65
C ASN B 394 1.53 53.58 -23.42
N LYS B 395 0.79 53.62 -22.31
CA LYS B 395 1.09 52.87 -21.11
C LYS B 395 0.32 51.56 -21.12
N ILE B 396 0.97 50.49 -20.71
CA ILE B 396 0.31 49.21 -20.60
C ILE B 396 -0.69 49.26 -19.44
N ILE B 397 -1.89 48.72 -19.63
CA ILE B 397 -2.90 48.71 -18.58
C ILE B 397 -3.35 47.30 -18.24
N LYS B 398 -3.03 46.29 -19.07
CA LYS B 398 -3.36 44.91 -18.76
C LYS B 398 -2.42 43.96 -19.50
N ASN B 399 -1.99 42.89 -18.80
CA ASN B 399 -1.31 41.76 -19.40
C ASN B 399 -2.23 40.55 -19.29
N GLU B 400 -2.27 39.70 -20.32
CA GLU B 400 -2.98 38.43 -20.20
C GLU B 400 -2.37 37.44 -21.20
N SER B 401 -2.10 36.21 -20.71
CA SER B 401 -1.62 35.12 -21.55
C SER B 401 -2.80 34.28 -22.04
N ILE B 402 -2.74 33.85 -23.31
CA ILE B 402 -3.57 32.77 -23.83
C ILE B 402 -2.64 31.63 -24.26
N ASN B 403 -2.83 30.46 -23.64
CA ASN B 403 -2.00 29.30 -23.93
C ASN B 403 -2.67 28.39 -24.95
N ILE B 404 -1.98 28.12 -26.05
CA ILE B 404 -2.52 27.26 -27.10
C ILE B 404 -1.50 26.18 -27.45
N LEU B 405 -2.01 25.11 -28.08
CA LEU B 405 -1.21 24.03 -28.62
C LEU B 405 -1.50 23.95 -30.11
N ALA B 406 -0.48 24.16 -30.95
CA ALA B 406 -0.71 24.43 -32.36
C ALA B 406 0.22 23.64 -33.25
N SER B 407 -0.25 23.37 -34.47
CA SER B 407 0.53 22.74 -35.51
C SER B 407 -0.06 23.14 -36.86
N LYS B 408 0.75 23.09 -37.92
CA LYS B 408 0.26 23.32 -39.27
C LYS B 408 -0.64 22.17 -39.71
N THR B 409 -0.35 20.95 -39.23
CA THR B 409 -1.07 19.74 -39.60
C THR B 409 -1.77 19.18 -38.37
N ALA B 410 -2.77 18.32 -38.61
CA ALA B 410 -3.45 17.58 -37.56
C ALA B 410 -2.48 16.60 -36.90
N PHE B 411 -2.77 16.26 -35.63
CA PHE B 411 -1.93 15.38 -34.84
C PHE B 411 -2.81 14.62 -33.83
N GLU B 412 -2.33 13.46 -33.37
CA GLU B 412 -3.06 12.59 -32.48
C GLU B 412 -2.94 13.11 -31.04
N LEU B 413 -4.07 13.15 -30.34
CA LEU B 413 -4.12 13.42 -28.91
C LEU B 413 -4.34 12.11 -28.15
N PRO B 414 -3.95 12.01 -26.85
CA PRO B 414 -4.46 10.95 -26.00
C PRO B 414 -5.94 11.14 -25.75
N GLU B 415 -6.66 10.04 -25.57
CA GLU B 415 -8.11 10.05 -25.51
C GLU B 415 -8.57 9.23 -24.31
N LEU B 416 -9.57 9.75 -23.59
CA LEU B 416 -10.17 9.04 -22.48
C LEU B 416 -11.66 8.83 -22.78
N THR B 417 -12.11 7.57 -22.68
CA THR B 417 -13.52 7.21 -22.79
C THR B 417 -13.90 6.32 -21.60
N ILE B 418 -15.19 6.33 -21.24
CA ILE B 418 -15.72 5.48 -20.18
C ILE B 418 -16.92 4.69 -20.70
N GLU B 419 -17.14 3.51 -20.11
CA GLU B 419 -18.37 2.77 -20.24
C GLU B 419 -18.98 2.65 -18.83
N VAL B 420 -20.27 2.95 -18.72
CA VAL B 420 -20.94 2.99 -17.42
C VAL B 420 -22.02 1.90 -17.36
N THR B 421 -22.17 1.31 -16.16
CA THR B 421 -23.20 0.32 -15.87
C THR B 421 -23.98 0.84 -14.66
N PRO B 422 -25.30 0.52 -14.59
CA PRO B 422 -26.21 0.68 -15.72
C PRO B 422 -25.94 1.83 -16.67
N GLU B 423 -26.20 1.55 -17.95
CA GLU B 423 -25.80 2.39 -19.06
C GLU B 423 -26.90 3.40 -19.38
N LYS B 424 -28.15 2.98 -19.30
CA LYS B 424 -29.28 3.80 -19.76
C LYS B 424 -30.35 3.94 -18.68
N ASP B 425 -30.47 2.99 -17.75
CA ASP B 425 -31.57 2.99 -16.80
C ASP B 425 -31.11 2.48 -15.43
N LEU B 426 -31.12 3.39 -14.43
CA LEU B 426 -30.65 3.10 -13.09
C LEU B 426 -31.52 2.07 -12.38
N ASN B 427 -32.74 1.84 -12.87
CA ASN B 427 -33.60 0.79 -12.31
C ASN B 427 -33.02 -0.61 -12.57
N GLU B 428 -32.04 -0.74 -13.47
CA GLU B 428 -31.52 -2.05 -13.86
C GLU B 428 -30.42 -2.52 -12.89
N GLY B 429 -30.25 -1.83 -11.75
CA GLY B 429 -29.31 -2.34 -10.75
C GLY B 429 -29.22 -1.43 -9.54
N LYS B 430 -28.75 -2.01 -8.43
CA LYS B 430 -28.46 -1.26 -7.21
C LYS B 430 -27.01 -0.81 -7.18
N ILE B 431 -26.17 -1.33 -8.08
CA ILE B 431 -24.75 -1.03 -8.06
C ILE B 431 -24.29 -0.61 -9.44
N ALA B 432 -23.41 0.40 -9.49
CA ALA B 432 -22.87 0.91 -10.75
C ALA B 432 -21.35 0.67 -10.85
N SER B 433 -20.86 0.69 -12.09
CA SER B 433 -19.43 0.69 -12.39
C SER B 433 -19.10 1.73 -13.45
N ILE B 434 -17.93 2.34 -13.32
CA ILE B 434 -17.35 3.15 -14.38
C ILE B 434 -16.05 2.48 -14.83
N LYS B 435 -16.03 2.04 -16.08
CA LYS B 435 -14.87 1.43 -16.71
C LYS B 435 -14.16 2.49 -17.54
N THR B 436 -12.92 2.81 -17.18
CA THR B 436 -12.18 3.88 -17.81
C THR B 436 -11.13 3.30 -18.75
N LYS B 437 -11.00 3.91 -19.93
CA LYS B 437 -10.00 3.53 -20.91
C LYS B 437 -9.27 4.77 -21.42
N ILE B 438 -7.93 4.75 -21.34
CA ILE B 438 -7.08 5.85 -21.76
C ILE B 438 -6.12 5.35 -22.84
N GLU B 439 -6.28 5.86 -24.08
CA GLU B 439 -5.33 5.56 -25.15
C GLU B 439 -4.20 6.58 -25.06
N THR B 440 -2.98 6.11 -24.78
CA THR B 440 -1.84 7.02 -24.67
C THR B 440 -1.42 7.50 -26.05
N SER B 441 -0.55 8.51 -26.07
CA SER B 441 0.01 9.03 -27.30
C SER B 441 1.42 9.49 -26.99
N GLU B 442 2.39 9.16 -27.85
CA GLU B 442 3.83 9.44 -27.58
C GLU B 442 4.13 10.83 -26.98
N ASN B 443 4.13 11.89 -27.78
CA ASN B 443 4.59 13.25 -27.32
C ASN B 443 3.80 13.83 -26.14
N PHE B 444 2.89 13.07 -25.52
CA PHE B 444 2.06 13.63 -24.47
C PHE B 444 2.34 12.88 -23.17
N THR B 445 2.44 13.61 -22.06
CA THR B 445 2.67 13.01 -20.75
C THR B 445 1.38 13.07 -19.95
N LEU B 446 0.93 11.92 -19.45
CA LEU B 446 -0.13 11.88 -18.47
C LEU B 446 0.45 12.22 -17.10
N LEU B 447 -0.34 12.89 -16.26
CA LEU B 447 0.01 13.16 -14.88
C LEU B 447 -0.71 12.11 -14.02
N ASP B 448 -0.14 11.73 -12.88
CA ASP B 448 -0.72 10.63 -12.11
C ASP B 448 -1.87 11.18 -11.27
N ASP B 449 -2.96 11.57 -11.93
CA ASP B 449 -4.02 12.27 -11.23
C ASP B 449 -5.40 11.87 -11.78
N LEU B 450 -5.59 10.57 -12.09
CA LEU B 450 -6.85 10.10 -12.66
C LEU B 450 -7.94 10.22 -11.60
N LYS B 451 -9.08 10.84 -11.97
CA LYS B 451 -10.20 11.01 -11.06
C LYS B 451 -11.50 10.50 -11.67
N ILE B 452 -12.37 9.97 -10.80
CA ILE B 452 -13.64 9.36 -11.17
C ILE B 452 -14.72 9.97 -10.31
N SER B 453 -15.88 10.31 -10.91
CA SER B 453 -17.00 10.90 -10.19
C SER B 453 -18.30 10.20 -10.60
N TYR B 454 -19.08 9.76 -9.60
CA TYR B 454 -20.44 9.27 -9.79
C TYR B 454 -21.36 10.20 -9.01
N ASN B 455 -21.76 11.32 -9.64
CA ASN B 455 -22.50 12.36 -8.97
C ASN B 455 -24.00 12.11 -9.07
N THR B 456 -24.60 11.71 -7.93
CA THR B 456 -25.94 11.14 -7.90
C THR B 456 -27.02 12.21 -7.68
N HIS B 457 -26.60 13.49 -7.65
CA HIS B 457 -27.50 14.63 -7.74
C HIS B 457 -28.41 14.76 -6.53
N LEU B 458 -27.99 14.26 -5.36
CA LEU B 458 -28.81 14.36 -4.15
C LEU B 458 -28.57 15.70 -3.47
N GLY B 459 -29.47 16.67 -3.74
CA GLY B 459 -29.26 18.02 -3.27
C GLY B 459 -27.96 18.59 -3.82
N TRP B 460 -27.16 19.19 -2.93
CA TRP B 460 -25.86 19.74 -3.29
C TRP B 460 -24.75 18.71 -3.11
N ALA B 461 -25.05 17.54 -2.55
CA ALA B 461 -24.04 16.52 -2.34
C ALA B 461 -23.56 15.98 -3.69
N ILE B 462 -22.23 15.86 -3.86
CA ILE B 462 -21.64 15.50 -5.15
C ILE B 462 -21.48 13.99 -5.29
N GLY B 463 -21.80 13.22 -4.22
CA GLY B 463 -21.67 11.78 -4.29
C GLY B 463 -20.21 11.33 -4.33
N SER B 464 -20.03 10.05 -4.70
CA SER B 464 -18.74 9.38 -4.59
C SER B 464 -17.74 9.95 -5.59
N GLN B 465 -16.48 9.91 -5.18
CA GLN B 465 -15.37 10.41 -5.97
C GLN B 465 -14.15 9.56 -5.63
N ALA B 466 -13.32 9.22 -6.62
CA ALA B 466 -12.18 8.34 -6.38
C ALA B 466 -10.94 8.84 -7.15
N SER B 467 -9.78 8.72 -6.50
CA SER B 467 -8.49 8.98 -7.12
C SER B 467 -7.82 7.65 -7.39
N VAL B 468 -7.35 7.42 -8.62
CA VAL B 468 -6.79 6.14 -9.02
C VAL B 468 -5.38 6.37 -9.53
N SER B 469 -4.41 5.69 -8.91
CA SER B 469 -3.03 5.75 -9.34
C SER B 469 -2.87 4.95 -10.64
N ILE B 470 -2.05 5.45 -11.56
CA ILE B 470 -1.73 4.71 -12.77
C ILE B 470 -0.22 4.62 -12.91
N SER B 471 0.52 4.72 -11.79
CA SER B 471 1.97 4.62 -11.79
C SER B 471 2.42 3.26 -12.32
N ASP B 472 1.65 2.20 -12.05
CA ASP B 472 2.03 0.86 -12.47
C ASP B 472 1.78 0.64 -13.97
N GLN B 473 1.04 1.52 -14.64
CA GLN B 473 0.62 1.26 -16.01
C GLN B 473 1.17 2.31 -16.99
N LEU B 474 2.28 2.96 -16.64
CA LEU B 474 2.63 4.22 -17.30
C LEU B 474 2.91 4.01 -18.79
N ASP B 475 3.78 3.03 -19.10
CA ASP B 475 4.32 2.86 -20.45
C ASP B 475 3.36 2.10 -21.36
N LYS B 476 2.31 1.48 -20.80
CA LYS B 476 1.33 0.74 -21.59
C LYS B 476 0.56 1.63 -22.55
N LYS B 477 0.10 1.04 -23.66
CA LYS B 477 -0.56 1.75 -24.75
C LYS B 477 -2.00 2.10 -24.36
N ILE B 478 -2.68 1.16 -23.68
CA ILE B 478 -4.03 1.35 -23.18
C ILE B 478 -4.00 1.20 -21.66
N ILE B 479 -4.51 2.20 -20.96
CA ILE B 479 -4.58 2.22 -19.51
C ILE B 479 -6.05 2.13 -19.10
N THR B 480 -6.37 1.19 -18.21
CA THR B 480 -7.76 0.96 -17.84
C THR B 480 -7.92 1.01 -16.32
N SER B 481 -9.18 1.20 -15.90
CA SER B 481 -9.58 1.17 -14.51
C SER B 481 -11.05 0.75 -14.43
N GLU B 482 -11.44 0.15 -13.30
CA GLU B 482 -12.82 -0.23 -13.02
C GLU B 482 -13.15 0.17 -11.60
N ASN B 483 -14.15 1.05 -11.43
CA ASN B 483 -14.54 1.53 -10.12
C ASN B 483 -16.04 1.31 -9.91
N PHE B 484 -16.40 0.97 -8.67
CA PHE B 484 -17.77 0.58 -8.33
C PHE B 484 -18.39 1.61 -7.37
N PHE B 485 -19.72 1.76 -7.48
CA PHE B 485 -20.45 2.73 -6.69
C PHE B 485 -21.84 2.19 -6.39
N ASN B 486 -22.30 2.37 -5.15
CA ASN B 486 -23.63 1.99 -4.75
C ASN B 486 -24.57 3.09 -5.23
N ILE B 487 -25.71 2.71 -5.84
CA ILE B 487 -26.68 3.66 -6.36
C ILE B 487 -27.75 3.91 -5.29
N PRO B 488 -27.87 5.14 -4.74
CA PRO B 488 -28.98 5.44 -3.85
C PRO B 488 -30.33 5.24 -4.52
N ASP B 489 -31.32 4.72 -3.78
CA ASP B 489 -32.63 4.45 -4.33
C ASP B 489 -33.32 5.74 -4.77
N ASN B 490 -32.99 6.87 -4.12
CA ASN B 490 -33.64 8.14 -4.44
C ASN B 490 -32.76 8.98 -5.39
N CYS B 491 -31.79 8.32 -6.05
CA CYS B 491 -31.06 8.96 -7.14
C CYS B 491 -31.88 8.83 -8.43
N TRP B 492 -32.21 9.99 -9.01
CA TRP B 492 -33.07 10.06 -10.19
C TRP B 492 -32.22 10.28 -11.45
N VAL B 493 -31.03 10.85 -11.28
CA VAL B 493 -30.12 11.07 -12.40
C VAL B 493 -28.68 11.13 -11.88
N VAL B 494 -27.75 10.60 -12.67
CA VAL B 494 -26.34 10.61 -12.30
C VAL B 494 -25.52 11.17 -13.47
N ASN B 495 -24.53 12.00 -13.12
CA ASN B 495 -23.45 12.36 -14.02
C ASN B 495 -22.23 11.53 -13.63
N ALA B 496 -21.90 10.56 -14.49
CA ALA B 496 -20.73 9.72 -14.32
C ALA B 496 -19.62 10.26 -15.23
N SER B 497 -18.46 10.57 -14.62
CA SER B 497 -17.37 11.16 -15.37
C SER B 497 -16.02 10.68 -14.84
N ALA B 498 -15.01 10.83 -15.70
CA ALA B 498 -13.63 10.56 -15.36
C ALA B 498 -12.75 11.47 -16.18
N GLY B 499 -11.55 11.77 -15.65
CA GLY B 499 -10.64 12.71 -16.29
C GLY B 499 -9.24 12.64 -15.69
N ILE B 500 -8.26 13.07 -16.49
CA ILE B 500 -6.86 13.09 -16.11
C ILE B 500 -6.16 14.25 -16.83
N SER B 501 -5.10 14.76 -16.20
CA SER B 501 -4.31 15.84 -16.75
C SER B 501 -3.28 15.31 -17.75
N VAL B 502 -3.04 16.09 -18.81
CA VAL B 502 -2.05 15.80 -19.84
C VAL B 502 -1.13 17.03 -19.99
N ARG B 503 0.13 16.82 -20.36
CA ARG B 503 1.07 17.90 -20.55
C ARG B 503 1.84 17.71 -21.85
N TYR B 504 1.94 18.78 -22.65
CA TYR B 504 2.90 18.92 -23.73
C TYR B 504 3.62 20.25 -23.50
N GLY B 505 4.94 20.18 -23.23
CA GLY B 505 5.72 21.36 -22.89
C GLY B 505 5.16 22.03 -21.64
N LYS B 506 4.82 23.33 -21.79
CA LYS B 506 4.24 24.11 -20.71
C LYS B 506 2.71 24.10 -20.79
N PHE B 507 2.13 23.40 -21.77
CA PHE B 507 0.69 23.38 -21.96
C PHE B 507 0.10 22.19 -21.23
N THR B 508 -0.83 22.47 -20.30
CA THR B 508 -1.48 21.44 -19.50
C THR B 508 -2.98 21.53 -19.71
N PHE B 509 -3.62 20.37 -19.92
CA PHE B 509 -5.05 20.30 -20.18
C PHE B 509 -5.60 18.97 -19.67
N LYS B 510 -6.93 18.77 -19.78
CA LYS B 510 -7.54 17.53 -19.32
C LYS B 510 -8.23 16.77 -20.44
N ILE B 511 -8.14 15.44 -20.38
CA ILE B 511 -8.98 14.58 -21.20
C ILE B 511 -9.97 13.87 -20.28
N HIS B 512 -11.16 13.59 -20.83
CA HIS B 512 -12.29 13.21 -20.00
C HIS B 512 -13.45 12.67 -20.84
N ASP B 513 -14.41 12.08 -20.11
CA ASP B 513 -15.64 11.59 -20.70
C ASP B 513 -16.72 11.68 -19.63
N GLN B 514 -17.97 11.74 -20.08
CA GLN B 514 -19.13 12.09 -19.28
C GLN B 514 -20.34 11.33 -19.81
N LYS B 515 -21.14 10.77 -18.90
CA LYS B 515 -22.40 10.15 -19.25
C LYS B 515 -23.46 10.60 -18.25
N ILE B 516 -24.62 10.99 -18.76
CA ILE B 516 -25.75 11.41 -17.94
C ILE B 516 -26.83 10.35 -18.09
N ILE B 517 -27.24 9.75 -16.96
CA ILE B 517 -28.06 8.54 -16.98
C ILE B 517 -29.22 8.71 -16.01
N TYR B 518 -30.44 8.36 -16.45
CA TYR B 518 -31.65 8.60 -15.68
C TYR B 518 -32.19 7.30 -15.08
N ARG B 519 -32.96 7.42 -14.00
CA ARG B 519 -33.76 6.33 -13.46
C ARG B 519 -35.13 6.35 -14.13
N GLY B 520 -35.47 5.30 -14.88
CA GLY B 520 -36.77 5.24 -15.53
C GLY B 520 -36.96 6.44 -16.45
N ASP B 521 -38.21 6.87 -16.62
CA ASP B 521 -38.56 7.83 -17.65
C ASP B 521 -39.09 9.15 -17.06
N TRP B 522 -38.73 9.46 -15.80
CA TRP B 522 -39.27 10.63 -15.11
C TRP B 522 -38.89 11.90 -15.85
N ALA B 523 -37.82 11.84 -16.66
CA ALA B 523 -37.23 13.03 -17.26
C ALA B 523 -37.59 13.15 -18.75
N LYS B 524 -38.60 12.40 -19.21
CA LYS B 524 -39.02 12.45 -20.60
C LYS B 524 -39.37 13.88 -21.03
N GLU B 525 -39.83 14.74 -20.12
CA GLU B 525 -40.15 16.11 -20.46
C GLU B 525 -38.94 17.02 -20.20
N VAL B 526 -38.42 16.99 -18.98
CA VAL B 526 -37.49 18.02 -18.51
C VAL B 526 -36.07 17.78 -19.04
N GLY B 527 -35.73 16.52 -19.38
CA GLY B 527 -34.37 16.16 -19.72
C GLY B 527 -34.01 16.52 -21.16
N ARG B 528 -32.73 16.77 -21.42
CA ARG B 528 -32.25 17.13 -22.75
C ARG B 528 -32.44 15.96 -23.70
N LYS B 529 -33.01 16.23 -24.89
CA LYS B 529 -33.33 15.20 -25.85
C LYS B 529 -32.07 14.84 -26.64
N LYS C 4 37.99 -53.53 25.09
CA LYS C 4 37.25 -52.25 25.17
C LYS C 4 37.07 -51.66 23.75
N THR C 5 36.05 -50.81 23.57
CA THR C 5 35.66 -50.36 22.24
C THR C 5 36.73 -49.41 21.68
N LYS C 6 37.13 -49.65 20.42
CA LYS C 6 37.95 -48.72 19.66
C LYS C 6 37.06 -47.75 18.87
N ILE C 7 37.26 -46.45 19.11
CA ILE C 7 36.52 -45.40 18.41
C ILE C 7 37.44 -44.72 17.41
N GLU C 8 37.04 -44.72 16.13
CA GLU C 8 37.81 -44.07 15.09
C GLU C 8 36.90 -43.13 14.32
N LEU C 9 37.39 -41.89 14.13
CA LEU C 9 36.67 -40.89 13.36
C LEU C 9 37.32 -40.74 12.00
N LYS C 10 36.62 -41.18 10.94
CA LYS C 10 37.10 -40.98 9.59
C LYS C 10 35.91 -40.91 8.63
N ASP C 11 36.11 -40.26 7.48
CA ASP C 11 35.06 -40.02 6.50
C ASP C 11 33.84 -39.37 7.16
N ASN C 12 34.09 -38.60 8.24
CA ASN C 12 33.08 -37.89 9.00
C ASN C 12 32.04 -38.81 9.65
N TRP C 13 32.43 -40.07 9.96
CA TRP C 13 31.59 -40.97 10.74
C TRP C 13 32.32 -41.40 12.01
N TYR C 14 31.54 -41.69 13.06
CA TYR C 14 32.05 -42.51 14.14
C TYR C 14 32.14 -43.96 13.68
N HIS C 15 33.25 -44.61 13.99
CA HIS C 15 33.38 -46.05 13.84
C HIS C 15 33.62 -46.66 15.21
N LEU C 16 32.84 -47.70 15.54
CA LEU C 16 33.04 -48.48 16.77
C LEU C 16 33.52 -49.87 16.33
N ASP C 17 34.77 -50.19 16.67
CA ASP C 17 35.40 -51.43 16.27
C ASP C 17 35.33 -51.61 14.75
N GLY C 18 35.63 -50.55 14.00
CA GLY C 18 35.73 -50.65 12.54
C GLY C 18 34.38 -50.55 11.82
N GLU C 19 33.25 -50.55 12.55
CA GLU C 19 31.93 -50.47 11.93
C GLU C 19 31.36 -49.06 12.05
N LYS C 20 30.90 -48.49 10.93
CA LYS C 20 30.26 -47.19 10.97
C LYS C 20 29.05 -47.26 11.89
N TYR C 21 28.92 -46.27 12.78
CA TYR C 21 27.91 -46.29 13.82
C TYR C 21 27.17 -44.96 13.87
N PHE C 22 25.91 -44.98 13.42
CA PHE C 22 25.04 -43.81 13.48
C PHE C 22 24.49 -43.70 14.91
N ILE C 23 24.76 -42.56 15.57
CA ILE C 23 24.35 -42.38 16.95
C ILE C 23 22.87 -42.00 16.99
N LYS C 24 22.06 -42.90 17.54
CA LYS C 24 20.65 -42.67 17.74
C LYS C 24 20.39 -42.44 19.23
N ALA C 25 20.71 -41.23 19.70
CA ALA C 25 20.61 -40.89 21.11
C ALA C 25 19.28 -40.20 21.41
N ILE C 26 18.99 -40.10 22.70
CA ILE C 26 17.99 -39.19 23.23
C ILE C 26 18.59 -38.49 24.44
N GLY C 27 18.25 -37.21 24.60
CA GLY C 27 18.65 -36.46 25.79
C GLY C 27 17.91 -37.01 27.01
N TYR C 28 18.64 -37.12 28.13
CA TYR C 28 18.14 -37.80 29.31
C TYR C 28 18.66 -37.13 30.57
N GLU C 29 17.72 -36.69 31.44
CA GLU C 29 18.03 -35.95 32.65
C GLU C 29 17.39 -36.64 33.85
N ILE C 30 18.20 -37.44 34.56
CA ILE C 30 17.77 -38.04 35.82
C ILE C 30 17.64 -36.95 36.88
N GLY C 31 16.82 -37.21 37.91
CA GLY C 31 16.69 -36.30 39.04
C GLY C 31 15.76 -35.14 38.73
N ALA C 32 14.87 -35.30 37.74
CA ALA C 32 14.04 -34.20 37.27
C ALA C 32 12.56 -34.59 37.21
N ARG C 33 12.16 -35.48 38.12
CA ARG C 33 10.76 -35.81 38.32
C ARG C 33 10.03 -34.63 38.95
N PRO C 34 8.68 -34.56 38.86
CA PRO C 34 7.92 -33.59 39.61
C PRO C 34 8.37 -33.55 41.07
N GLY C 35 8.71 -32.35 41.56
CA GLY C 35 9.13 -32.15 42.93
C GLY C 35 10.64 -32.24 43.12
N GLN C 36 11.39 -32.48 42.03
CA GLN C 36 12.84 -32.58 42.09
C GLN C 36 13.49 -31.47 41.27
N ALA C 37 14.70 -31.10 41.66
CA ALA C 37 15.51 -30.12 40.94
C ALA C 37 16.95 -30.62 40.87
N PRO C 38 17.42 -31.12 39.71
CA PRO C 38 18.68 -31.85 39.64
C PRO C 38 19.93 -31.05 40.03
N TYR C 39 19.87 -29.70 39.99
CA TYR C 39 21.05 -28.89 40.22
C TYR C 39 21.08 -28.31 41.63
N GLU C 40 20.09 -28.63 42.48
CA GLU C 40 20.08 -28.07 43.83
C GLU C 40 19.77 -29.14 44.88
N ASP C 41 19.15 -30.27 44.49
CA ASP C 41 18.98 -31.40 45.38
C ASP C 41 20.35 -31.89 45.84
N GLU C 42 20.38 -32.63 46.95
CA GLU C 42 21.53 -33.48 47.24
C GLU C 42 21.63 -34.52 46.13
N ARG C 43 22.87 -34.78 45.67
CA ARG C 43 23.15 -35.78 44.64
C ARG C 43 22.70 -37.16 45.12
N LYS C 44 21.86 -37.82 44.32
CA LYS C 44 21.37 -39.16 44.58
C LYS C 44 21.50 -39.98 43.31
N ASP C 45 21.87 -41.26 43.45
CA ASP C 45 22.07 -42.13 42.30
C ASP C 45 20.74 -42.42 41.60
N GLU C 46 19.66 -42.58 42.36
CA GLU C 46 18.32 -42.76 41.79
C GLU C 46 18.28 -43.96 40.84
N LEU C 47 18.84 -45.08 41.30
CA LEU C 47 19.12 -46.21 40.43
C LEU C 47 17.83 -46.90 39.99
N GLU C 48 16.83 -46.99 40.87
CA GLU C 48 15.58 -47.68 40.54
C GLU C 48 14.90 -46.95 39.37
N LEU C 49 14.80 -45.62 39.44
CA LEU C 49 14.14 -44.86 38.39
C LEU C 49 14.95 -44.90 37.10
N MSE C 50 16.29 -44.98 37.20
CA MSE C 50 17.15 -45.07 36.02
C MSE C 50 16.92 -46.40 35.30
O MSE C 50 16.89 -46.41 34.07
CB MSE C 50 18.63 -44.92 36.38
CG MSE C 50 19.17 -43.57 36.11
SE MSE C 50 21.07 -43.41 36.50
CE MSE C 50 21.74 -43.92 34.71
N LYS C 51 16.82 -47.51 36.05
CA LYS C 51 16.52 -48.80 35.46
C LYS C 51 15.25 -48.72 34.62
N PHE C 52 14.21 -48.04 35.13
CA PHE C 52 12.96 -47.89 34.42
C PHE C 52 13.21 -47.12 33.12
N ASP C 53 13.93 -45.98 33.23
CA ASP C 53 14.20 -45.07 32.13
C ASP C 53 15.00 -45.75 31.02
N LEU C 54 16.13 -46.37 31.37
CA LEU C 54 17.00 -46.98 30.39
C LEU C 54 16.27 -48.10 29.65
N GLU C 55 15.41 -48.85 30.35
CA GLU C 55 14.65 -49.90 29.69
C GLU C 55 13.70 -49.24 28.68
N ASN C 56 13.00 -48.16 29.08
CA ASN C 56 12.08 -47.52 28.16
C ASN C 56 12.81 -47.00 26.92
N ILE C 57 14.01 -46.44 27.14
CA ILE C 57 14.78 -45.80 26.09
C ILE C 57 15.26 -46.84 25.09
N LYS C 58 15.67 -48.02 25.56
CA LYS C 58 16.02 -49.10 24.64
C LYS C 58 14.81 -49.48 23.79
N GLU C 59 13.62 -49.56 24.41
CA GLU C 59 12.41 -49.99 23.73
C GLU C 59 11.89 -48.91 22.77
N GLY C 60 12.33 -47.66 22.99
CA GLY C 60 11.98 -46.57 22.10
C GLY C 60 12.84 -46.56 20.83
N GLY C 61 13.91 -47.36 20.81
CA GLY C 61 14.70 -47.59 19.62
C GLY C 61 16.08 -46.91 19.65
N TYR C 62 16.43 -46.27 20.79
CA TYR C 62 17.65 -45.48 20.89
C TYR C 62 18.79 -46.42 21.24
N ASN C 63 20.01 -46.04 20.83
CA ASN C 63 21.21 -46.81 21.17
C ASN C 63 22.12 -46.03 22.11
N THR C 64 21.77 -44.77 22.42
CA THR C 64 22.65 -43.88 23.18
C THR C 64 21.79 -42.94 24.03
N ILE C 65 22.37 -42.43 25.12
CA ILE C 65 21.78 -41.36 25.90
C ILE C 65 22.76 -40.19 25.96
N ARG C 66 22.22 -38.97 26.03
CA ARG C 66 22.99 -37.73 26.09
C ARG C 66 22.63 -36.99 27.38
N THR C 67 23.64 -36.54 28.14
CA THR C 67 23.41 -35.90 29.43
C THR C 67 24.12 -34.54 29.47
N TRP C 68 23.87 -33.81 30.57
CA TRP C 68 24.45 -32.49 30.78
C TRP C 68 25.35 -32.48 32.02
N SER C 69 25.28 -33.52 32.86
CA SER C 69 26.00 -33.62 34.11
C SER C 69 26.66 -34.99 34.28
N GLN C 70 27.81 -34.96 34.96
CA GLN C 70 28.55 -36.14 35.36
C GLN C 70 27.61 -37.12 36.06
N TYR C 71 27.79 -38.41 35.76
CA TYR C 71 27.23 -39.47 36.57
C TYR C 71 28.29 -39.91 37.58
N SER C 72 27.83 -40.47 38.70
CA SER C 72 28.68 -41.16 39.63
C SER C 72 29.08 -42.51 39.03
N GLU C 73 30.02 -43.20 39.67
CA GLU C 73 30.47 -44.49 39.19
C GLU C 73 29.31 -45.48 39.19
N ASN C 74 28.47 -45.43 40.24
CA ASN C 74 27.31 -46.31 40.35
C ASN C 74 26.34 -46.08 39.19
N GLN C 75 26.18 -44.83 38.76
CA GLN C 75 25.28 -44.56 37.66
C GLN C 75 25.89 -45.11 36.37
N LEU C 76 27.21 -44.93 36.19
CA LEU C 76 27.89 -45.44 35.00
C LEU C 76 27.71 -46.95 34.90
N LYS C 77 27.86 -47.65 36.02
CA LYS C 77 27.72 -49.10 36.06
C LYS C 77 26.37 -49.51 35.49
N LEU C 78 25.31 -48.78 35.85
CA LEU C 78 23.97 -49.12 35.43
C LEU C 78 23.82 -48.88 33.92
N VAL C 79 24.40 -47.78 33.42
CA VAL C 79 24.38 -47.49 31.99
C VAL C 79 25.18 -48.56 31.25
N GLN C 80 26.37 -48.91 31.78
CA GLN C 80 27.20 -49.94 31.20
C GLN C 80 26.39 -51.23 31.02
N GLU C 81 25.70 -51.68 32.06
CA GLU C 81 24.96 -52.93 32.05
C GLU C 81 23.79 -52.86 31.07
N SER C 82 23.24 -51.66 30.86
CA SER C 82 22.07 -51.48 30.03
C SER C 82 22.35 -51.79 28.57
N GLY C 83 23.62 -51.63 28.15
CA GLY C 83 24.02 -51.81 26.77
C GLY C 83 24.04 -50.50 25.97
N LEU C 84 23.41 -49.44 26.50
CA LEU C 84 23.35 -48.15 25.83
C LEU C 84 24.72 -47.46 25.87
N LYS C 85 25.00 -46.62 24.86
CA LYS C 85 26.19 -45.80 24.85
C LYS C 85 25.85 -44.46 25.49
N LEU C 86 26.87 -43.66 25.83
CA LEU C 86 26.66 -42.46 26.61
C LEU C 86 27.48 -41.29 26.07
N ILE C 87 26.79 -40.18 25.76
CA ILE C 87 27.42 -38.89 25.53
C ILE C 87 27.29 -38.07 26.82
N MSE C 88 28.38 -38.02 27.59
CA MSE C 88 28.33 -37.50 28.95
C MSE C 88 28.66 -36.01 28.92
O MSE C 88 29.69 -35.62 28.38
CB MSE C 88 29.34 -38.26 29.84
CG MSE C 88 29.57 -37.66 31.22
SE MSE C 88 30.16 -38.98 32.59
CE MSE C 88 28.42 -39.85 32.72
N GLY C 89 27.76 -35.22 29.50
CA GLY C 89 28.00 -33.79 29.69
C GLY C 89 28.71 -33.54 31.02
N ILE C 90 29.62 -32.56 31.05
CA ILE C 90 30.26 -32.12 32.28
C ILE C 90 29.64 -30.80 32.72
N ASP C 91 29.31 -30.67 34.01
CA ASP C 91 28.68 -29.47 34.53
C ASP C 91 29.71 -28.38 34.78
N ILE C 92 30.16 -27.74 33.71
CA ILE C 92 30.94 -26.51 33.80
C ILE C 92 29.98 -25.35 33.64
N LYS C 93 29.81 -24.57 34.72
CA LYS C 93 28.76 -23.56 34.79
C LYS C 93 28.97 -22.51 33.69
N PRO C 94 28.02 -22.38 32.73
CA PRO C 94 28.16 -21.44 31.62
C PRO C 94 28.34 -19.97 32.00
N GLU C 95 27.80 -19.56 33.16
CA GLU C 95 27.71 -18.15 33.54
C GLU C 95 28.88 -17.73 34.44
N GLU C 96 29.84 -18.63 34.65
CA GLU C 96 30.98 -18.35 35.51
C GLU C 96 32.13 -17.71 34.71
N ASP C 97 33.11 -17.16 35.43
CA ASP C 97 34.25 -16.50 34.81
C ASP C 97 35.33 -17.51 34.40
N TYR C 98 35.41 -17.82 33.10
CA TYR C 98 36.29 -18.84 32.56
C TYR C 98 37.77 -18.49 32.82
N GLY C 99 38.03 -17.21 33.08
CA GLY C 99 39.39 -16.71 33.20
C GLY C 99 39.86 -16.60 34.65
N ASP C 100 38.95 -16.82 35.60
CA ASP C 100 39.30 -16.80 37.02
C ASP C 100 40.15 -18.03 37.35
N PRO C 101 41.43 -17.85 37.79
CA PRO C 101 42.29 -18.96 38.18
C PRO C 101 41.62 -20.02 39.07
N GLU C 102 40.75 -19.57 39.99
CA GLU C 102 40.13 -20.46 40.97
C GLU C 102 39.02 -21.30 40.32
N PHE C 103 38.28 -20.73 39.37
CA PHE C 103 37.24 -21.47 38.69
C PHE C 103 37.86 -22.53 37.77
N VAL C 104 39.00 -22.19 37.16
CA VAL C 104 39.71 -23.12 36.30
C VAL C 104 40.21 -24.29 37.15
N LYS C 105 40.87 -23.99 38.28
CA LYS C 105 41.41 -25.01 39.17
C LYS C 105 40.31 -25.95 39.66
N ASP C 106 39.15 -25.40 40.04
CA ASP C 106 38.05 -26.18 40.54
C ASP C 106 37.51 -27.12 39.45
N SER C 107 37.46 -26.61 38.21
CA SER C 107 37.04 -27.39 37.05
C SER C 107 38.02 -28.53 36.77
N GLU C 108 39.33 -28.26 36.87
CA GLU C 108 40.34 -29.29 36.63
C GLU C 108 40.18 -30.44 37.63
N ILE C 109 39.98 -30.10 38.92
CA ILE C 109 39.93 -31.09 39.98
C ILE C 109 38.67 -31.96 39.83
N GLU C 110 37.53 -31.35 39.49
CA GLU C 110 36.29 -32.08 39.40
C GLU C 110 36.35 -33.03 38.21
N LEU C 111 36.86 -32.52 37.08
CA LEU C 111 36.96 -33.31 35.87
C LEU C 111 37.88 -34.52 36.09
N LYS C 112 39.05 -34.29 36.71
CA LYS C 112 40.00 -35.37 36.99
C LYS C 112 39.36 -36.42 37.87
N ARG C 113 38.58 -35.98 38.87
CA ARG C 113 37.94 -36.90 39.80
C ARG C 113 36.97 -37.81 39.03
N VAL C 114 36.18 -37.24 38.11
CA VAL C 114 35.21 -37.99 37.33
C VAL C 114 35.95 -38.99 36.43
N LEU C 115 36.97 -38.50 35.71
CA LEU C 115 37.69 -39.28 34.73
C LEU C 115 38.35 -40.49 35.40
N ASN C 116 38.77 -40.31 36.64
CA ASN C 116 39.48 -41.33 37.38
C ASN C 116 38.69 -42.64 37.41
N TYR C 117 37.35 -42.57 37.53
CA TYR C 117 36.49 -43.75 37.51
C TYR C 117 35.86 -43.95 36.13
N ALA C 118 35.57 -42.85 35.42
CA ALA C 118 34.86 -42.96 34.11
C ALA C 118 35.72 -43.71 33.09
N LYS C 119 37.04 -43.54 33.16
CA LYS C 119 37.93 -44.16 32.15
C LYS C 119 37.66 -45.66 32.03
N LYS C 120 37.00 -46.27 33.01
CA LYS C 120 36.82 -47.72 32.98
C LYS C 120 35.54 -48.14 32.25
N TYR C 121 34.71 -47.17 31.82
CA TYR C 121 33.42 -47.48 31.24
C TYR C 121 33.39 -47.05 29.77
N ASP C 122 33.52 -48.05 28.88
CA ASP C 122 33.68 -47.82 27.45
C ASP C 122 32.34 -47.55 26.77
N CYS C 123 31.24 -47.57 27.55
CA CYS C 123 29.95 -47.13 27.05
C CYS C 123 29.96 -45.63 26.75
N ILE C 124 30.90 -44.88 27.35
CA ILE C 124 31.08 -43.46 27.06
C ILE C 124 31.79 -43.30 25.71
N ILE C 125 31.14 -42.58 24.77
CA ILE C 125 31.63 -42.47 23.41
C ILE C 125 31.88 -41.00 23.00
N THR C 126 31.52 -40.04 23.87
CA THR C 126 31.84 -38.64 23.65
C THR C 126 31.67 -37.88 24.97
N TYR C 127 32.58 -36.92 25.22
CA TYR C 127 32.43 -35.96 26.31
C TYR C 127 31.99 -34.60 25.74
N LEU C 128 31.00 -33.97 26.39
CA LEU C 128 30.60 -32.60 26.11
C LEU C 128 31.04 -31.72 27.28
N VAL C 129 31.90 -30.73 27.01
CA VAL C 129 32.63 -30.03 28.05
C VAL C 129 31.86 -28.82 28.58
N ILE C 130 30.86 -28.33 27.84
CA ILE C 130 30.08 -27.19 28.28
C ILE C 130 28.81 -27.06 27.44
N ASN C 131 27.77 -26.45 28.02
CA ASN C 131 26.50 -26.31 27.34
C ASN C 131 26.10 -24.84 27.17
N GLU C 132 25.92 -24.44 25.90
CA GLU C 132 25.31 -23.18 25.48
C GLU C 132 25.95 -21.97 26.16
N PRO C 133 27.28 -21.73 26.01
CA PRO C 133 27.83 -20.46 26.43
C PRO C 133 27.27 -19.32 25.58
N GLN C 134 26.84 -18.26 26.28
CA GLN C 134 26.20 -17.12 25.63
C GLN C 134 27.26 -16.17 25.06
N THR C 135 26.89 -15.49 23.97
CA THR C 135 27.79 -14.64 23.21
C THR C 135 28.28 -13.45 24.06
N ASP C 136 27.35 -12.79 24.76
CA ASP C 136 27.69 -11.62 25.55
C ASP C 136 28.63 -11.98 26.70
N HIS C 137 28.44 -13.17 27.27
CA HIS C 137 29.22 -13.61 28.41
C HIS C 137 30.67 -13.85 28.00
N ILE C 138 30.86 -14.54 26.85
CA ILE C 138 32.18 -14.80 26.31
C ILE C 138 32.89 -13.48 26.02
N HIS C 139 32.17 -12.52 25.41
CA HIS C 139 32.72 -11.21 25.12
C HIS C 139 33.20 -10.57 26.41
N SER C 140 32.41 -10.77 27.46
CA SER C 140 32.62 -10.14 28.75
C SER C 140 33.86 -10.67 29.45
N VAL C 141 33.97 -12.01 29.52
CA VAL C 141 35.10 -12.67 30.23
C VAL C 141 36.25 -12.92 29.23
N THR C 142 36.10 -12.51 27.96
CA THR C 142 37.16 -12.60 26.93
C THR C 142 37.21 -13.95 26.23
N GLY C 143 37.26 -13.93 24.89
CA GLY C 143 37.33 -15.11 24.04
C GLY C 143 38.55 -15.96 24.37
N LYS C 144 39.68 -15.29 24.67
CA LYS C 144 40.91 -15.95 25.04
C LYS C 144 40.72 -16.86 26.25
N ALA C 145 39.95 -16.40 27.24
CA ALA C 145 39.72 -17.15 28.46
C ALA C 145 38.87 -18.38 28.16
N PHE C 146 37.86 -18.22 27.30
CA PHE C 146 37.01 -19.32 26.88
C PHE C 146 37.85 -20.39 26.17
N VAL C 147 38.67 -19.99 25.21
CA VAL C 147 39.45 -20.92 24.41
C VAL C 147 40.47 -21.64 25.30
N ASP C 148 41.15 -20.89 26.19
CA ASP C 148 42.10 -21.47 27.11
C ASP C 148 41.45 -22.54 27.98
N LEU C 149 40.21 -22.26 28.41
CA LEU C 149 39.48 -23.19 29.27
C LEU C 149 39.19 -24.46 28.49
N MSE C 150 38.61 -24.30 27.28
CA MSE C 150 38.34 -25.44 26.42
C MSE C 150 39.60 -26.29 26.22
O MSE C 150 39.55 -27.51 26.35
CB MSE C 150 37.79 -24.97 25.07
CG MSE C 150 36.47 -24.22 25.15
SE MSE C 150 34.96 -25.29 25.85
CE MSE C 150 34.87 -24.50 27.64
N ASN C 151 40.75 -25.65 25.91
CA ASN C 151 41.97 -26.37 25.61
C ASN C 151 42.43 -27.18 26.84
N THR C 152 42.35 -26.61 28.04
CA THR C 152 42.79 -27.32 29.25
C THR C 152 41.90 -28.53 29.41
N LEU C 153 40.60 -28.42 29.23
CA LEU C 153 39.67 -29.50 29.54
C LEU C 153 39.77 -30.62 28.50
N ILE C 154 39.95 -30.25 27.22
CA ILE C 154 40.17 -31.21 26.16
C ILE C 154 41.41 -32.07 26.42
N ASN C 155 42.52 -31.43 26.81
CA ASN C 155 43.78 -32.13 27.01
C ASN C 155 43.69 -33.08 28.20
N ILE C 156 43.02 -32.63 29.26
CA ILE C 156 42.77 -33.44 30.45
C ILE C 156 42.04 -34.72 30.06
N ILE C 157 40.99 -34.59 29.23
CA ILE C 157 40.18 -35.74 28.84
C ILE C 157 40.96 -36.63 27.89
N HIS C 158 41.72 -36.07 26.93
CA HIS C 158 42.49 -36.87 25.99
C HIS C 158 43.50 -37.75 26.74
N LYS C 159 43.99 -37.28 27.90
CA LYS C 159 44.96 -38.01 28.70
C LYS C 159 44.29 -38.99 29.66
N GLY C 160 43.21 -38.54 30.32
CA GLY C 160 42.62 -39.27 31.42
C GLY C 160 41.67 -40.38 30.96
N HIS C 161 41.02 -40.17 29.81
CA HIS C 161 40.18 -41.19 29.19
C HIS C 161 40.53 -41.28 27.70
N PRO C 162 41.67 -41.92 27.33
CA PRO C 162 42.12 -41.95 25.95
C PRO C 162 41.07 -42.50 24.98
N GLY C 163 41.13 -42.01 23.73
CA GLY C 163 40.35 -42.57 22.65
C GLY C 163 38.93 -41.98 22.55
N ILE C 164 38.52 -41.11 23.49
CA ILE C 164 37.13 -40.67 23.52
C ILE C 164 37.04 -39.27 22.90
N PRO C 165 36.24 -39.07 21.84
CA PRO C 165 35.98 -37.74 21.30
C PRO C 165 35.47 -36.73 22.31
N VAL C 166 35.91 -35.48 22.16
CA VAL C 166 35.47 -34.36 23.00
C VAL C 166 34.86 -33.28 22.10
N THR C 167 33.71 -32.73 22.53
CA THR C 167 33.16 -31.54 21.91
C THR C 167 32.31 -30.78 22.93
N LEU C 168 31.42 -29.90 22.46
CA LEU C 168 30.56 -29.11 23.34
C LEU C 168 29.17 -28.95 22.68
N SER C 169 28.16 -28.67 23.51
CA SER C 169 26.82 -28.45 22.98
C SER C 169 26.60 -26.95 22.82
N ALA C 170 27.15 -26.39 21.75
CA ALA C 170 26.94 -25.00 21.40
C ALA C 170 25.61 -24.84 20.66
N ASN C 171 24.89 -23.75 20.93
CA ASN C 171 23.63 -23.52 20.24
C ASN C 171 23.93 -22.88 18.89
N ALA C 172 23.34 -23.44 17.82
CA ALA C 172 23.59 -23.02 16.44
C ALA C 172 23.06 -21.62 16.14
N MSE C 173 21.97 -21.19 16.78
CA MSE C 173 21.40 -19.88 16.53
C MSE C 173 22.25 -18.76 17.14
O MSE C 173 22.10 -17.62 16.71
CB MSE C 173 19.97 -19.78 17.06
CG MSE C 173 18.93 -20.55 16.27
SE MSE C 173 18.60 -19.89 14.43
CE MSE C 173 17.67 -18.21 14.93
N ILE C 174 23.11 -19.05 18.14
CA ILE C 174 23.87 -18.01 18.81
C ILE C 174 25.38 -18.26 18.77
N SER C 175 25.83 -19.42 18.31
CA SER C 175 27.26 -19.74 18.29
C SER C 175 27.70 -20.19 16.90
N ASP C 176 26.95 -19.75 15.88
CA ASP C 176 27.29 -19.89 14.48
C ASP C 176 28.69 -19.35 14.17
N TYR C 177 29.14 -18.34 14.95
CA TYR C 177 30.41 -17.66 14.68
C TYR C 177 31.59 -18.45 15.22
N MSE C 178 31.34 -19.43 16.09
CA MSE C 178 32.36 -19.96 16.98
C MSE C 178 33.26 -20.97 16.26
O MSE C 178 32.77 -21.83 15.53
CB MSE C 178 31.69 -20.60 18.19
CG MSE C 178 32.66 -21.28 19.14
SE MSE C 178 31.72 -22.02 20.70
CE MSE C 178 31.05 -20.35 21.50
N ASP C 179 34.57 -20.88 16.51
CA ASP C 179 35.50 -21.86 15.96
C ASP C 179 35.37 -23.17 16.74
N GLU C 180 35.15 -24.28 16.03
CA GLU C 180 35.01 -25.57 16.70
C GLU C 180 36.15 -26.52 16.32
N SER C 181 37.21 -26.02 15.69
CA SER C 181 38.21 -26.92 15.13
C SER C 181 39.17 -27.44 16.20
N ILE C 182 39.08 -26.96 17.45
CA ILE C 182 39.89 -27.53 18.52
C ILE C 182 39.25 -28.82 19.05
N PHE C 183 37.97 -29.03 18.76
CA PHE C 183 37.24 -30.19 19.22
C PHE C 183 37.44 -31.32 18.22
N ASP C 184 37.10 -32.54 18.65
CA ASP C 184 37.28 -33.73 17.84
C ASP C 184 36.06 -33.95 16.94
N VAL C 185 34.93 -33.30 17.27
CA VAL C 185 33.67 -33.50 16.57
C VAL C 185 32.90 -32.19 16.56
N TYR C 186 32.25 -31.88 15.44
CA TYR C 186 31.41 -30.69 15.35
C TYR C 186 30.05 -31.03 15.95
N ALA C 187 29.50 -30.10 16.75
CA ALA C 187 28.25 -30.35 17.45
C ALA C 187 27.48 -29.05 17.68
N TYR C 188 26.14 -29.15 17.64
CA TYR C 188 25.27 -28.00 17.87
C TYR C 188 23.92 -28.45 18.41
N ASN C 189 23.38 -27.67 19.36
CA ASN C 189 21.96 -27.67 19.66
C ASN C 189 21.27 -26.95 18.51
N CYS C 190 20.36 -27.63 17.78
CA CYS C 190 19.75 -27.12 16.57
C CYS C 190 18.23 -27.13 16.68
N TYR C 191 17.62 -25.93 16.78
CA TYR C 191 16.17 -25.80 16.85
C TYR C 191 15.64 -25.06 15.63
N ASP C 192 14.50 -25.50 15.13
CA ASP C 192 13.88 -24.94 13.94
C ASP C 192 12.58 -24.21 14.31
N HIS C 193 12.68 -22.89 14.50
CA HIS C 193 11.52 -22.08 14.86
C HIS C 193 11.07 -21.21 13.68
N ASN C 194 11.76 -21.34 12.53
CA ASN C 194 11.46 -20.56 11.35
C ASN C 194 11.53 -19.06 11.64
N GLU C 195 12.68 -18.64 12.16
CA GLU C 195 12.95 -17.25 12.50
C GLU C 195 14.45 -17.01 12.29
N GLY C 196 14.81 -15.78 11.91
CA GLY C 196 16.20 -15.42 11.70
C GLY C 196 16.83 -16.35 10.67
N GLN C 197 17.93 -16.99 11.04
CA GLN C 197 18.67 -17.86 10.15
C GLN C 197 17.79 -19.00 9.62
N THR C 198 16.84 -19.52 10.40
CA THR C 198 16.06 -20.65 9.93
C THR C 198 14.93 -20.17 9.02
N ALA C 199 14.61 -18.87 9.02
CA ALA C 199 13.64 -18.32 8.07
C ALA C 199 14.28 -18.00 6.71
N THR C 200 15.51 -17.50 6.71
CA THR C 200 16.17 -17.12 5.47
C THR C 200 16.62 -18.37 4.72
N MSE C 201 17.36 -19.24 5.41
CA MSE C 201 18.08 -20.33 4.76
C MSE C 201 17.30 -21.65 4.79
O MSE C 201 17.58 -22.55 4.01
CB MSE C 201 19.45 -20.49 5.44
CG MSE C 201 20.48 -19.49 4.95
SE MSE C 201 22.08 -19.38 6.10
CE MSE C 201 21.30 -18.23 7.46
N GLY C 202 16.31 -21.75 5.70
CA GLY C 202 15.74 -23.04 6.07
C GLY C 202 16.64 -23.76 7.08
N PHE C 203 16.08 -24.81 7.69
CA PHE C 203 16.77 -25.55 8.73
C PHE C 203 17.93 -26.34 8.14
N LYS C 204 17.64 -27.18 7.14
CA LYS C 204 18.65 -28.03 6.52
C LYS C 204 19.87 -27.18 6.16
N ASP C 205 19.63 -26.17 5.31
CA ASP C 205 20.69 -25.44 4.65
C ASP C 205 21.45 -24.58 5.65
N TYR C 206 20.77 -24.10 6.71
CA TYR C 206 21.44 -23.32 7.74
C TYR C 206 22.53 -24.15 8.40
N ILE C 207 22.14 -25.34 8.88
CA ILE C 207 23.03 -26.22 9.62
C ILE C 207 24.08 -26.80 8.66
N LYS C 208 23.64 -27.13 7.44
CA LYS C 208 24.55 -27.56 6.40
C LYS C 208 25.63 -26.50 6.17
N GLY C 209 25.21 -25.22 6.09
CA GLY C 209 26.13 -24.11 5.89
C GLY C 209 27.19 -24.02 6.97
N LEU C 210 26.79 -24.24 8.24
CA LEU C 210 27.72 -24.15 9.34
C LEU C 210 28.74 -25.29 9.21
N ASN C 211 28.25 -26.46 8.80
CA ASN C 211 29.11 -27.62 8.66
C ASN C 211 30.13 -27.35 7.56
N GLU C 212 29.72 -26.67 6.48
CA GLU C 212 30.60 -26.34 5.37
C GLU C 212 31.66 -25.34 5.82
N LEU C 213 31.25 -24.35 6.63
CA LEU C 213 32.20 -23.39 7.14
C LEU C 213 33.21 -24.08 8.06
N ASN C 214 32.78 -25.12 8.78
CA ASN C 214 33.65 -25.80 9.74
C ASN C 214 34.70 -26.63 9.00
N GLY C 215 34.37 -27.04 7.77
CA GLY C 215 35.36 -27.56 6.84
C GLY C 215 35.14 -29.02 6.44
N LEU C 216 34.02 -29.64 6.84
CA LEU C 216 33.67 -30.99 6.48
C LEU C 216 34.83 -31.97 6.70
N ASP C 217 35.56 -31.80 7.81
CA ASP C 217 36.78 -32.56 8.06
C ASP C 217 36.67 -33.40 9.33
N LYS C 218 35.51 -33.36 10.00
CA LYS C 218 35.26 -34.14 11.20
C LYS C 218 33.80 -34.57 11.19
N PRO C 219 33.41 -35.60 11.97
CA PRO C 219 32.00 -35.94 12.12
C PRO C 219 31.20 -34.79 12.70
N PHE C 220 29.94 -34.67 12.27
CA PHE C 220 29.00 -33.72 12.83
C PHE C 220 27.84 -34.46 13.50
N ILE C 221 27.48 -34.04 14.72
CA ILE C 221 26.31 -34.56 15.43
C ILE C 221 25.47 -33.39 15.95
N THR C 222 24.17 -33.64 16.13
CA THR C 222 23.29 -32.73 16.84
C THR C 222 23.13 -33.20 18.30
N THR C 223 23.18 -32.26 19.25
CA THR C 223 23.14 -32.56 20.66
C THR C 223 21.80 -32.15 21.29
N GLU C 224 20.93 -31.47 20.53
CA GLU C 224 19.57 -31.14 20.93
C GLU C 224 18.75 -30.77 19.68
N PHE C 225 17.46 -31.12 19.69
CA PHE C 225 16.46 -30.56 18.78
C PHE C 225 15.08 -31.02 19.22
N GLY C 226 14.05 -30.17 19.05
CA GLY C 226 12.71 -30.57 19.41
C GLY C 226 11.76 -29.40 19.62
N TYR C 227 10.64 -29.70 20.28
CA TYR C 227 9.50 -28.80 20.42
C TYR C 227 8.79 -29.05 21.74
N SER C 228 8.27 -27.95 22.32
CA SER C 228 7.56 -27.92 23.60
C SER C 228 6.05 -27.86 23.37
N VAL C 229 5.31 -28.58 24.23
CA VAL C 229 3.86 -28.70 24.08
C VAL C 229 3.17 -28.00 25.25
N SER C 230 3.81 -26.95 25.79
CA SER C 230 3.23 -26.18 26.87
C SER C 230 1.84 -25.70 26.45
N PRO C 231 0.84 -25.71 27.36
CA PRO C 231 -0.48 -25.15 27.06
C PRO C 231 -0.46 -23.76 26.45
N GLU C 232 0.43 -22.90 26.99
CA GLU C 232 0.64 -21.57 26.48
C GLU C 232 2.09 -21.17 26.66
N GLY C 233 2.39 -19.92 26.26
CA GLY C 233 3.66 -19.28 26.54
C GLY C 233 4.61 -19.42 25.35
N GLY C 234 5.75 -18.71 25.45
CA GLY C 234 6.76 -18.71 24.41
C GLY C 234 6.30 -17.82 23.26
N ASN C 235 6.74 -18.14 22.05
CA ASN C 235 6.38 -17.36 20.88
C ASN C 235 6.63 -18.19 19.63
N GLY C 236 5.69 -18.11 18.69
CA GLY C 236 5.69 -18.95 17.50
C GLY C 236 5.76 -20.43 17.88
N GLN C 237 6.71 -21.12 17.24
CA GLN C 237 6.89 -22.54 17.41
C GLN C 237 7.68 -22.87 18.68
N TYR C 238 8.19 -21.83 19.37
CA TYR C 238 8.82 -22.04 20.67
C TYR C 238 7.72 -22.00 21.72
N GLY C 239 7.40 -23.15 22.30
CA GLY C 239 6.24 -23.31 23.16
C GLY C 239 4.96 -23.55 22.37
N SER C 240 3.91 -23.99 23.09
CA SER C 240 2.53 -23.95 22.63
C SER C 240 2.25 -24.85 21.41
N ASN C 241 3.08 -25.88 21.14
CA ASN C 241 2.77 -26.80 20.06
C ASN C 241 1.74 -27.85 20.53
N THR C 242 0.92 -28.35 19.60
CA THR C 242 0.07 -29.50 19.86
C THR C 242 0.94 -30.75 19.89
N LEU C 243 0.36 -31.85 20.38
CA LEU C 243 1.04 -33.13 20.40
C LEU C 243 1.41 -33.54 18.97
N LYS C 244 0.51 -33.26 18.02
CA LYS C 244 0.74 -33.63 16.63
C LYS C 244 1.88 -32.79 16.06
N GLN C 245 1.88 -31.49 16.34
CA GLN C 245 2.96 -30.63 15.87
C GLN C 245 4.30 -31.07 16.45
N GLN C 246 4.32 -31.54 17.70
CA GLN C 246 5.56 -32.01 18.29
C GLN C 246 6.07 -33.23 17.51
N SER C 247 5.18 -34.19 17.26
CA SER C 247 5.53 -35.42 16.57
C SER C 247 6.05 -35.12 15.16
N ASP C 248 5.26 -34.38 14.38
CA ASP C 248 5.59 -34.03 13.01
C ASP C 248 6.89 -33.23 12.99
N GLY C 249 7.05 -32.33 13.96
CA GLY C 249 8.24 -31.51 14.06
C GLY C 249 9.50 -32.34 14.26
N LEU C 250 9.45 -33.35 15.14
CA LEU C 250 10.63 -34.15 15.41
C LEU C 250 11.04 -34.93 14.17
N ILE C 251 10.05 -35.46 13.42
CA ILE C 251 10.33 -36.24 12.23
C ILE C 251 10.90 -35.32 11.14
N SER C 252 10.31 -34.13 11.02
CA SER C 252 10.83 -33.13 10.10
C SER C 252 12.28 -32.80 10.45
N ASN C 253 12.58 -32.57 11.73
CA ASN C 253 13.92 -32.19 12.17
C ASN C 253 14.91 -33.32 11.89
N TYR C 254 14.50 -34.58 12.13
CA TYR C 254 15.40 -35.71 11.97
C TYR C 254 15.89 -35.73 10.52
N ARG C 255 14.94 -35.62 9.58
CA ARG C 255 15.25 -35.70 8.16
C ARG C 255 16.22 -34.57 7.78
N ASP C 256 15.87 -33.34 8.18
CA ASP C 256 16.59 -32.14 7.80
C ASP C 256 18.03 -32.19 8.32
N LEU C 257 18.23 -32.68 9.54
CA LEU C 257 19.54 -32.65 10.15
C LEU C 257 20.44 -33.76 9.58
N ILE C 258 19.85 -34.88 9.14
CA ILE C 258 20.61 -35.88 8.40
C ILE C 258 21.03 -35.25 7.08
N ASP C 259 20.11 -34.54 6.43
CA ASP C 259 20.35 -33.89 5.16
C ASP C 259 21.47 -32.84 5.27
N ALA C 260 21.67 -32.29 6.47
CA ALA C 260 22.73 -31.32 6.73
C ALA C 260 24.10 -31.98 6.90
N GLY C 261 24.12 -33.31 7.04
CA GLY C 261 25.37 -34.07 7.06
C GLY C 261 25.61 -34.77 8.40
N ALA C 262 24.63 -34.80 9.29
CA ALA C 262 24.86 -35.29 10.63
C ALA C 262 24.84 -36.82 10.64
N VAL C 263 25.69 -37.39 11.51
CA VAL C 263 25.86 -38.83 11.65
C VAL C 263 25.62 -39.25 13.10
N GLY C 264 24.99 -38.36 13.87
CA GLY C 264 24.62 -38.59 15.25
C GLY C 264 23.52 -37.60 15.66
N MSE C 265 22.57 -38.08 16.48
CA MSE C 265 21.36 -37.36 16.74
C MSE C 265 20.97 -37.48 18.21
O MSE C 265 20.88 -38.58 18.74
CB MSE C 265 20.25 -37.91 15.85
CG MSE C 265 20.53 -37.79 14.37
SE MSE C 265 20.34 -35.91 13.72
CE MSE C 265 21.13 -36.29 11.97
N CYS C 266 20.71 -36.33 18.86
CA CYS C 266 20.29 -36.29 20.24
C CYS C 266 19.01 -35.47 20.37
N PRO C 267 17.85 -35.98 19.92
CA PRO C 267 16.57 -35.30 20.12
C PRO C 267 16.37 -34.90 21.58
N PHE C 268 15.60 -33.82 21.78
CA PHE C 268 15.32 -33.32 23.15
C PHE C 268 13.83 -33.47 23.45
N TYR C 269 13.48 -34.01 24.62
CA TYR C 269 14.29 -35.05 25.32
C TYR C 269 13.37 -36.15 25.85
N TYR C 270 13.83 -36.91 26.86
CA TYR C 270 13.07 -38.04 27.37
C TYR C 270 11.77 -37.56 28.01
N ALA C 271 11.87 -36.65 28.98
CA ALA C 271 10.76 -36.37 29.88
C ALA C 271 10.80 -34.94 30.41
N ASP C 272 9.62 -34.43 30.76
CA ASP C 272 9.44 -33.07 31.25
C ASP C 272 10.23 -32.86 32.56
N GLY C 273 10.71 -31.63 32.72
CA GLY C 273 11.33 -31.18 33.96
C GLY C 273 10.59 -29.97 34.52
N TRP C 274 9.75 -30.21 35.53
CA TRP C 274 8.88 -29.19 36.09
C TRP C 274 9.70 -28.06 36.71
N TRP C 275 10.93 -28.37 37.11
CA TRP C 275 11.83 -27.43 37.76
C TRP C 275 12.25 -26.33 36.82
N LYS C 276 12.24 -26.59 35.51
CA LYS C 276 12.86 -25.70 34.54
C LYS C 276 12.13 -24.36 34.46
N GLY C 277 10.95 -24.23 35.09
CA GLY C 277 10.22 -22.96 35.05
C GLY C 277 10.19 -22.23 36.38
N GLY C 278 10.82 -22.80 37.42
CA GLY C 278 11.04 -22.10 38.67
C GLY C 278 10.45 -22.85 39.87
N GLU C 279 9.21 -23.34 39.71
CA GLU C 279 8.52 -24.05 40.77
C GLU C 279 8.52 -25.54 40.45
N LYS C 280 9.25 -26.31 41.26
CA LYS C 280 9.56 -27.69 40.92
C LYS C 280 8.38 -28.62 41.20
N SER C 281 7.45 -28.18 42.05
CA SER C 281 6.30 -29.01 42.42
C SER C 281 5.06 -28.57 41.65
N ASP C 282 5.24 -27.69 40.66
CA ASP C 282 4.12 -27.15 39.90
C ASP C 282 4.44 -27.28 38.41
N HIS C 283 3.43 -27.71 37.63
CA HIS C 283 3.55 -27.81 36.20
C HIS C 283 2.91 -26.57 35.59
N SER C 284 3.72 -25.53 35.37
CA SER C 284 3.20 -24.22 35.02
C SER C 284 2.65 -24.23 33.60
N LEU C 285 1.45 -23.66 33.42
CA LEU C 285 0.76 -23.68 32.14
C LEU C 285 1.53 -22.92 31.06
N ASN C 286 2.37 -21.94 31.44
CA ASN C 286 2.88 -20.98 30.46
C ASN C 286 4.41 -20.97 30.39
N GLN C 287 5.07 -22.04 30.82
CA GLN C 287 6.51 -22.16 30.73
C GLN C 287 6.89 -23.21 29.69
N PRO C 288 7.25 -22.80 28.47
CA PRO C 288 7.71 -23.76 27.45
C PRO C 288 8.75 -24.77 27.96
N GLU C 289 9.67 -24.32 28.82
CA GLU C 289 10.79 -25.16 29.19
C GLU C 289 10.36 -26.41 29.96
N GLU C 290 9.13 -26.42 30.52
CA GLU C 290 8.66 -27.52 31.36
C GLU C 290 7.89 -28.56 30.54
N TRP C 291 7.87 -28.47 29.19
CA TRP C 291 7.03 -29.35 28.39
C TRP C 291 7.76 -29.84 27.13
N PHE C 292 9.06 -30.14 27.22
CA PHE C 292 9.81 -30.59 26.05
C PHE C 292 9.88 -32.12 25.96
N GLY C 293 9.38 -32.82 26.99
CA GLY C 293 9.58 -34.26 27.05
C GLY C 293 8.80 -35.05 26.00
N PHE C 294 9.32 -36.24 25.67
CA PHE C 294 8.57 -37.22 24.91
C PHE C 294 7.60 -37.95 25.84
N TRP C 295 7.90 -37.90 27.16
CA TRP C 295 7.04 -38.42 28.21
C TRP C 295 6.55 -37.27 29.11
N GLY C 296 5.30 -37.39 29.57
CA GLY C 296 4.70 -36.42 30.48
C GLY C 296 4.15 -37.09 31.74
N TYR C 297 4.17 -36.35 32.85
CA TYR C 297 3.71 -36.85 34.13
C TYR C 297 2.27 -36.39 34.36
N SER C 298 1.48 -37.25 35.02
CA SER C 298 0.07 -37.04 35.25
C SER C 298 -0.16 -35.97 36.31
N ASP C 299 0.69 -35.94 37.34
CA ASP C 299 0.58 -35.05 38.47
C ASP C 299 1.84 -35.16 39.31
N LEU C 300 1.90 -34.39 40.42
CA LEU C 300 3.08 -34.29 41.26
C LEU C 300 3.55 -35.66 41.77
N ASN C 301 2.63 -36.61 41.98
CA ASN C 301 2.97 -37.89 42.60
C ASN C 301 3.44 -38.94 41.60
N ASP C 302 3.37 -38.62 40.30
CA ASP C 302 3.71 -39.57 39.26
C ASP C 302 5.21 -39.53 38.98
N LYS C 303 5.91 -40.64 39.24
CA LYS C 303 7.33 -40.75 39.01
C LYS C 303 7.63 -41.48 37.71
N TYR C 304 6.60 -41.88 36.96
CA TYR C 304 6.81 -42.73 35.80
C TYR C 304 6.37 -42.02 34.51
N GLY C 305 5.13 -41.53 34.50
CA GLY C 305 4.63 -40.80 33.34
C GLY C 305 4.29 -41.74 32.20
N THR C 306 4.05 -41.16 31.03
CA THR C 306 3.47 -41.84 29.89
C THR C 306 4.06 -41.25 28.62
N PRO C 307 4.35 -42.05 27.57
CA PRO C 307 4.86 -41.50 26.32
C PRO C 307 3.80 -40.76 25.51
N ARG C 308 4.19 -39.62 24.94
CA ARG C 308 3.38 -38.84 24.02
C ARG C 308 3.53 -39.39 22.61
N PRO C 309 2.64 -39.01 21.65
CA PRO C 309 2.68 -39.55 20.29
C PRO C 309 4.06 -39.56 19.64
N VAL C 310 4.86 -38.51 19.89
CA VAL C 310 6.17 -38.33 19.32
C VAL C 310 7.05 -39.56 19.57
N TRP C 311 6.91 -40.17 20.75
CA TRP C 311 7.69 -41.33 21.13
C TRP C 311 7.57 -42.47 20.11
N PHE C 312 6.33 -42.76 19.69
CA PHE C 312 6.06 -43.88 18.81
C PHE C 312 6.44 -43.51 17.36
N ALA C 313 6.21 -42.26 16.98
CA ALA C 313 6.60 -41.81 15.66
C ALA C 313 8.11 -41.93 15.49
N MSE C 314 8.88 -41.52 16.52
CA MSE C 314 10.33 -41.60 16.47
C MSE C 314 10.81 -43.05 16.45
O MSE C 314 11.74 -43.39 15.70
CB MSE C 314 10.94 -40.84 17.66
CG MSE C 314 10.88 -39.35 17.53
SE MSE C 314 12.28 -38.68 16.31
CE MSE C 314 13.78 -38.87 17.57
N ARG C 315 10.21 -43.90 17.27
CA ARG C 315 10.56 -45.31 17.28
C ARG C 315 10.39 -45.92 15.89
N ASP C 316 9.21 -45.73 15.29
CA ASP C 316 8.91 -46.30 13.98
C ASP C 316 9.84 -45.72 12.93
N TYR C 317 10.16 -44.42 13.03
CA TYR C 317 10.98 -43.75 12.02
C TYR C 317 12.44 -44.23 12.07
N MSE C 318 12.94 -44.60 13.26
CA MSE C 318 14.36 -44.85 13.42
C MSE C 318 14.77 -46.25 12.95
O MSE C 318 15.96 -46.54 12.92
CB MSE C 318 14.73 -44.67 14.89
CG MSE C 318 15.19 -43.28 15.26
SE MSE C 318 15.33 -43.28 17.21
CE MSE C 318 16.71 -41.91 17.29
N LYS C 319 13.79 -47.09 12.57
CA LYS C 319 14.07 -48.48 12.21
C LYS C 319 14.97 -48.54 10.97
N GLY C 320 14.74 -47.67 9.98
CA GLY C 320 15.54 -47.62 8.76
C GLY C 320 15.84 -46.18 8.37
N LEU C 321 17.09 -45.75 8.58
CA LEU C 321 17.46 -44.38 8.33
C LEU C 321 18.08 -44.26 6.96
N ILE C 322 17.67 -43.23 6.20
CA ILE C 322 18.29 -42.89 4.92
C ILE C 322 19.27 -41.75 5.15
N ILE C 323 20.56 -42.00 4.91
CA ILE C 323 21.59 -40.97 5.06
C ILE C 323 21.88 -40.34 3.69
N SER C 324 21.89 -41.17 2.64
CA SER C 324 22.07 -40.72 1.27
C SER C 324 21.18 -41.57 0.37
N PRO C 325 20.52 -41.01 -0.66
CA PRO C 325 20.56 -39.60 -0.96
C PRO C 325 19.80 -38.72 0.03
N LYS C 326 20.12 -37.43 0.01
CA LYS C 326 19.54 -36.47 0.94
C LYS C 326 18.35 -35.76 0.30
N ASN C 327 17.37 -35.42 1.13
CA ASN C 327 16.18 -34.71 0.69
C ASN C 327 16.58 -33.30 0.26
N LYS C 328 15.97 -32.84 -0.83
CA LYS C 328 16.22 -31.51 -1.39
C LYS C 328 17.67 -31.39 -1.87
N SER C 329 18.22 -32.51 -2.38
CA SER C 329 19.57 -32.55 -2.94
C SER C 329 19.48 -32.47 -4.46
N ILE C 330 20.56 -31.95 -5.06
CA ILE C 330 20.63 -31.67 -6.48
C ILE C 330 21.76 -32.49 -7.09
N HIS C 331 21.44 -33.26 -8.14
CA HIS C 331 22.37 -34.24 -8.69
C HIS C 331 22.55 -34.01 -10.19
N THR C 332 23.80 -34.10 -10.66
CA THR C 332 24.13 -33.92 -12.06
C THR C 332 24.82 -35.19 -12.58
N ASN C 333 24.29 -36.36 -12.22
CA ASN C 333 24.94 -37.63 -12.48
C ASN C 333 23.85 -38.70 -12.57
N THR C 334 24.09 -39.81 -13.27
CA THR C 334 23.12 -40.90 -13.32
C THR C 334 23.32 -41.84 -12.12
N LYS C 335 24.44 -41.68 -11.39
CA LYS C 335 24.75 -42.54 -10.26
C LYS C 335 24.60 -41.76 -8.96
N ILE C 336 23.72 -42.25 -8.08
CA ILE C 336 23.38 -41.56 -6.84
C ILE C 336 23.86 -42.40 -5.68
N PRO C 337 24.85 -41.93 -4.87
CA PRO C 337 25.24 -42.66 -3.66
C PRO C 337 24.05 -42.96 -2.75
N LEU C 338 24.01 -44.21 -2.25
CA LEU C 338 23.00 -44.68 -1.32
C LEU C 338 23.67 -45.10 -0.01
N GLU C 339 23.15 -44.59 1.11
CA GLU C 339 23.66 -44.94 2.43
C GLU C 339 22.49 -45.12 3.37
N LEU C 340 22.39 -46.32 3.98
CA LEU C 340 21.34 -46.60 4.95
C LEU C 340 21.99 -47.02 6.27
N TYR C 341 21.27 -46.76 7.39
CA TYR C 341 21.60 -47.36 8.66
C TYR C 341 20.33 -48.04 9.20
N ASN C 342 20.34 -49.38 9.16
CA ASN C 342 19.15 -50.18 9.46
C ASN C 342 19.27 -50.95 10.76
N ASP C 343 18.13 -51.05 11.43
CA ASP C 343 17.84 -51.89 12.58
C ASP C 343 17.73 -53.34 12.16
N LYS C 344 17.78 -54.28 13.10
CA LYS C 344 17.77 -55.69 12.76
C LYS C 344 16.42 -56.14 12.20
N ASP C 345 15.37 -55.32 12.31
CA ASP C 345 14.05 -55.72 11.82
C ASP C 345 13.93 -55.55 10.30
N VAL C 346 14.79 -54.71 9.71
CA VAL C 346 14.73 -54.40 8.30
C VAL C 346 15.41 -55.51 7.51
N LYS C 347 14.65 -56.16 6.60
CA LYS C 347 15.17 -57.26 5.80
C LYS C 347 15.19 -56.93 4.31
N LYS C 348 14.40 -55.93 3.87
CA LYS C 348 14.39 -55.55 2.46
C LYS C 348 14.16 -54.04 2.36
N VAL C 349 14.82 -53.41 1.38
CA VAL C 349 14.57 -52.02 1.05
C VAL C 349 14.26 -51.93 -0.44
N VAL C 350 13.23 -51.17 -0.79
CA VAL C 350 12.87 -50.97 -2.18
C VAL C 350 12.77 -49.47 -2.43
N VAL C 351 13.19 -49.03 -3.62
CA VAL C 351 13.05 -47.63 -4.03
C VAL C 351 12.22 -47.59 -5.32
N LYS C 352 11.21 -46.74 -5.35
CA LYS C 352 10.39 -46.58 -6.54
C LYS C 352 10.40 -45.14 -7.03
N PHE C 353 10.17 -45.00 -8.33
CA PHE C 353 9.87 -43.71 -8.92
C PHE C 353 8.75 -43.92 -9.93
N ARG C 354 7.66 -43.17 -9.73
CA ARG C 354 6.44 -43.33 -10.51
C ARG C 354 6.01 -44.80 -10.51
N ASP C 355 6.00 -45.40 -9.31
CA ASP C 355 5.44 -46.72 -9.08
C ASP C 355 6.24 -47.82 -9.79
N LYS C 356 7.50 -47.52 -10.14
CA LYS C 356 8.35 -48.51 -10.78
C LYS C 356 9.61 -48.68 -9.94
N VAL C 357 10.03 -49.94 -9.76
CA VAL C 357 11.17 -50.25 -8.92
C VAL C 357 12.44 -49.77 -9.61
N ILE C 358 13.25 -48.99 -8.89
CA ILE C 358 14.54 -48.54 -9.38
C ILE C 358 15.67 -49.18 -8.58
N TYR C 359 15.36 -49.78 -7.42
CA TYR C 359 16.37 -50.40 -6.58
C TYR C 359 15.69 -51.37 -5.61
N SER C 360 16.34 -52.52 -5.35
CA SER C 360 15.77 -53.54 -4.48
C SER C 360 16.89 -54.42 -3.92
N LYS C 361 17.05 -54.46 -2.59
CA LYS C 361 18.09 -55.26 -1.99
C LYS C 361 17.58 -55.99 -0.74
N ASN C 362 17.94 -57.28 -0.61
CA ASN C 362 17.79 -58.02 0.63
C ASN C 362 18.91 -57.65 1.60
N ILE C 363 18.54 -57.20 2.80
CA ILE C 363 19.49 -56.81 3.83
C ILE C 363 19.90 -58.06 4.61
N THR C 364 21.19 -58.40 4.53
CA THR C 364 21.75 -59.59 5.18
C THR C 364 22.25 -59.24 6.58
N SER C 365 22.38 -57.94 6.85
CA SER C 365 23.27 -57.48 7.91
C SER C 365 22.83 -56.11 8.41
N GLU C 366 22.63 -55.97 9.72
CA GLU C 366 22.09 -54.74 10.29
C GLU C 366 23.18 -53.67 10.33
N GLY C 367 22.77 -52.42 10.56
CA GLY C 367 23.70 -51.30 10.63
C GLY C 367 23.90 -50.64 9.25
N TYR C 368 25.12 -50.17 9.01
CA TYR C 368 25.42 -49.36 7.85
C TYR C 368 25.53 -50.20 6.58
N MSE C 369 25.00 -49.69 5.47
CA MSE C 369 25.29 -50.25 4.15
C MSE C 369 25.34 -49.14 3.11
O MSE C 369 24.68 -48.11 3.25
CB MSE C 369 24.24 -51.31 3.80
CG MSE C 369 22.82 -50.77 3.73
SE MSE C 369 22.13 -50.87 1.88
CE MSE C 369 21.82 -52.81 1.88
N ALA C 370 26.14 -49.38 2.06
CA ALA C 370 26.35 -48.42 0.97
C ALA C 370 26.11 -49.10 -0.37
N ASP C 371 25.52 -48.37 -1.33
CA ASP C 371 25.31 -48.87 -2.68
C ASP C 371 25.12 -47.64 -3.60
N GLU C 372 24.68 -47.85 -4.85
CA GLU C 372 24.34 -46.73 -5.71
C GLU C 372 22.99 -46.98 -6.39
N LEU C 373 22.26 -45.88 -6.65
CA LEU C 373 21.07 -45.92 -7.50
C LEU C 373 21.48 -45.53 -8.91
N THR C 374 20.82 -46.13 -9.89
CA THR C 374 20.86 -45.65 -11.27
C THR C 374 19.56 -44.93 -11.57
N ILE C 375 19.65 -43.73 -12.16
CA ILE C 375 18.49 -42.97 -12.57
C ILE C 375 18.72 -42.50 -14.00
N ASP C 376 17.63 -42.13 -14.68
CA ASP C 376 17.69 -41.78 -16.09
C ASP C 376 16.83 -40.55 -16.35
N PRO C 377 17.20 -39.36 -15.80
CA PRO C 377 16.38 -38.17 -15.95
C PRO C 377 16.35 -37.64 -17.38
N VAL C 378 15.16 -37.23 -17.83
CA VAL C 378 14.97 -36.49 -19.07
C VAL C 378 15.14 -35.00 -18.77
N GLY C 379 16.17 -34.39 -19.35
CA GLY C 379 16.52 -33.02 -19.08
C GLY C 379 16.80 -32.84 -17.60
N ILE C 380 16.14 -31.84 -17.01
CA ILE C 380 16.06 -31.64 -15.57
C ILE C 380 14.72 -32.22 -15.10
N GLU C 381 14.78 -33.10 -14.10
CA GLU C 381 13.61 -33.75 -13.55
C GLU C 381 13.65 -33.71 -12.03
N ASP C 382 12.57 -33.21 -11.43
CA ASP C 382 12.27 -33.39 -10.02
C ASP C 382 11.80 -34.83 -9.81
N MSE C 383 12.30 -35.47 -8.76
CA MSE C 383 12.01 -36.88 -8.55
C MSE C 383 11.73 -37.13 -7.07
O MSE C 383 12.57 -36.81 -6.22
CB MSE C 383 13.18 -37.76 -9.02
CG MSE C 383 13.66 -37.48 -10.43
SE MSE C 383 14.76 -38.91 -11.16
CE MSE C 383 16.15 -38.86 -9.79
N GLU C 384 10.54 -37.68 -6.78
CA GLU C 384 10.21 -38.20 -5.47
C GLU C 384 10.61 -39.67 -5.43
N LEU C 385 11.76 -39.96 -4.81
CA LEU C 385 12.21 -41.31 -4.62
C LEU C 385 11.46 -41.90 -3.43
N ALA C 386 10.68 -42.96 -3.70
CA ALA C 386 9.82 -43.57 -2.70
C ALA C 386 10.50 -44.81 -2.11
N PHE C 387 10.92 -44.70 -0.84
CA PHE C 387 11.60 -45.79 -0.16
C PHE C 387 10.58 -46.61 0.64
N GLU C 388 10.77 -47.93 0.62
CA GLU C 388 9.97 -48.88 1.37
C GLU C 388 10.87 -49.83 2.15
N PHE C 389 10.58 -49.99 3.45
CA PHE C 389 11.30 -50.92 4.32
C PHE C 389 10.39 -52.07 4.72
N TYR C 390 10.94 -53.31 4.68
CA TYR C 390 10.18 -54.53 4.92
C TYR C 390 10.80 -55.34 6.05
N ASP C 391 9.94 -56.03 6.81
CA ASP C 391 10.35 -56.98 7.85
C ASP C 391 10.49 -58.37 7.25
N SER C 392 10.78 -59.37 8.09
CA SER C 392 11.03 -60.72 7.60
C SER C 392 9.77 -61.40 7.06
N ASP C 393 8.59 -60.86 7.40
CA ASP C 393 7.33 -61.37 6.86
C ASP C 393 6.93 -60.64 5.58
N ASN C 394 7.80 -59.77 5.09
CA ASN C 394 7.59 -59.03 3.86
C ASN C 394 6.40 -58.06 4.02
N LYS C 395 6.19 -57.59 5.25
CA LYS C 395 5.28 -56.48 5.54
C LYS C 395 6.08 -55.17 5.54
N ILE C 396 5.49 -54.12 4.95
CA ILE C 396 6.09 -52.81 4.97
C ILE C 396 6.03 -52.27 6.39
N ILE C 397 7.13 -51.65 6.87
CA ILE C 397 7.14 -51.06 8.19
C ILE C 397 7.45 -49.57 8.14
N LYS C 398 7.92 -49.04 7.00
CA LYS C 398 8.18 -47.62 6.88
C LYS C 398 8.12 -47.17 5.42
N ASN C 399 7.52 -45.99 5.20
CA ASN C 399 7.62 -45.28 3.93
C ASN C 399 8.40 -43.99 4.18
N GLU C 400 9.29 -43.64 3.26
CA GLU C 400 9.93 -42.34 3.33
C GLU C 400 10.29 -41.87 1.91
N SER C 401 9.97 -40.62 1.60
CA SER C 401 10.34 -39.98 0.35
C SER C 401 11.67 -39.24 0.49
N ILE C 402 12.53 -39.35 -0.53
CA ILE C 402 13.64 -38.43 -0.72
C ILE C 402 13.44 -37.69 -2.04
N ASN C 403 13.33 -36.35 -1.96
CA ASN C 403 13.08 -35.51 -3.13
C ASN C 403 14.41 -34.98 -3.67
N ILE C 404 14.69 -35.27 -4.95
CA ILE C 404 15.91 -34.78 -5.57
C ILE C 404 15.57 -34.07 -6.88
N LEU C 405 16.53 -33.23 -7.32
CA LEU C 405 16.47 -32.57 -8.62
C LEU C 405 17.70 -33.01 -9.41
N ALA C 406 17.47 -33.65 -10.56
CA ALA C 406 18.53 -34.41 -11.20
C ALA C 406 18.57 -34.15 -12.71
N SER C 407 19.77 -34.28 -13.27
CA SER C 407 19.99 -34.22 -14.71
C SER C 407 21.27 -34.99 -15.03
N LYS C 408 21.38 -35.46 -16.29
CA LYS C 408 22.60 -36.11 -16.76
C LYS C 408 23.74 -35.10 -16.84
N THR C 409 23.40 -33.85 -17.19
CA THR C 409 24.36 -32.78 -17.40
C THR C 409 24.15 -31.72 -16.33
N ALA C 410 25.17 -30.86 -16.12
CA ALA C 410 25.05 -29.72 -15.23
C ALA C 410 24.07 -28.71 -15.84
N PHE C 411 23.48 -27.88 -14.97
CA PHE C 411 22.47 -26.90 -15.37
C PHE C 411 22.56 -25.70 -14.42
N GLU C 412 22.07 -24.54 -14.90
CA GLU C 412 22.12 -23.30 -14.15
C GLU C 412 21.00 -23.29 -13.11
N LEU C 413 21.36 -22.90 -11.87
CA LEU C 413 20.40 -22.61 -10.82
C LEU C 413 20.23 -21.10 -10.67
N PRO C 414 19.13 -20.58 -10.08
CA PRO C 414 19.02 -19.12 -9.78
C PRO C 414 19.91 -18.85 -8.57
N GLU C 415 20.33 -17.60 -8.35
CA GLU C 415 21.29 -17.35 -7.24
C GLU C 415 20.84 -16.18 -6.36
N LEU C 416 20.93 -16.33 -5.04
CA LEU C 416 20.61 -15.19 -4.14
C LEU C 416 21.92 -14.70 -3.49
N THR C 417 22.32 -13.46 -3.77
CA THR C 417 23.54 -12.88 -3.16
C THR C 417 23.12 -11.80 -2.19
N ILE C 418 23.96 -11.52 -1.19
CA ILE C 418 23.64 -10.40 -0.23
C ILE C 418 24.83 -9.43 -0.20
N GLU C 419 24.55 -8.14 0.04
CA GLU C 419 25.64 -7.13 0.14
C GLU C 419 25.39 -6.34 1.45
N VAL C 420 25.93 -6.84 2.56
CA VAL C 420 25.65 -6.21 3.88
C VAL C 420 26.62 -5.04 4.13
N THR C 421 26.23 -4.09 4.99
CA THR C 421 27.15 -2.98 5.36
C THR C 421 27.35 -3.06 6.87
N PRO C 422 28.11 -2.14 7.50
CA PRO C 422 29.59 -2.26 7.61
C PRO C 422 29.99 -3.73 7.53
N GLU C 423 30.41 -4.18 6.34
CA GLU C 423 30.73 -5.62 6.14
C GLU C 423 32.06 -5.97 6.83
N LYS C 424 32.85 -4.96 7.20
CA LYS C 424 34.18 -5.21 7.83
C LYS C 424 33.99 -5.32 9.34
N ASP C 425 33.74 -4.20 10.01
CA ASP C 425 33.51 -4.22 11.50
C ASP C 425 32.22 -3.44 11.79
N LEU C 426 31.51 -3.79 12.87
CA LEU C 426 30.21 -3.14 13.17
C LEU C 426 30.40 -1.75 13.77
N ASN C 427 31.43 -1.01 13.33
CA ASN C 427 31.65 0.38 13.83
C ASN C 427 31.61 1.37 12.65
N GLU C 428 31.81 0.89 11.43
CA GLU C 428 31.83 1.78 10.24
C GLU C 428 30.40 2.22 9.90
N GLY C 429 29.75 2.94 10.82
CA GLY C 429 28.34 3.35 10.61
C GLY C 429 27.44 2.64 11.61
N LYS C 430 26.49 3.37 12.20
CA LYS C 430 25.60 2.77 13.23
C LYS C 430 24.42 2.09 12.52
N ILE C 431 24.32 2.23 11.20
CA ILE C 431 23.24 1.57 10.42
C ILE C 431 23.88 0.63 9.39
N ALA C 432 23.38 -0.60 9.28
CA ALA C 432 23.88 -1.54 8.26
C ALA C 432 22.84 -1.69 7.15
N SER C 433 23.27 -2.02 5.94
CA SER C 433 22.30 -2.24 4.84
C SER C 433 22.57 -3.58 4.14
N ILE C 434 21.66 -4.55 4.32
CA ILE C 434 21.81 -5.86 3.61
C ILE C 434 21.19 -5.70 2.21
N LYS C 435 22.02 -5.34 1.22
CA LYS C 435 21.50 -5.21 -0.17
C LYS C 435 21.41 -6.61 -0.78
N THR C 436 20.20 -7.17 -0.84
CA THR C 436 20.04 -8.56 -1.34
C THR C 436 19.84 -8.54 -2.83
N LYS C 437 20.63 -9.32 -3.57
CA LYS C 437 20.47 -9.42 -5.04
C LYS C 437 20.09 -10.86 -5.41
N ILE C 438 19.02 -11.04 -6.19
CA ILE C 438 18.56 -12.41 -6.55
C ILE C 438 18.67 -12.61 -8.07
N GLU C 439 19.69 -13.35 -8.53
CA GLU C 439 19.78 -13.67 -9.97
C GLU C 439 18.70 -14.72 -10.26
N THR C 440 17.99 -14.59 -11.39
CA THR C 440 16.86 -15.51 -11.66
C THR C 440 17.22 -16.53 -12.72
N SER C 441 16.60 -17.71 -12.67
CA SER C 441 16.81 -18.73 -13.72
C SER C 441 15.46 -19.03 -14.39
N GLU C 442 15.40 -18.97 -15.72
CA GLU C 442 14.11 -19.18 -16.45
C GLU C 442 13.39 -20.43 -15.93
N ASN C 443 14.11 -21.55 -15.78
CA ASN C 443 13.46 -22.84 -15.41
C ASN C 443 13.05 -22.85 -13.94
N PHE C 444 13.32 -21.78 -13.18
CA PHE C 444 13.03 -21.84 -11.72
C PHE C 444 12.02 -20.74 -11.33
N THR C 445 10.97 -21.13 -10.62
CA THR C 445 9.92 -20.17 -10.20
C THR C 445 10.16 -19.68 -8.78
N LEU C 446 10.44 -18.40 -8.61
CA LEU C 446 10.63 -17.82 -7.29
C LEU C 446 9.25 -17.71 -6.65
N LEU C 447 9.19 -17.95 -5.35
CA LEU C 447 7.92 -17.74 -4.63
C LEU C 447 8.08 -16.37 -3.97
N ASP C 448 7.15 -15.44 -4.20
CA ASP C 448 7.36 -14.07 -3.64
C ASP C 448 7.44 -14.18 -2.12
N ASP C 449 8.59 -14.64 -1.59
CA ASP C 449 8.66 -14.85 -0.15
C ASP C 449 10.05 -14.47 0.36
N LEU C 450 10.65 -13.40 -0.20
CA LEU C 450 12.02 -13.02 0.11
C LEU C 450 12.08 -12.56 1.56
N LYS C 451 13.05 -13.08 2.31
CA LYS C 451 13.25 -12.72 3.72
C LYS C 451 14.68 -12.29 4.01
N ILE C 452 14.82 -11.33 4.93
CA ILE C 452 16.08 -10.72 5.29
C ILE C 452 16.21 -10.77 6.81
N SER C 453 17.40 -11.11 7.32
CA SER C 453 17.66 -11.19 8.75
C SER C 453 18.99 -10.52 9.10
N TYR C 454 18.96 -9.62 10.10
CA TYR C 454 20.17 -9.05 10.69
C TYR C 454 20.18 -9.45 12.16
N ASN C 455 20.70 -10.65 12.43
CA ASN C 455 20.65 -11.24 13.76
C ASN C 455 21.86 -10.81 14.60
N THR C 456 21.60 -9.93 15.57
CA THR C 456 22.63 -9.19 16.28
C THR C 456 23.11 -9.91 17.54
N HIS C 457 22.59 -11.12 17.78
CA HIS C 457 23.12 -12.06 18.76
C HIS C 457 22.99 -11.58 20.20
N LEU C 458 21.99 -10.73 20.49
CA LEU C 458 21.76 -10.23 21.85
C LEU C 458 20.94 -11.24 22.63
N GLY C 459 21.61 -12.09 23.43
CA GLY C 459 20.96 -13.17 24.14
C GLY C 459 20.29 -14.10 23.13
N TRP C 460 19.01 -14.42 23.38
CA TRP C 460 18.24 -15.27 22.49
C TRP C 460 17.51 -14.46 21.43
N ALA C 461 17.53 -13.13 21.53
CA ALA C 461 16.78 -12.29 20.60
C ALA C 461 17.41 -12.39 19.20
N ILE C 462 16.57 -12.56 18.18
CA ILE C 462 17.03 -12.81 16.82
C ILE C 462 17.22 -11.51 16.04
N GLY C 463 16.92 -10.37 16.65
CA GLY C 463 17.04 -9.07 16.00
C GLY C 463 16.06 -8.90 14.83
N SER C 464 16.35 -7.90 14.00
CA SER C 464 15.43 -7.46 12.96
C SER C 464 15.29 -8.51 11.86
N GLN C 465 14.10 -8.51 11.26
CA GLN C 465 13.76 -9.42 10.19
C GLN C 465 12.77 -8.68 9.28
N ALA C 466 12.85 -8.90 7.95
CA ALA C 466 11.98 -8.21 7.01
C ALA C 466 11.52 -9.15 5.90
N SER C 467 10.25 -8.99 5.50
CA SER C 467 9.69 -9.64 4.32
C SER C 467 9.58 -8.62 3.21
N VAL C 468 10.11 -8.95 2.02
CA VAL C 468 10.17 -8.02 0.91
C VAL C 468 9.44 -8.64 -0.28
N SER C 469 8.45 -7.92 -0.81
CA SER C 469 7.73 -8.37 -1.99
C SER C 469 8.61 -8.16 -3.20
N ILE C 470 8.57 -9.08 -4.17
CA ILE C 470 9.26 -8.91 -5.44
C ILE C 470 8.27 -9.04 -6.60
N SER C 471 6.99 -8.76 -6.33
CA SER C 471 5.95 -8.84 -7.34
C SER C 471 6.20 -7.83 -8.46
N ASP C 472 6.79 -6.69 -8.14
CA ASP C 472 7.04 -5.65 -9.14
C ASP C 472 8.20 -6.02 -10.07
N GLN C 473 9.03 -7.01 -9.71
CA GLN C 473 10.27 -7.26 -10.43
C GLN C 473 10.30 -8.67 -11.02
N LEU C 474 9.13 -9.23 -11.33
CA LEU C 474 9.00 -10.67 -11.56
C LEU C 474 9.85 -11.10 -12.76
N ASP C 475 9.67 -10.40 -13.90
CA ASP C 475 10.18 -10.83 -15.19
C ASP C 475 11.67 -10.49 -15.35
N LYS C 476 12.21 -9.61 -14.49
CA LYS C 476 13.57 -9.12 -14.60
C LYS C 476 14.59 -10.25 -14.37
N LYS C 477 15.75 -10.10 -15.00
CA LYS C 477 16.78 -11.12 -14.94
C LYS C 477 17.56 -11.02 -13.63
N ILE C 478 17.79 -9.80 -13.14
CA ILE C 478 18.40 -9.55 -11.84
C ILE C 478 17.39 -8.81 -10.97
N ILE C 479 17.10 -9.38 -9.78
CA ILE C 479 16.20 -8.80 -8.82
C ILE C 479 17.01 -8.33 -7.60
N THR C 480 16.80 -7.07 -7.19
CA THR C 480 17.59 -6.50 -6.11
C THR C 480 16.68 -5.92 -5.03
N SER C 481 17.25 -5.74 -3.84
CA SER C 481 16.61 -5.10 -2.72
C SER C 481 17.68 -4.49 -1.81
N GLU C 482 17.31 -3.45 -1.05
CA GLU C 482 18.19 -2.81 -0.08
C GLU C 482 17.40 -2.60 1.22
N ASN C 483 17.88 -3.18 2.32
CA ASN C 483 17.22 -3.05 3.61
C ASN C 483 18.21 -2.56 4.66
N PHE C 484 17.71 -1.72 5.58
CA PHE C 484 18.55 -1.03 6.56
C PHE C 484 18.23 -1.50 7.98
N PHE C 485 19.25 -1.48 8.85
CA PHE C 485 19.12 -1.97 10.21
C PHE C 485 20.03 -1.18 11.14
N ASN C 486 19.49 -0.80 12.30
CA ASN C 486 20.24 -0.11 13.33
C ASN C 486 21.10 -1.15 14.04
N ILE C 487 22.38 -0.82 14.25
CA ILE C 487 23.31 -1.74 14.92
C ILE C 487 23.35 -1.38 16.40
N PRO C 488 22.88 -2.26 17.32
CA PRO C 488 23.05 -2.00 18.74
C PRO C 488 24.53 -1.87 19.12
N ASP C 489 24.83 -0.96 20.05
CA ASP C 489 26.22 -0.72 20.45
C ASP C 489 26.82 -1.94 21.13
N ASN C 490 25.98 -2.76 21.77
CA ASN C 490 26.45 -3.95 22.47
C ASN C 490 26.31 -5.20 21.60
N CYS C 491 26.14 -5.01 20.28
CA CYS C 491 26.22 -6.11 19.33
C CYS C 491 27.69 -6.36 18.98
N TRP C 492 28.14 -7.58 19.26
CA TRP C 492 29.54 -7.96 19.10
C TRP C 492 29.72 -8.77 17.81
N VAL C 493 28.65 -9.44 17.36
CA VAL C 493 28.70 -10.20 16.12
C VAL C 493 27.29 -10.30 15.54
N VAL C 494 27.22 -10.27 14.19
CA VAL C 494 25.95 -10.36 13.50
C VAL C 494 26.03 -11.46 12.45
N ASN C 495 24.94 -12.23 12.34
CA ASN C 495 24.68 -13.04 11.16
C ASN C 495 23.68 -12.31 10.28
N ALA C 496 24.17 -11.81 9.14
CA ALA C 496 23.32 -11.16 8.15
C ALA C 496 23.01 -12.16 7.04
N SER C 497 21.72 -12.38 6.77
CA SER C 497 21.32 -13.38 5.79
C SER C 497 20.05 -12.96 5.05
N ALA C 498 19.87 -13.58 3.89
CA ALA C 498 18.68 -13.42 3.09
C ALA C 498 18.44 -14.71 2.34
N GLY C 499 17.17 -14.96 1.98
CA GLY C 499 16.78 -16.19 1.31
C GLY C 499 15.38 -16.12 0.73
N ILE C 500 15.16 -16.96 -0.29
CA ILE C 500 13.86 -17.04 -0.96
C ILE C 500 13.64 -18.48 -1.42
N SER C 501 12.35 -18.87 -1.53
CA SER C 501 11.98 -20.20 -1.98
C SER C 501 11.96 -20.26 -3.49
N VAL C 502 12.37 -21.41 -4.03
CA VAL C 502 12.41 -21.70 -5.46
C VAL C 502 11.65 -23.00 -5.71
N ARG C 503 11.04 -23.13 -6.88
CA ARG C 503 10.31 -24.34 -7.23
C ARG C 503 10.69 -24.75 -8.65
N TYR C 504 10.99 -26.05 -8.81
CA TYR C 504 11.00 -26.72 -10.11
C TYR C 504 10.10 -27.95 -9.98
N GLY C 505 8.97 -27.96 -10.72
CA GLY C 505 7.98 -29.02 -10.61
C GLY C 505 7.44 -29.11 -9.18
N LYS C 506 7.57 -30.29 -8.56
CA LYS C 506 7.15 -30.50 -7.20
C LYS C 506 8.29 -30.27 -6.20
N PHE C 507 9.48 -29.93 -6.70
CA PHE C 507 10.67 -29.80 -5.86
C PHE C 507 10.81 -28.36 -5.41
N THR C 508 10.81 -28.15 -4.08
CA THR C 508 10.89 -26.82 -3.51
C THR C 508 12.11 -26.74 -2.60
N PHE C 509 12.89 -25.67 -2.76
CA PHE C 509 14.12 -25.48 -2.00
C PHE C 509 14.39 -23.97 -1.83
N LYS C 510 15.47 -23.62 -1.11
CA LYS C 510 15.76 -22.22 -0.84
C LYS C 510 17.14 -21.84 -1.36
N ILE C 511 17.24 -20.62 -1.90
CA ILE C 511 18.54 -20.03 -2.22
C ILE C 511 18.79 -18.87 -1.27
N HIS C 512 20.06 -18.64 -0.92
CA HIS C 512 20.39 -17.79 0.21
C HIS C 512 21.87 -17.43 0.24
N ASP C 513 22.18 -16.46 1.10
CA ASP C 513 23.54 -16.06 1.38
C ASP C 513 23.60 -15.57 2.83
N GLN C 514 24.82 -15.59 3.37
CA GLN C 514 25.08 -15.45 4.79
C GLN C 514 26.42 -14.76 4.95
N LYS C 515 26.48 -13.78 5.85
CA LYS C 515 27.74 -13.16 6.25
C LYS C 515 27.77 -13.06 7.76
N ILE C 516 28.90 -13.46 8.35
CA ILE C 516 29.11 -13.34 9.78
C ILE C 516 30.18 -12.26 10.00
N ILE C 517 29.82 -11.21 10.75
CA ILE C 517 30.63 -10.00 10.82
C ILE C 517 30.79 -9.57 12.29
N TYR C 518 32.03 -9.24 12.67
CA TYR C 518 32.38 -8.97 14.05
C TYR C 518 32.56 -7.47 14.29
N ARG C 519 32.49 -7.08 15.57
CA ARG C 519 32.74 -5.67 15.96
C ARG C 519 34.02 -5.63 16.80
N GLY C 520 35.08 -4.97 16.33
CA GLY C 520 36.36 -4.96 17.05
C GLY C 520 37.16 -6.22 16.75
N ASP C 521 38.19 -6.51 17.56
CA ASP C 521 38.93 -7.75 17.33
C ASP C 521 38.65 -8.77 18.44
N TRP C 522 37.48 -8.68 19.10
CA TRP C 522 37.22 -9.43 20.32
C TRP C 522 37.24 -10.93 20.03
N ALA C 523 37.00 -11.30 18.76
CA ALA C 523 36.79 -12.69 18.40
C ALA C 523 38.00 -13.28 17.68
N LYS C 524 39.16 -12.61 17.77
CA LYS C 524 40.39 -13.12 17.15
C LYS C 524 40.72 -14.52 17.65
N GLU C 525 40.32 -14.87 18.89
CA GLU C 525 40.60 -16.20 19.41
C GLU C 525 39.42 -17.14 19.13
N VAL C 526 38.21 -16.74 19.57
CA VAL C 526 37.10 -17.66 19.67
C VAL C 526 36.42 -17.87 18.31
N GLY C 527 36.56 -16.90 17.39
CA GLY C 527 35.83 -16.93 16.14
C GLY C 527 36.49 -17.83 15.11
N ARG C 528 35.68 -18.31 14.14
CA ARG C 528 36.27 -19.06 13.01
C ARG C 528 37.37 -18.17 12.41
N LYS C 529 38.39 -18.83 11.88
CA LYS C 529 39.56 -18.06 11.43
C LYS C 529 40.02 -18.35 10.01
N LEU C 530 39.81 -17.41 9.08
CA LEU C 530 40.48 -17.39 7.76
C LEU C 530 39.36 -18.12 7.02
N GLU C 531 39.07 -19.38 7.38
CA GLU C 531 38.08 -20.13 6.63
C GLU C 531 36.65 -19.72 7.05
N SER D 3 -30.19 -65.70 5.20
CA SER D 3 -31.07 -64.62 5.73
C SER D 3 -30.65 -63.23 5.23
N LYS D 4 -31.57 -62.53 4.59
CA LYS D 4 -31.30 -61.28 3.87
C LYS D 4 -31.00 -60.13 4.86
N THR D 5 -30.15 -59.18 4.44
CA THR D 5 -29.76 -58.06 5.29
C THR D 5 -30.94 -57.11 5.47
N LYS D 6 -31.21 -56.73 6.73
CA LYS D 6 -32.17 -55.68 7.03
C LYS D 6 -31.44 -54.34 7.16
N ILE D 7 -31.79 -53.35 6.32
CA ILE D 7 -31.16 -52.04 6.35
C ILE D 7 -32.15 -51.03 6.91
N GLU D 8 -31.77 -50.34 7.99
CA GLU D 8 -32.63 -49.35 8.61
C GLU D 8 -31.85 -48.04 8.76
N LEU D 9 -32.46 -46.93 8.32
CA LEU D 9 -31.86 -45.61 8.47
C LEU D 9 -32.54 -44.87 9.62
N LYS D 10 -31.83 -44.66 10.74
CA LYS D 10 -32.34 -43.83 11.83
C LYS D 10 -31.17 -43.20 12.57
N ASP D 11 -31.45 -42.08 13.26
CA ASP D 11 -30.44 -41.30 13.97
C ASP D 11 -29.29 -40.96 13.03
N ASN D 12 -29.58 -40.84 11.73
CA ASN D 12 -28.63 -40.50 10.68
C ASN D 12 -27.50 -41.53 10.55
N TRP D 13 -27.78 -42.80 10.90
CA TRP D 13 -26.84 -43.89 10.65
C TRP D 13 -27.50 -44.95 9.78
N TYR D 14 -26.67 -45.64 8.99
CA TYR D 14 -27.07 -46.93 8.47
C TYR D 14 -27.03 -47.96 9.59
N HIS D 15 -28.07 -48.79 9.65
CA HIS D 15 -28.06 -49.97 10.51
C HIS D 15 -28.20 -51.21 9.62
N LEU D 16 -27.32 -52.20 9.85
CA LEU D 16 -27.40 -53.49 9.20
C LEU D 16 -27.75 -54.51 10.28
N ASP D 17 -28.96 -55.09 10.19
CA ASP D 17 -29.41 -56.12 11.14
C ASP D 17 -29.35 -55.58 12.56
N GLY D 18 -29.82 -54.34 12.78
CA GLY D 18 -29.93 -53.76 14.11
C GLY D 18 -28.64 -53.07 14.58
N GLU D 19 -27.51 -53.27 13.89
CA GLU D 19 -26.23 -52.72 14.32
C GLU D 19 -25.84 -51.48 13.51
N LYS D 20 -25.49 -50.38 14.19
CA LYS D 20 -24.97 -49.21 13.50
C LYS D 20 -23.71 -49.62 12.72
N TYR D 21 -23.64 -49.22 11.45
CA TYR D 21 -22.61 -49.69 10.54
C TYR D 21 -21.99 -48.50 9.80
N PHE D 22 -20.75 -48.18 10.18
CA PHE D 22 -19.99 -47.11 9.54
C PHE D 22 -19.40 -47.66 8.24
N ILE D 23 -19.77 -47.04 7.11
CA ILE D 23 -19.34 -47.53 5.81
C ILE D 23 -17.90 -47.09 5.55
N LYS D 24 -17.00 -48.07 5.51
CA LYS D 24 -15.60 -47.84 5.19
C LYS D 24 -15.33 -48.37 3.78
N ALA D 25 -15.73 -47.57 2.78
CA ALA D 25 -15.63 -47.97 1.38
C ALA D 25 -14.38 -47.40 0.75
N ILE D 26 -14.07 -47.92 -0.45
CA ILE D 26 -13.13 -47.31 -1.36
C ILE D 26 -13.76 -47.37 -2.75
N GLY D 27 -13.53 -46.32 -3.55
CA GLY D 27 -13.96 -46.30 -4.93
C GLY D 27 -13.15 -47.33 -5.73
N TYR D 28 -13.82 -48.05 -6.63
CA TYR D 28 -13.23 -49.18 -7.33
C TYR D 28 -13.76 -49.28 -8.75
N GLU D 29 -12.86 -49.28 -9.73
CA GLU D 29 -13.19 -49.30 -11.14
C GLU D 29 -12.46 -50.43 -11.84
N ILE D 30 -13.16 -51.55 -12.05
CA ILE D 30 -12.65 -52.66 -12.84
C ILE D 30 -12.59 -52.23 -14.30
N GLY D 31 -11.74 -52.92 -15.08
CA GLY D 31 -11.64 -52.72 -16.52
C GLY D 31 -10.82 -51.46 -16.86
N ALA D 32 -9.96 -51.01 -15.94
CA ALA D 32 -9.25 -49.76 -16.11
C ALA D 32 -7.75 -49.93 -15.89
N ARG D 33 -7.23 -51.09 -16.24
CA ARG D 33 -5.80 -51.34 -16.27
C ARG D 33 -5.16 -50.56 -17.42
N PRO D 34 -3.83 -50.33 -17.40
CA PRO D 34 -3.14 -49.76 -18.56
C PRO D 34 -3.54 -50.49 -19.83
N GLY D 35 -4.00 -49.73 -20.83
CA GLY D 35 -4.38 -50.28 -22.13
C GLY D 35 -5.87 -50.63 -22.20
N GLN D 36 -6.62 -50.40 -21.12
CA GLN D 36 -8.06 -50.66 -21.09
C GLN D 36 -8.84 -49.37 -20.92
N ALA D 37 -10.07 -49.37 -21.43
CA ALA D 37 -10.98 -48.23 -21.26
C ALA D 37 -12.36 -48.77 -20.91
N PRO D 38 -12.81 -48.64 -19.63
CA PRO D 38 -14.00 -49.36 -19.18
C PRO D 38 -15.30 -48.98 -19.88
N TYR D 39 -15.37 -47.80 -20.51
CA TYR D 39 -16.61 -47.32 -21.09
C TYR D 39 -16.66 -47.52 -22.61
N GLU D 40 -15.63 -48.13 -23.21
CA GLU D 40 -15.65 -48.34 -24.65
C GLU D 40 -15.23 -49.76 -25.04
N ASP D 41 -14.59 -50.49 -24.13
CA ASP D 41 -14.31 -51.91 -24.29
C ASP D 41 -15.62 -52.65 -24.62
N GLU D 42 -15.53 -53.87 -25.17
CA GLU D 42 -16.57 -54.87 -24.97
C GLU D 42 -16.67 -55.14 -23.46
N ARG D 43 -17.89 -55.20 -22.90
CA ARG D 43 -18.07 -55.49 -21.48
C ARG D 43 -17.55 -56.88 -21.16
N LYS D 44 -16.65 -56.97 -20.17
CA LYS D 44 -16.02 -58.22 -19.74
C LYS D 44 -16.10 -58.31 -18.23
N ASP D 45 -16.33 -59.51 -17.72
CA ASP D 45 -16.49 -59.74 -16.29
C ASP D 45 -15.15 -59.51 -15.56
N GLU D 46 -14.02 -59.93 -16.17
CA GLU D 46 -12.69 -59.70 -15.63
C GLU D 46 -12.58 -60.28 -14.22
N LEU D 47 -13.04 -61.51 -14.03
CA LEU D 47 -13.22 -62.09 -12.70
C LEU D 47 -11.88 -62.38 -12.03
N GLU D 48 -10.86 -62.80 -12.79
CA GLU D 48 -9.55 -63.11 -12.22
C GLU D 48 -8.96 -61.85 -11.57
N LEU D 49 -8.98 -60.73 -12.29
CA LEU D 49 -8.42 -59.49 -11.76
C LEU D 49 -9.25 -58.96 -10.61
N MSE D 50 -10.57 -59.20 -10.62
CA MSE D 50 -11.44 -58.77 -9.52
C MSE D 50 -11.11 -59.54 -8.25
O MSE D 50 -11.10 -58.94 -7.17
CB MSE D 50 -12.91 -58.95 -9.86
CG MSE D 50 -13.60 -57.67 -10.27
SE MSE D 50 -15.53 -57.91 -10.61
CE MSE D 50 -16.15 -57.58 -8.79
N LYS D 51 -10.87 -60.85 -8.35
CA LYS D 51 -10.46 -61.66 -7.21
C LYS D 51 -9.23 -61.03 -6.55
N PHE D 52 -8.25 -60.62 -7.37
CA PHE D 52 -7.04 -60.00 -6.87
C PHE D 52 -7.39 -58.71 -6.11
N ASP D 53 -8.20 -57.87 -6.76
CA ASP D 53 -8.59 -56.56 -6.25
C ASP D 53 -9.35 -56.65 -4.92
N LEU D 54 -10.41 -57.47 -4.88
CA LEU D 54 -11.24 -57.57 -3.70
C LEU D 54 -10.42 -58.10 -2.52
N GLU D 55 -9.48 -59.01 -2.78
CA GLU D 55 -8.60 -59.49 -1.71
C GLU D 55 -7.76 -58.34 -1.18
N ASN D 56 -7.17 -57.54 -2.08
CA ASN D 56 -6.35 -56.42 -1.63
C ASN D 56 -7.15 -55.44 -0.79
N ILE D 57 -8.40 -55.18 -1.23
CA ILE D 57 -9.26 -54.18 -0.62
C ILE D 57 -9.66 -54.64 0.79
N LYS D 58 -9.94 -55.92 0.97
CA LYS D 58 -10.20 -56.45 2.31
C LYS D 58 -8.98 -56.23 3.22
N GLU D 59 -7.76 -56.49 2.68
CA GLU D 59 -6.54 -56.40 3.47
C GLU D 59 -6.15 -54.96 3.75
N GLY D 60 -6.70 -54.03 2.96
CA GLY D 60 -6.49 -52.60 3.17
C GLY D 60 -7.37 -52.05 4.29
N GLY D 61 -8.37 -52.82 4.73
CA GLY D 61 -9.17 -52.48 5.89
C GLY D 61 -10.59 -52.01 5.55
N TYR D 62 -10.98 -52.07 4.26
CA TYR D 62 -12.26 -51.56 3.79
C TYR D 62 -13.31 -52.64 4.00
N ASN D 63 -14.57 -52.23 4.18
CA ASN D 63 -15.68 -53.17 4.30
C ASN D 63 -16.63 -53.06 3.10
N THR D 64 -16.39 -52.09 2.20
CA THR D 64 -17.31 -51.79 1.11
C THR D 64 -16.53 -51.31 -0.11
N ILE D 65 -17.12 -51.48 -1.30
CA ILE D 65 -16.61 -50.87 -2.52
C ILE D 65 -17.70 -49.99 -3.12
N ARG D 66 -17.27 -48.91 -3.81
CA ARG D 66 -18.15 -47.96 -4.47
C ARG D 66 -17.81 -47.93 -5.95
N THR D 67 -18.83 -48.03 -6.81
CA THR D 67 -18.64 -48.10 -8.26
C THR D 67 -19.46 -47.02 -8.97
N TRP D 68 -19.25 -46.92 -10.28
CA TRP D 68 -19.95 -45.95 -11.13
C TRP D 68 -20.79 -46.65 -12.19
N SER D 69 -20.59 -47.97 -12.37
CA SER D 69 -21.27 -48.76 -13.39
C SER D 69 -21.82 -50.08 -12.82
N GLN D 70 -22.94 -50.49 -13.41
CA GLN D 70 -23.57 -51.77 -13.12
C GLN D 70 -22.53 -52.90 -13.24
N TYR D 71 -22.61 -53.86 -12.33
CA TYR D 71 -21.96 -55.15 -12.50
C TYR D 71 -22.96 -56.12 -13.12
N SER D 72 -22.43 -57.11 -13.85
CA SER D 72 -23.20 -58.26 -14.31
C SER D 72 -23.49 -59.16 -13.12
N GLU D 73 -24.35 -60.15 -13.32
CA GLU D 73 -24.70 -61.08 -12.26
C GLU D 73 -23.44 -61.82 -11.78
N ASN D 74 -22.58 -62.21 -12.74
CA ASN D 74 -21.35 -62.92 -12.43
C ASN D 74 -20.44 -62.07 -11.56
N GLN D 75 -20.40 -60.76 -11.81
CA GLN D 75 -19.55 -59.91 -11.01
C GLN D 75 -20.13 -59.79 -9.59
N LEU D 76 -21.47 -59.67 -9.50
CA LEU D 76 -22.12 -59.56 -8.21
C LEU D 76 -21.83 -60.80 -7.37
N LYS D 77 -21.90 -61.99 -8.00
CA LYS D 77 -21.63 -63.24 -7.31
C LYS D 77 -20.26 -63.20 -6.63
N LEU D 78 -19.27 -62.66 -7.33
CA LEU D 78 -17.90 -62.61 -6.82
C LEU D 78 -17.82 -61.63 -5.65
N VAL D 79 -18.52 -60.50 -5.75
CA VAL D 79 -18.56 -59.53 -4.65
C VAL D 79 -19.27 -60.14 -3.46
N GLN D 80 -20.40 -60.82 -3.72
CA GLN D 80 -21.16 -61.48 -2.67
C GLN D 80 -20.24 -62.42 -1.89
N GLU D 81 -19.49 -63.28 -2.59
CA GLU D 81 -18.63 -64.27 -1.97
C GLU D 81 -17.50 -63.61 -1.19
N SER D 82 -17.07 -62.43 -1.63
CA SER D 82 -15.92 -61.74 -1.04
C SER D 82 -16.20 -61.31 0.39
N GLY D 83 -17.48 -61.07 0.70
CA GLY D 83 -17.89 -60.58 2.01
C GLY D 83 -18.02 -59.06 2.05
N LEU D 84 -17.50 -58.34 1.05
CA LEU D 84 -17.56 -56.89 0.99
C LEU D 84 -18.98 -56.44 0.63
N LYS D 85 -19.34 -55.24 1.09
CA LYS D 85 -20.60 -54.62 0.70
C LYS D 85 -20.35 -53.77 -0.54
N LEU D 86 -21.44 -53.37 -1.21
CA LEU D 86 -21.32 -52.66 -2.49
C LEU D 86 -22.27 -51.47 -2.56
N ILE D 87 -21.71 -50.29 -2.86
CA ILE D 87 -22.44 -49.12 -3.29
C ILE D 87 -22.35 -49.05 -4.82
N MSE D 88 -23.43 -49.49 -5.49
CA MSE D 88 -23.39 -49.71 -6.92
C MSE D 88 -23.83 -48.43 -7.64
O MSE D 88 -24.90 -47.90 -7.33
CB MSE D 88 -24.30 -50.88 -7.31
CG MSE D 88 -24.49 -51.09 -8.80
SE MSE D 88 -24.94 -52.95 -9.24
CE MSE D 88 -23.14 -53.61 -8.96
N GLY D 89 -23.00 -47.95 -8.56
CA GLY D 89 -23.37 -46.85 -9.43
C GLY D 89 -24.05 -47.36 -10.69
N ILE D 90 -25.06 -46.61 -11.17
CA ILE D 90 -25.74 -46.91 -12.42
C ILE D 90 -25.26 -45.92 -13.48
N ASP D 91 -24.92 -46.43 -14.67
CA ASP D 91 -24.37 -45.59 -15.73
C ASP D 91 -25.46 -44.81 -16.44
N ILE D 92 -25.96 -43.77 -15.80
CA ILE D 92 -26.86 -42.81 -16.44
C ILE D 92 -26.00 -41.63 -16.91
N LYS D 93 -25.88 -41.48 -18.24
CA LYS D 93 -24.91 -40.55 -18.82
C LYS D 93 -25.25 -39.14 -18.38
N PRO D 94 -24.35 -38.45 -17.63
CA PRO D 94 -24.60 -37.10 -17.15
C PRO D 94 -24.90 -36.04 -18.22
N GLU D 95 -24.40 -36.23 -19.46
CA GLU D 95 -24.43 -35.21 -20.49
C GLU D 95 -25.63 -35.39 -21.43
N GLU D 96 -26.50 -36.36 -21.14
CA GLU D 96 -27.64 -36.67 -21.98
C GLU D 96 -28.84 -35.81 -21.61
N ASP D 97 -29.85 -35.79 -22.50
CA ASP D 97 -31.08 -35.05 -22.26
C ASP D 97 -32.05 -35.86 -21.40
N TYR D 98 -32.14 -35.50 -20.11
CA TYR D 98 -32.92 -36.22 -19.12
C TYR D 98 -34.40 -36.20 -19.49
N GLY D 99 -34.80 -35.24 -20.34
CA GLY D 99 -36.20 -34.99 -20.65
C GLY D 99 -36.63 -35.64 -21.96
N ASP D 100 -35.68 -36.22 -22.71
CA ASP D 100 -35.99 -36.93 -23.94
C ASP D 100 -36.72 -38.24 -23.61
N PRO D 101 -38.00 -38.43 -24.04
CA PRO D 101 -38.72 -39.67 -23.84
C PRO D 101 -37.93 -40.95 -24.12
N GLU D 102 -37.07 -40.93 -25.15
CA GLU D 102 -36.35 -42.12 -25.57
C GLU D 102 -35.19 -42.43 -24.61
N PHE D 103 -34.52 -41.38 -24.10
CA PHE D 103 -33.45 -41.59 -23.14
C PHE D 103 -33.99 -42.12 -21.82
N VAL D 104 -35.17 -41.61 -21.42
CA VAL D 104 -35.82 -42.04 -20.20
C VAL D 104 -36.19 -43.53 -20.33
N LYS D 105 -36.84 -43.88 -21.45
CA LYS D 105 -37.28 -45.25 -21.69
C LYS D 105 -36.10 -46.23 -21.65
N ASP D 106 -34.99 -45.84 -22.30
CA ASP D 106 -33.81 -46.70 -22.37
C ASP D 106 -33.20 -46.89 -20.99
N SER D 107 -33.21 -45.83 -20.17
CA SER D 107 -32.75 -45.89 -18.79
C SER D 107 -33.64 -46.81 -17.95
N GLU D 108 -34.96 -46.72 -18.13
CA GLU D 108 -35.89 -47.55 -17.38
C GLU D 108 -35.64 -49.03 -17.67
N ILE D 109 -35.44 -49.38 -18.95
CA ILE D 109 -35.29 -50.77 -19.36
C ILE D 109 -33.97 -51.34 -18.84
N GLU D 110 -32.90 -50.56 -18.90
CA GLU D 110 -31.58 -51.04 -18.50
C GLU D 110 -31.59 -51.26 -16.98
N LEU D 111 -32.16 -50.29 -16.25
CA LEU D 111 -32.21 -50.38 -14.80
C LEU D 111 -33.02 -51.59 -14.37
N LYS D 112 -34.20 -51.80 -14.98
CA LYS D 112 -35.04 -52.96 -14.66
C LYS D 112 -34.29 -54.27 -14.93
N ARG D 113 -33.53 -54.32 -16.03
CA ARG D 113 -32.77 -55.51 -16.39
C ARG D 113 -31.75 -55.82 -15.29
N VAL D 114 -31.03 -54.79 -14.81
CA VAL D 114 -30.02 -54.96 -13.76
C VAL D 114 -30.69 -55.45 -12.48
N LEU D 115 -31.78 -54.77 -12.09
CA LEU D 115 -32.45 -55.01 -10.82
C LEU D 115 -32.98 -56.44 -10.80
N ASN D 116 -33.38 -56.94 -11.96
CA ASN D 116 -33.97 -58.26 -12.07
C ASN D 116 -33.08 -59.33 -11.45
N TYR D 117 -31.74 -59.21 -11.62
CA TYR D 117 -30.79 -60.13 -11.02
C TYR D 117 -30.18 -59.56 -9.75
N ALA D 118 -29.99 -58.23 -9.69
CA ALA D 118 -29.30 -57.61 -8.53
C ALA D 118 -30.12 -57.82 -7.25
N LYS D 119 -31.44 -57.81 -7.36
CA LYS D 119 -32.31 -57.92 -6.15
C LYS D 119 -31.89 -59.12 -5.30
N LYS D 120 -31.18 -60.10 -5.88
CA LYS D 120 -30.86 -61.29 -5.12
C LYS D 120 -29.56 -61.16 -4.33
N TYR D 121 -28.85 -60.03 -4.47
CA TYR D 121 -27.53 -59.88 -3.86
C TYR D 121 -27.59 -58.78 -2.78
N ASP D 122 -27.63 -59.21 -1.50
CA ASP D 122 -27.85 -58.30 -0.38
C ASP D 122 -26.54 -57.63 0.05
N CYS D 123 -25.44 -57.97 -0.63
CA CYS D 123 -24.18 -57.23 -0.48
C CYS D 123 -24.34 -55.78 -0.95
N ILE D 124 -25.34 -55.50 -1.81
CA ILE D 124 -25.65 -54.16 -2.27
C ILE D 124 -26.40 -53.41 -1.15
N ILE D 125 -25.85 -52.27 -0.72
CA ILE D 125 -26.39 -51.53 0.42
C ILE D 125 -26.76 -50.08 0.04
N THR D 126 -26.47 -49.66 -1.19
CA THR D 126 -26.93 -48.37 -1.70
C THR D 126 -26.79 -48.35 -3.23
N TYR D 127 -27.77 -47.73 -3.91
CA TYR D 127 -27.68 -47.43 -5.32
C TYR D 127 -27.37 -45.94 -5.51
N LEU D 128 -26.42 -45.62 -6.40
CA LEU D 128 -26.16 -44.25 -6.84
C LEU D 128 -26.65 -44.12 -8.28
N VAL D 129 -27.60 -43.23 -8.51
CA VAL D 129 -28.39 -43.24 -9.73
C VAL D 129 -27.75 -42.33 -10.79
N ILE D 130 -26.83 -41.43 -10.41
CA ILE D 130 -26.14 -40.59 -11.38
C ILE D 130 -24.91 -39.96 -10.73
N ASN D 131 -23.92 -39.60 -11.56
CA ASN D 131 -22.67 -39.04 -11.07
C ASN D 131 -22.42 -37.66 -11.67
N GLU D 132 -22.30 -36.66 -10.77
CA GLU D 132 -21.83 -35.30 -11.05
C GLU D 132 -22.55 -34.64 -12.23
N PRO D 133 -23.89 -34.48 -12.19
CA PRO D 133 -24.56 -33.66 -13.18
C PRO D 133 -24.12 -32.20 -13.03
N GLN D 134 -23.77 -31.58 -14.16
CA GLN D 134 -23.24 -30.22 -14.20
C GLN D 134 -24.38 -29.21 -14.18
N THR D 135 -24.10 -28.04 -13.60
CA THR D 135 -25.08 -27.00 -13.34
C THR D 135 -25.66 -26.44 -14.64
N ASP D 136 -24.79 -26.13 -15.61
CA ASP D 136 -25.23 -25.53 -16.85
C ASP D 136 -26.08 -26.53 -17.65
N HIS D 137 -25.75 -27.82 -17.56
CA HIS D 137 -26.46 -28.85 -18.31
C HIS D 137 -27.90 -28.98 -17.80
N ILE D 138 -28.06 -29.00 -16.47
CA ILE D 138 -29.37 -29.08 -15.84
C ILE D 138 -30.20 -27.86 -16.23
N HIS D 139 -29.58 -26.66 -16.20
CA HIS D 139 -30.25 -25.44 -16.60
C HIS D 139 -30.75 -25.56 -18.03
N SER D 140 -29.93 -26.21 -18.85
CA SER D 140 -30.15 -26.35 -20.28
C SER D 140 -31.32 -27.28 -20.58
N VAL D 141 -31.33 -28.44 -19.92
CA VAL D 141 -32.38 -29.48 -20.16
C VAL D 141 -33.55 -29.30 -19.16
N THR D 142 -33.46 -28.30 -18.27
CA THR D 142 -34.56 -27.96 -17.31
C THR D 142 -34.52 -28.79 -16.03
N GLY D 143 -34.46 -28.13 -14.87
CA GLY D 143 -34.51 -28.77 -13.58
C GLY D 143 -35.66 -29.76 -13.46
N LYS D 144 -36.81 -29.42 -14.04
CA LYS D 144 -37.99 -30.27 -14.04
C LYS D 144 -37.68 -31.65 -14.63
N ALA D 145 -36.91 -31.66 -15.74
CA ALA D 145 -36.57 -32.90 -16.41
C ALA D 145 -35.64 -33.73 -15.54
N PHE D 146 -34.68 -33.07 -14.89
CA PHE D 146 -33.75 -33.74 -14.00
C PHE D 146 -34.49 -34.39 -12.84
N VAL D 147 -35.38 -33.64 -12.19
CA VAL D 147 -36.10 -34.12 -11.01
C VAL D 147 -37.01 -35.28 -11.42
N ASP D 148 -37.74 -35.13 -12.53
CA ASP D 148 -38.61 -36.18 -13.03
C ASP D 148 -37.83 -37.46 -13.28
N LEU D 149 -36.61 -37.33 -13.83
CA LEU D 149 -35.78 -38.49 -14.11
C LEU D 149 -35.38 -39.18 -12.81
N MSE D 150 -34.86 -38.40 -11.86
CA MSE D 150 -34.51 -38.91 -10.53
C MSE D 150 -35.69 -39.67 -9.93
O MSE D 150 -35.52 -40.79 -9.44
CB MSE D 150 -34.06 -37.78 -9.61
CG MSE D 150 -32.81 -37.06 -10.06
SE MSE D 150 -31.19 -38.21 -10.15
CE MSE D 150 -31.13 -38.49 -12.10
N ASN D 151 -36.89 -39.07 -9.96
CA ASN D 151 -38.05 -39.68 -9.32
C ASN D 151 -38.41 -41.01 -9.99
N THR D 152 -38.29 -41.12 -11.32
CA THR D 152 -38.66 -42.36 -12.05
C THR D 152 -37.65 -43.45 -11.70
N LEU D 153 -36.39 -43.10 -11.47
CA LEU D 153 -35.36 -44.09 -11.20
C LEU D 153 -35.42 -44.56 -9.74
N ILE D 154 -35.67 -43.61 -8.82
CA ILE D 154 -35.84 -43.92 -7.41
C ILE D 154 -36.99 -44.90 -7.19
N ASN D 155 -38.13 -44.66 -7.85
CA ASN D 155 -39.33 -45.47 -7.64
C ASN D 155 -39.12 -46.88 -8.18
N ILE D 156 -38.45 -46.95 -9.34
CA ILE D 156 -38.11 -48.22 -9.95
C ILE D 156 -37.25 -49.06 -8.99
N ILE D 157 -36.25 -48.43 -8.36
CA ILE D 157 -35.35 -49.15 -7.47
C ILE D 157 -36.07 -49.52 -6.17
N HIS D 158 -36.90 -48.62 -5.61
CA HIS D 158 -37.63 -48.91 -4.38
C HIS D 158 -38.53 -50.14 -4.57
N LYS D 159 -39.03 -50.35 -5.80
CA LYS D 159 -39.91 -51.48 -6.11
C LYS D 159 -39.11 -52.73 -6.49
N GLY D 160 -38.06 -52.57 -7.30
CA GLY D 160 -37.36 -53.68 -7.90
C GLY D 160 -36.34 -54.32 -6.97
N HIS D 161 -35.74 -53.52 -6.07
CA HIS D 161 -34.86 -54.03 -5.03
C HIS D 161 -35.25 -53.40 -3.69
N PRO D 162 -36.33 -53.89 -3.04
CA PRO D 162 -36.81 -53.27 -1.81
C PRO D 162 -35.74 -53.17 -0.73
N GLY D 163 -35.87 -52.15 0.12
CA GLY D 163 -35.06 -52.01 1.32
C GLY D 163 -33.72 -51.32 1.08
N ILE D 164 -33.36 -51.02 -0.18
CA ILE D 164 -32.01 -50.53 -0.46
C ILE D 164 -32.04 -49.02 -0.64
N PRO D 165 -31.29 -48.24 0.17
CA PRO D 165 -31.18 -46.80 0.00
C PRO D 165 -30.74 -46.37 -1.40
N VAL D 166 -31.30 -45.25 -1.87
CA VAL D 166 -30.96 -44.67 -3.16
C VAL D 166 -30.48 -43.23 -2.93
N THR D 167 -29.36 -42.87 -3.60
CA THR D 167 -28.95 -41.48 -3.65
C THR D 167 -28.14 -41.27 -4.93
N LEU D 168 -27.34 -40.20 -4.97
CA LEU D 168 -26.55 -39.85 -6.14
C LEU D 168 -25.21 -39.26 -5.68
N SER D 169 -24.20 -39.33 -6.55
CA SER D 169 -22.91 -38.76 -6.24
C SER D 169 -22.81 -37.36 -6.86
N ALA D 170 -23.46 -36.39 -6.19
CA ALA D 170 -23.39 -35.00 -6.59
C ALA D 170 -22.11 -34.36 -6.07
N ASN D 171 -21.47 -33.50 -6.88
CA ASN D 171 -20.27 -32.82 -6.43
C ASN D 171 -20.66 -31.61 -5.56
N ALA D 172 -20.04 -31.51 -4.38
CA ALA D 172 -20.39 -30.49 -3.38
C ALA D 172 -20.00 -29.08 -3.83
N MSE D 173 -18.94 -28.93 -4.64
CA MSE D 173 -18.48 -27.62 -5.07
C MSE D 173 -19.40 -27.03 -6.14
O MSE D 173 -19.36 -25.82 -6.34
CB MSE D 173 -17.05 -27.68 -5.61
CG MSE D 173 -15.98 -27.87 -4.55
SE MSE D 173 -15.79 -26.33 -3.33
CE MSE D 173 -14.99 -25.03 -4.59
N ILE D 174 -20.21 -27.85 -6.84
CA ILE D 174 -21.06 -27.36 -7.92
C ILE D 174 -22.53 -27.68 -7.72
N SER D 175 -22.89 -28.51 -6.73
CA SER D 175 -24.28 -28.91 -6.52
C SER D 175 -24.72 -28.64 -5.08
N ASP D 176 -24.04 -27.68 -4.44
CA ASP D 176 -24.41 -27.13 -3.14
C ASP D 176 -25.85 -26.66 -3.11
N TYR D 177 -26.38 -26.21 -4.26
CA TYR D 177 -27.70 -25.62 -4.36
C TYR D 177 -28.79 -26.69 -4.41
N MSE D 178 -28.43 -27.94 -4.67
CA MSE D 178 -29.37 -28.93 -5.18
C MSE D 178 -30.17 -29.56 -4.05
O MSE D 178 -29.63 -29.88 -3.00
CB MSE D 178 -28.61 -30.03 -5.95
CG MSE D 178 -29.48 -31.16 -6.41
SE MSE D 178 -28.43 -32.50 -7.40
CE MSE D 178 -27.88 -31.41 -8.94
N ASP D 179 -31.48 -29.73 -4.27
CA ASP D 179 -32.33 -30.40 -3.30
C ASP D 179 -32.04 -31.88 -3.32
N GLU D 180 -31.77 -32.47 -2.14
CA GLU D 180 -31.49 -33.90 -2.08
C GLU D 180 -32.57 -34.64 -1.28
N SER D 181 -33.68 -33.99 -0.97
CA SER D 181 -34.63 -34.57 -0.02
C SER D 181 -35.49 -35.66 -0.66
N ILE D 182 -35.41 -35.88 -1.97
CA ILE D 182 -36.12 -36.99 -2.60
C ILE D 182 -35.34 -38.28 -2.44
N PHE D 183 -34.06 -38.19 -2.10
CA PHE D 183 -33.22 -39.37 -1.93
C PHE D 183 -33.35 -39.86 -0.49
N ASP D 184 -32.89 -41.10 -0.25
CA ASP D 184 -32.96 -41.73 1.04
C ASP D 184 -31.77 -41.35 1.90
N VAL D 185 -30.70 -40.82 1.28
CA VAL D 185 -29.44 -40.55 1.94
C VAL D 185 -28.82 -39.34 1.28
N TYR D 186 -28.21 -38.44 2.08
CA TYR D 186 -27.49 -37.29 1.53
C TYR D 186 -26.09 -37.77 1.15
N ALA D 187 -25.61 -37.33 -0.02
CA ALA D 187 -24.31 -37.75 -0.51
C ALA D 187 -23.66 -36.67 -1.36
N TYR D 188 -22.33 -36.60 -1.28
CA TYR D 188 -21.55 -35.65 -2.09
C TYR D 188 -20.15 -36.20 -2.38
N ASN D 189 -19.67 -35.94 -3.60
CA ASN D 189 -18.25 -35.97 -3.89
C ASN D 189 -17.65 -34.70 -3.27
N CYS D 190 -16.71 -34.88 -2.33
CA CYS D 190 -16.16 -33.77 -1.54
C CYS D 190 -14.65 -33.69 -1.69
N TYR D 191 -14.15 -32.66 -2.38
CA TYR D 191 -12.72 -32.43 -2.54
C TYR D 191 -12.31 -31.12 -1.87
N ASP D 192 -11.14 -31.14 -1.23
CA ASP D 192 -10.61 -30.01 -0.49
C ASP D 192 -9.39 -29.43 -1.20
N HIS D 193 -9.61 -28.40 -2.03
CA HIS D 193 -8.52 -27.78 -2.77
C HIS D 193 -8.19 -26.40 -2.17
N ASN D 194 -8.87 -26.01 -1.09
CA ASN D 194 -8.68 -24.73 -0.42
C ASN D 194 -8.88 -23.58 -1.41
N GLU D 195 -10.04 -23.57 -2.04
CA GLU D 195 -10.42 -22.55 -3.02
C GLU D 195 -11.93 -22.38 -2.93
N GLY D 196 -12.39 -21.17 -3.21
CA GLY D 196 -13.82 -20.86 -3.17
C GLY D 196 -14.40 -21.21 -1.81
N GLN D 197 -15.45 -22.05 -1.81
CA GLN D 197 -16.13 -22.42 -0.59
C GLN D 197 -15.17 -23.06 0.43
N THR D 198 -14.17 -23.82 -0.02
CA THR D 198 -13.30 -24.50 0.95
C THR D 198 -12.25 -23.53 1.48
N ALA D 199 -12.03 -22.38 0.83
CA ALA D 199 -11.14 -21.36 1.37
C ALA D 199 -11.82 -20.46 2.40
N THR D 200 -13.10 -20.12 2.17
CA THR D 200 -13.81 -19.23 3.07
C THR D 200 -14.19 -19.98 4.34
N MSE D 201 -14.81 -21.15 4.19
CA MSE D 201 -15.45 -21.83 5.32
C MSE D 201 -14.54 -22.91 5.92
O MSE D 201 -14.76 -23.32 7.05
CB MSE D 201 -16.77 -22.43 4.85
CG MSE D 201 -17.90 -21.45 4.79
SE MSE D 201 -19.40 -22.11 3.69
CE MSE D 201 -20.32 -20.45 3.68
N GLY D 202 -13.53 -23.35 5.17
CA GLY D 202 -12.84 -24.60 5.48
C GLY D 202 -13.63 -25.81 4.98
N PHE D 203 -12.98 -26.97 4.97
CA PHE D 203 -13.56 -28.18 4.41
C PHE D 203 -14.66 -28.69 5.33
N LYS D 204 -14.32 -28.90 6.61
CA LYS D 204 -15.27 -29.41 7.59
C LYS D 204 -16.56 -28.59 7.50
N ASP D 205 -16.43 -27.28 7.73
CA ASP D 205 -17.58 -26.41 7.96
C ASP D 205 -18.39 -26.24 6.68
N TYR D 206 -17.73 -26.30 5.51
CA TYR D 206 -18.42 -26.21 4.24
C TYR D 206 -19.42 -27.37 4.10
N ILE D 207 -18.91 -28.59 4.28
CA ILE D 207 -19.69 -29.81 4.10
C ILE D 207 -20.72 -29.92 5.24
N LYS D 208 -20.28 -29.53 6.45
CA LYS D 208 -21.18 -29.47 7.60
C LYS D 208 -22.35 -28.53 7.29
N GLY D 209 -22.05 -27.37 6.70
CA GLY D 209 -23.07 -26.38 6.34
C GLY D 209 -24.11 -26.95 5.39
N LEU D 210 -23.66 -27.75 4.40
CA LEU D 210 -24.57 -28.34 3.43
C LEU D 210 -25.47 -29.35 4.14
N ASN D 211 -24.88 -30.10 5.08
CA ASN D 211 -25.63 -31.09 5.82
C ASN D 211 -26.72 -30.41 6.64
N GLU D 212 -26.39 -29.24 7.20
CA GLU D 212 -27.33 -28.48 8.01
C GLU D 212 -28.45 -27.94 7.13
N LEU D 213 -28.11 -27.47 5.94
CA LEU D 213 -29.13 -26.97 5.03
C LEU D 213 -30.05 -28.12 4.60
N ASN D 214 -29.52 -29.34 4.50
CA ASN D 214 -30.31 -30.48 4.03
C ASN D 214 -31.28 -30.90 5.12
N GLY D 215 -30.95 -30.61 6.38
CA GLY D 215 -31.90 -30.69 7.47
C GLY D 215 -31.57 -31.75 8.53
N LEU D 216 -30.38 -32.37 8.45
CA LEU D 216 -29.91 -33.35 9.44
C LEU D 216 -30.97 -34.40 9.73
N ASP D 217 -31.68 -34.87 8.70
CA ASP D 217 -32.83 -35.76 8.90
C ASP D 217 -32.62 -37.10 8.21
N LYS D 218 -31.45 -37.30 7.58
CA LYS D 218 -31.08 -38.54 6.94
C LYS D 218 -29.59 -38.79 7.14
N PRO D 219 -29.09 -40.02 6.97
CA PRO D 219 -27.65 -40.24 6.97
C PRO D 219 -26.95 -39.47 5.87
N PHE D 220 -25.72 -39.05 6.16
CA PHE D 220 -24.85 -38.42 5.16
C PHE D 220 -23.62 -39.30 4.93
N ILE D 221 -23.28 -39.51 3.65
CA ILE D 221 -22.05 -40.22 3.26
C ILE D 221 -21.29 -39.41 2.20
N THR D 222 -19.96 -39.60 2.15
CA THR D 222 -19.15 -39.07 1.07
C THR D 222 -18.90 -40.17 0.04
N THR D 223 -19.01 -39.84 -1.24
CA THR D 223 -18.91 -40.80 -2.33
C THR D 223 -17.61 -40.64 -3.13
N GLU D 224 -16.84 -39.58 -2.82
CA GLU D 224 -15.50 -39.36 -3.35
C GLU D 224 -14.77 -38.35 -2.47
N PHE D 225 -13.44 -38.53 -2.32
CA PHE D 225 -12.53 -37.50 -1.83
C PHE D 225 -11.10 -38.01 -2.02
N GLY D 226 -10.17 -37.11 -2.30
CA GLY D 226 -8.78 -37.50 -2.41
C GLY D 226 -7.95 -36.53 -3.24
N TYR D 227 -6.78 -37.02 -3.68
CA TYR D 227 -5.73 -36.20 -4.28
C TYR D 227 -4.95 -37.03 -5.32
N SER D 228 -4.53 -36.32 -6.37
CA SER D 228 -3.79 -36.87 -7.51
C SER D 228 -2.30 -36.57 -7.38
N VAL D 229 -1.47 -37.53 -7.77
CA VAL D 229 -0.02 -37.41 -7.63
C VAL D 229 0.63 -37.33 -9.01
N SER D 230 -0.10 -36.75 -9.98
CA SER D 230 0.41 -36.60 -11.36
C SER D 230 1.69 -35.75 -11.36
N PRO D 231 2.78 -36.18 -12.04
CA PRO D 231 4.03 -35.43 -12.07
C PRO D 231 3.86 -33.92 -12.26
N GLU D 232 2.91 -33.53 -13.14
CA GLU D 232 2.57 -32.14 -13.35
C GLU D 232 1.07 -32.03 -13.67
N GLY D 233 0.66 -30.78 -13.93
CA GLY D 233 -0.66 -30.50 -14.46
C GLY D 233 -1.64 -30.11 -13.35
N GLY D 234 -2.84 -29.69 -13.78
CA GLY D 234 -3.88 -29.25 -12.87
C GLY D 234 -3.55 -27.86 -12.35
N ASN D 235 -3.98 -27.56 -11.11
CA ASN D 235 -3.52 -26.32 -10.47
C ASN D 235 -3.77 -26.43 -8.97
N GLY D 236 -2.83 -25.83 -8.21
CA GLY D 236 -2.82 -25.93 -6.76
C GLY D 236 -2.81 -27.39 -6.33
N GLN D 237 -3.73 -27.74 -5.43
CA GLN D 237 -3.78 -29.06 -4.84
C GLN D 237 -4.49 -30.05 -5.77
N TYR D 238 -5.07 -29.55 -6.89
CA TYR D 238 -5.64 -30.42 -7.90
C TYR D 238 -4.52 -30.81 -8.84
N GLY D 239 -4.10 -32.08 -8.76
CA GLY D 239 -2.91 -32.55 -9.46
C GLY D 239 -1.63 -32.23 -8.69
N SER D 240 -0.53 -32.86 -9.13
CA SER D 240 0.83 -32.47 -8.76
C SER D 240 1.15 -32.61 -7.27
N ASN D 241 0.42 -33.44 -6.51
CA ASN D 241 0.78 -33.70 -5.12
C ASN D 241 1.92 -34.71 -5.05
N THR D 242 2.75 -34.61 -4.00
CA THR D 242 3.73 -35.65 -3.67
C THR D 242 2.97 -36.83 -3.07
N LEU D 243 3.66 -37.97 -2.95
CA LEU D 243 3.10 -39.13 -2.31
C LEU D 243 2.75 -38.81 -0.85
N LYS D 244 3.60 -38.01 -0.19
CA LYS D 244 3.37 -37.65 1.20
C LYS D 244 2.14 -36.75 1.31
N GLN D 245 2.02 -35.77 0.41
CA GLN D 245 0.86 -34.90 0.42
C GLN D 245 -0.43 -35.69 0.17
N GLN D 246 -0.37 -36.72 -0.68
CA GLN D 246 -1.53 -37.55 -0.93
C GLN D 246 -1.96 -38.26 0.36
N SER D 247 -0.99 -38.86 1.05
CA SER D 247 -1.25 -39.62 2.26
C SER D 247 -1.83 -38.70 3.36
N ASP D 248 -1.13 -37.59 3.64
CA ASP D 248 -1.54 -36.64 4.65
C ASP D 248 -2.91 -36.05 4.29
N GLY D 249 -3.13 -35.79 3.01
CA GLY D 249 -4.38 -35.24 2.51
C GLY D 249 -5.55 -36.17 2.81
N LEU D 250 -5.38 -37.47 2.54
CA LEU D 250 -6.48 -38.41 2.75
C LEU D 250 -6.84 -38.46 4.23
N ILE D 251 -5.84 -38.45 5.11
CA ILE D 251 -6.07 -38.56 6.55
C ILE D 251 -6.76 -37.28 7.05
N SER D 252 -6.29 -36.14 6.55
CA SER D 252 -6.92 -34.87 6.86
C SER D 252 -8.39 -34.90 6.42
N ASN D 253 -8.67 -35.38 5.19
CA ASN D 253 -10.02 -35.40 4.65
C ASN D 253 -10.92 -36.33 5.49
N TYR D 254 -10.39 -37.47 5.89
CA TYR D 254 -11.17 -38.45 6.62
C TYR D 254 -11.71 -37.80 7.89
N ARG D 255 -10.80 -37.14 8.63
CA ARG D 255 -11.14 -36.51 9.90
C ARG D 255 -12.22 -35.45 9.69
N ASP D 256 -11.97 -34.56 8.72
CA ASP D 256 -12.83 -33.40 8.47
C ASP D 256 -14.23 -33.85 8.09
N LEU D 257 -14.34 -34.91 7.27
CA LEU D 257 -15.63 -35.32 6.75
C LEU D 257 -16.45 -36.04 7.82
N ILE D 258 -15.77 -36.75 8.75
CA ILE D 258 -16.46 -37.30 9.91
C ILE D 258 -16.98 -36.14 10.76
N ASP D 259 -16.13 -35.12 10.93
CA ASP D 259 -16.47 -33.94 11.73
C ASP D 259 -17.67 -33.20 11.14
N ALA D 260 -17.90 -33.34 9.83
CA ALA D 260 -19.04 -32.72 9.16
C ALA D 260 -20.34 -33.51 9.37
N GLY D 261 -20.23 -34.73 9.91
CA GLY D 261 -21.40 -35.53 10.28
C GLY D 261 -21.54 -36.81 9.46
N ALA D 262 -20.52 -37.17 8.68
CA ALA D 262 -20.67 -38.29 7.77
C ALA D 262 -20.51 -39.62 8.53
N VAL D 263 -21.26 -40.62 8.08
CA VAL D 263 -21.30 -41.95 8.67
C VAL D 263 -20.99 -43.03 7.63
N GLY D 264 -20.42 -42.58 6.51
CA GLY D 264 -20.01 -43.44 5.42
C GLY D 264 -19.01 -42.71 4.53
N MSE D 265 -18.00 -43.45 4.04
CA MSE D 265 -16.83 -42.83 3.42
C MSE D 265 -16.39 -43.64 2.20
O MSE D 265 -16.19 -44.84 2.29
CB MSE D 265 -15.71 -42.76 4.45
CG MSE D 265 -16.05 -41.96 5.68
SE MSE D 265 -16.02 -40.02 5.30
CE MSE D 265 -16.84 -39.48 7.00
N CYS D 266 -16.22 -42.95 1.08
CA CYS D 266 -15.75 -43.55 -0.15
C CYS D 266 -14.56 -42.76 -0.69
N PRO D 267 -13.36 -42.88 -0.06
CA PRO D 267 -12.15 -42.29 -0.61
C PRO D 267 -11.97 -42.64 -2.09
N PHE D 268 -11.30 -41.75 -2.82
CA PHE D 268 -11.02 -41.99 -4.27
C PHE D 268 -9.52 -42.15 -4.47
N TYR D 269 -9.09 -43.14 -5.25
CA TYR D 269 -9.78 -44.46 -5.36
C TYR D 269 -8.75 -45.61 -5.26
N TYR D 270 -9.11 -46.81 -5.71
CA TYR D 270 -8.25 -47.97 -5.60
C TYR D 270 -6.99 -47.78 -6.44
N ALA D 271 -7.15 -47.49 -7.74
CA ALA D 271 -6.05 -47.60 -8.68
C ALA D 271 -6.19 -46.64 -9.86
N ASP D 272 -5.04 -46.25 -10.42
CA ASP D 272 -4.95 -45.33 -11.54
C ASP D 272 -5.71 -45.85 -12.75
N GLY D 273 -6.29 -44.91 -13.50
CA GLY D 273 -6.91 -45.20 -14.78
C GLY D 273 -6.28 -44.37 -15.88
N TRP D 274 -5.38 -44.98 -16.65
CA TRP D 274 -4.61 -44.29 -17.67
C TRP D 274 -5.53 -43.72 -18.75
N TRP D 275 -6.71 -44.32 -18.91
CA TRP D 275 -7.68 -43.94 -19.92
C TRP D 275 -8.24 -42.54 -19.65
N LYS D 276 -8.23 -42.12 -18.38
CA LYS D 276 -8.98 -40.94 -17.98
C LYS D 276 -8.39 -39.67 -18.59
N GLY D 277 -7.21 -39.73 -19.22
CA GLY D 277 -6.62 -38.55 -19.83
C GLY D 277 -6.61 -38.59 -21.37
N GLY D 278 -7.15 -39.65 -21.96
CA GLY D 278 -7.40 -39.68 -23.39
C GLY D 278 -6.71 -40.85 -24.08
N GLU D 279 -5.42 -41.07 -23.75
CA GLU D 279 -4.66 -42.17 -24.33
C GLU D 279 -4.52 -43.28 -23.28
N LYS D 280 -5.13 -44.43 -23.58
CA LYS D 280 -5.30 -45.48 -22.58
C LYS D 280 -4.01 -46.29 -22.40
N SER D 281 -3.13 -46.25 -23.40
CA SER D 281 -1.89 -47.00 -23.36
C SER D 281 -0.71 -46.13 -22.93
N ASP D 282 -1.01 -44.90 -22.51
CA ASP D 282 0.01 -43.94 -22.14
C ASP D 282 -0.33 -43.35 -20.78
N HIS D 283 0.70 -43.23 -19.94
CA HIS D 283 0.54 -42.61 -18.63
C HIS D 283 1.03 -41.18 -18.74
N SER D 284 0.10 -40.26 -19.01
CA SER D 284 0.46 -38.90 -19.37
C SER D 284 0.98 -38.15 -18.14
N LEU D 285 2.10 -37.45 -18.30
CA LEU D 285 2.77 -36.79 -17.20
C LEU D 285 1.93 -35.66 -16.63
N ASN D 286 0.99 -35.09 -17.41
CA ASN D 286 0.37 -33.83 -17.02
C ASN D 286 -1.15 -33.94 -16.92
N GLN D 287 -1.68 -35.16 -16.76
CA GLN D 287 -3.12 -35.34 -16.59
C GLN D 287 -3.43 -35.76 -15.17
N PRO D 288 -3.88 -34.84 -14.29
CA PRO D 288 -4.24 -35.21 -12.93
C PRO D 288 -5.17 -36.43 -12.82
N GLU D 289 -6.11 -36.56 -13.75
CA GLU D 289 -7.14 -37.59 -13.64
C GLU D 289 -6.56 -39.01 -13.69
N GLU D 290 -5.32 -39.17 -14.21
CA GLU D 290 -4.72 -40.49 -14.40
C GLU D 290 -3.88 -40.91 -13.19
N TRP D 291 -3.90 -40.15 -12.07
CA TRP D 291 -3.00 -40.44 -10.95
C TRP D 291 -3.70 -40.31 -9.60
N PHE D 292 -4.98 -40.72 -9.50
CA PHE D 292 -5.72 -40.60 -8.25
C PHE D 292 -5.66 -41.89 -7.41
N GLY D 293 -5.08 -42.95 -7.95
CA GLY D 293 -5.13 -44.25 -7.30
C GLY D 293 -4.31 -44.32 -6.01
N PHE D 294 -4.74 -45.22 -5.12
CA PHE D 294 -3.92 -45.63 -3.99
C PHE D 294 -2.87 -46.64 -4.46
N TRP D 295 -3.13 -47.27 -5.61
CA TRP D 295 -2.20 -48.16 -6.30
C TRP D 295 -1.79 -47.57 -7.64
N GLY D 296 -0.52 -47.78 -8.03
CA GLY D 296 0.00 -47.36 -9.32
C GLY D 296 0.64 -48.54 -10.07
N TYR D 297 0.59 -48.46 -11.41
CA TYR D 297 1.15 -49.48 -12.28
C TYR D 297 2.55 -49.07 -12.74
N SER D 298 3.42 -50.06 -12.90
CA SER D 298 4.82 -49.86 -13.24
C SER D 298 4.98 -49.44 -14.70
N ASP D 299 4.16 -50.01 -15.59
CA ASP D 299 4.23 -49.76 -17.03
C ASP D 299 3.01 -50.40 -17.68
N LEU D 300 2.92 -50.29 -19.01
CA LEU D 300 1.77 -50.72 -19.79
C LEU D 300 1.44 -52.21 -19.56
N ASN D 301 2.43 -53.04 -19.26
CA ASN D 301 2.25 -54.49 -19.16
C ASN D 301 1.81 -54.93 -17.76
N ASP D 302 1.81 -54.02 -16.79
CA ASP D 302 1.55 -54.37 -15.40
C ASP D 302 0.05 -54.32 -15.12
N LYS D 303 -0.53 -55.48 -14.80
CA LYS D 303 -1.95 -55.60 -14.52
C LYS D 303 -2.21 -55.63 -13.01
N TYR D 304 -1.17 -55.50 -12.18
CA TYR D 304 -1.34 -55.68 -10.74
C TYR D 304 -1.00 -54.39 -9.99
N GLY D 305 0.19 -53.84 -10.25
CA GLY D 305 0.58 -52.59 -9.62
C GLY D 305 0.97 -52.80 -8.16
N THR D 306 1.11 -51.68 -7.45
CA THR D 306 1.70 -51.65 -6.13
C THR D 306 1.03 -50.55 -5.31
N PRO D 307 0.77 -50.74 -4.00
CA PRO D 307 0.19 -49.68 -3.18
C PRO D 307 1.18 -48.55 -2.87
N ARG D 308 0.67 -47.31 -2.95
CA ARG D 308 1.39 -46.11 -2.55
C ARG D 308 1.25 -45.88 -1.04
N PRO D 309 2.09 -45.02 -0.42
CA PRO D 309 2.06 -44.83 1.03
C PRO D 309 0.68 -44.61 1.65
N VAL D 310 -0.18 -43.89 0.92
CA VAL D 310 -1.54 -43.56 1.37
C VAL D 310 -2.30 -44.83 1.78
N TRP D 311 -2.08 -45.93 1.06
CA TRP D 311 -2.75 -47.20 1.32
C TRP D 311 -2.55 -47.66 2.77
N PHE D 312 -1.30 -47.58 3.26
CA PHE D 312 -0.97 -48.08 4.58
C PHE D 312 -1.41 -47.08 5.64
N ALA D 313 -1.30 -45.79 5.35
CA ALA D 313 -1.76 -44.77 6.28
C ALA D 313 -3.27 -44.93 6.52
N MSE D 314 -4.02 -45.16 5.44
CA MSE D 314 -5.47 -45.33 5.55
C MSE D 314 -5.83 -46.60 6.30
O MSE D 314 -6.75 -46.61 7.12
CB MSE D 314 -6.10 -45.31 4.16
CG MSE D 314 -6.16 -43.93 3.53
SE MSE D 314 -7.64 -42.94 4.28
CE MSE D 314 -9.09 -43.81 3.29
N ARG D 315 -5.13 -47.71 6.00
CA ARG D 315 -5.37 -48.96 6.70
C ARG D 315 -5.17 -48.76 8.21
N ASP D 316 -4.02 -48.20 8.61
CA ASP D 316 -3.74 -48.02 10.02
C ASP D 316 -4.74 -47.06 10.65
N TYR D 317 -5.18 -46.02 9.92
CA TYR D 317 -6.06 -45.01 10.47
C TYR D 317 -7.47 -45.57 10.71
N MSE D 318 -7.90 -46.53 9.88
CA MSE D 318 -9.29 -46.97 9.89
C MSE D 318 -9.57 -47.98 11.01
O MSE D 318 -10.72 -48.35 11.20
CB MSE D 318 -9.64 -47.58 8.53
CG MSE D 318 -10.22 -46.60 7.55
SE MSE D 318 -10.34 -47.52 5.83
CE MSE D 318 -11.80 -46.54 5.04
N LYS D 319 -8.54 -48.41 11.74
CA LYS D 319 -8.69 -49.45 12.75
C LYS D 319 -9.62 -49.01 13.88
N GLY D 320 -9.48 -47.74 14.30
CA GLY D 320 -10.30 -47.16 15.35
C GLY D 320 -10.72 -45.75 14.97
N LEU D 321 -12.00 -45.59 14.60
CA LEU D 321 -12.49 -44.31 14.13
C LEU D 321 -13.18 -43.58 15.28
N ILE D 322 -12.87 -42.28 15.41
CA ILE D 322 -13.55 -41.41 16.35
C ILE D 322 -14.63 -40.63 15.62
N ILE D 323 -15.90 -40.84 15.97
CA ILE D 323 -17.01 -40.11 15.37
C ILE D 323 -17.39 -38.91 16.24
N SER D 324 -17.33 -39.10 17.57
CA SER D 324 -17.58 -38.06 18.55
C SER D 324 -16.62 -38.27 19.72
N PRO D 325 -16.03 -37.22 20.32
CA PRO D 325 -16.23 -35.84 19.88
C PRO D 325 -15.54 -35.51 18.56
N LYS D 326 -15.99 -34.42 17.94
CA LYS D 326 -15.49 -34.01 16.63
C LYS D 326 -14.39 -32.97 16.81
N ASN D 327 -13.43 -32.99 15.88
CA ASN D 327 -12.33 -32.05 15.88
C ASN D 327 -12.86 -30.64 15.57
N LYS D 328 -12.33 -29.65 16.29
CA LYS D 328 -12.72 -28.26 16.15
C LYS D 328 -14.19 -28.05 16.53
N SER D 329 -14.65 -28.81 17.51
CA SER D 329 -16.00 -28.69 18.05
C SER D 329 -15.97 -27.87 19.34
N ILE D 330 -17.11 -27.23 19.65
CA ILE D 330 -17.23 -26.31 20.76
C ILE D 330 -18.29 -26.86 21.72
N HIS D 331 -17.94 -26.98 23.01
CA HIS D 331 -18.77 -27.68 23.97
C HIS D 331 -19.03 -26.78 25.19
N THR D 332 -20.28 -26.79 25.68
CA THR D 332 -20.72 -25.94 26.77
C THR D 332 -21.28 -26.79 27.92
N ASN D 333 -20.60 -27.90 28.21
CA ASN D 333 -21.12 -28.93 29.11
C ASN D 333 -19.92 -29.68 29.69
N THR D 334 -20.05 -30.32 30.87
CA THR D 334 -18.97 -31.14 31.39
C THR D 334 -19.07 -32.58 30.84
N LYS D 335 -20.16 -32.90 30.15
CA LYS D 335 -20.33 -34.21 29.54
C LYS D 335 -20.18 -34.11 28.03
N ILE D 336 -19.22 -34.88 27.49
CA ILE D 336 -18.91 -34.86 26.06
C ILE D 336 -19.30 -36.20 25.47
N PRO D 337 -20.28 -36.26 24.55
CA PRO D 337 -20.61 -37.53 23.90
C PRO D 337 -19.41 -38.17 23.20
N LEU D 338 -19.26 -39.49 23.38
CA LEU D 338 -18.20 -40.28 22.78
C LEU D 338 -18.81 -41.34 21.87
N GLU D 339 -18.32 -41.41 20.62
CA GLU D 339 -18.78 -42.41 19.68
C GLU D 339 -17.57 -42.94 18.92
N LEU D 340 -17.36 -44.27 18.99
CA LEU D 340 -16.26 -44.91 18.28
C LEU D 340 -16.84 -45.98 17.34
N TYR D 341 -16.12 -46.25 16.24
CA TYR D 341 -16.34 -47.43 15.43
C TYR D 341 -15.02 -48.17 15.26
N ASN D 342 -14.89 -49.30 15.96
CA ASN D 342 -13.63 -50.02 16.08
C ASN D 342 -13.67 -51.38 15.34
N ASP D 343 -12.52 -51.75 14.76
CA ASP D 343 -12.36 -53.08 14.20
C ASP D 343 -11.95 -54.05 15.31
N LYS D 344 -11.87 -55.33 14.95
CA LYS D 344 -11.75 -56.39 15.95
C LYS D 344 -10.39 -56.34 16.67
N ASP D 345 -9.40 -55.62 16.11
CA ASP D 345 -8.08 -55.60 16.72
C ASP D 345 -8.00 -54.65 17.92
N VAL D 346 -8.93 -53.70 18.01
CA VAL D 346 -8.92 -52.69 19.07
C VAL D 346 -9.49 -53.29 20.35
N LYS D 347 -8.67 -53.33 21.42
CA LYS D 347 -9.08 -53.92 22.69
C LYS D 347 -9.14 -52.91 23.83
N LYS D 348 -8.51 -51.74 23.68
CA LYS D 348 -8.60 -50.70 24.69
C LYS D 348 -8.51 -49.34 24.01
N VAL D 349 -9.25 -48.36 24.56
CA VAL D 349 -9.12 -46.97 24.15
C VAL D 349 -8.85 -46.13 25.39
N VAL D 350 -7.90 -45.22 25.30
CA VAL D 350 -7.57 -44.33 26.39
C VAL D 350 -7.60 -42.88 25.88
N VAL D 351 -8.09 -41.95 26.71
CA VAL D 351 -8.09 -40.54 26.37
C VAL D 351 -7.32 -39.79 27.46
N LYS D 352 -6.40 -38.93 27.03
CA LYS D 352 -5.62 -38.13 27.95
C LYS D 352 -5.79 -36.64 27.68
N PHE D 353 -5.57 -35.85 28.73
CA PHE D 353 -5.46 -34.41 28.62
C PHE D 353 -4.35 -33.98 29.57
N ARG D 354 -3.35 -33.30 29.03
CA ARG D 354 -2.17 -32.90 29.77
C ARG D 354 -1.56 -34.12 30.47
N ASP D 355 -1.45 -35.23 29.72
CA ASP D 355 -0.73 -36.42 30.13
C ASP D 355 -1.43 -37.11 31.30
N LYS D 356 -2.73 -36.83 31.49
CA LYS D 356 -3.49 -37.47 32.55
C LYS D 356 -4.68 -38.19 31.93
N VAL D 357 -4.96 -39.40 32.42
CA VAL D 357 -6.03 -40.21 31.87
C VAL D 357 -7.37 -39.59 32.30
N ILE D 358 -8.26 -39.34 31.32
CA ILE D 358 -9.60 -38.86 31.65
C ILE D 358 -10.64 -39.91 31.25
N TYR D 359 -10.25 -40.93 30.48
CA TYR D 359 -11.17 -41.96 30.05
C TYR D 359 -10.39 -43.20 29.67
N SER D 360 -10.93 -44.38 30.02
CA SER D 360 -10.26 -45.64 29.77
C SER D 360 -11.31 -46.75 29.78
N LYS D 361 -11.47 -47.45 28.65
CA LYS D 361 -12.39 -48.57 28.60
C LYS D 361 -11.77 -49.72 27.81
N ASN D 362 -11.93 -50.94 28.36
CA ASN D 362 -11.60 -52.17 27.66
C ASN D 362 -12.74 -52.52 26.70
N ILE D 363 -12.42 -52.68 25.42
CA ILE D 363 -13.40 -52.95 24.38
C ILE D 363 -13.67 -54.46 24.32
N THR D 364 -14.91 -54.85 24.62
CA THR D 364 -15.32 -56.26 24.66
C THR D 364 -15.83 -56.69 23.29
N SER D 365 -16.12 -55.73 22.42
CA SER D 365 -17.05 -55.94 21.33
C SER D 365 -16.74 -54.95 20.20
N GLU D 366 -16.56 -55.45 18.98
CA GLU D 366 -16.12 -54.62 17.86
C GLU D 366 -17.29 -53.80 17.34
N GLY D 367 -16.99 -52.82 16.48
CA GLY D 367 -18.01 -52.00 15.84
C GLY D 367 -18.32 -50.74 16.63
N TYR D 368 -19.59 -50.31 16.59
CA TYR D 368 -20.02 -49.07 17.21
C TYR D 368 -20.09 -49.19 18.73
N MSE D 369 -19.65 -48.13 19.42
CA MSE D 369 -19.91 -47.99 20.84
C MSE D 369 -20.08 -46.51 21.19
O MSE D 369 -19.53 -45.64 20.53
CB MSE D 369 -18.78 -48.63 21.65
CG MSE D 369 -17.41 -48.03 21.42
SE MSE D 369 -16.75 -47.06 23.03
CE MSE D 369 -16.61 -48.58 24.29
N ALA D 370 -20.88 -46.26 22.24
CA ALA D 370 -21.18 -44.92 22.72
C ALA D 370 -20.89 -44.81 24.22
N ASP D 371 -20.42 -43.64 24.67
CA ASP D 371 -20.15 -43.38 26.09
C ASP D 371 -20.11 -41.87 26.28
N GLU D 372 -19.70 -41.38 27.46
CA GLU D 372 -19.45 -39.95 27.65
C GLU D 372 -18.12 -39.74 28.35
N LEU D 373 -17.45 -38.62 28.03
CA LEU D 373 -16.30 -38.14 28.80
C LEU D 373 -16.79 -37.15 29.83
N THR D 374 -16.11 -37.11 30.98
CA THR D 374 -16.24 -36.03 31.94
C THR D 374 -15.02 -35.13 31.83
N ILE D 375 -15.25 -33.82 31.73
CA ILE D 375 -14.16 -32.85 31.65
C ILE D 375 -14.44 -31.75 32.66
N ASP D 376 -13.38 -31.01 32.98
CA ASP D 376 -13.45 -30.02 34.04
C ASP D 376 -12.73 -28.75 33.59
N PRO D 377 -13.24 -28.02 32.58
CA PRO D 377 -12.61 -26.80 32.12
C PRO D 377 -12.68 -25.68 33.15
N VAL D 378 -11.56 -24.95 33.30
CA VAL D 378 -11.53 -23.68 34.00
C VAL D 378 -11.85 -22.57 33.00
N GLY D 379 -12.98 -21.89 33.21
CA GLY D 379 -13.44 -20.87 32.29
C GLY D 379 -13.67 -21.45 30.90
N ILE D 380 -13.06 -20.81 29.90
CA ILE D 380 -12.97 -21.34 28.54
C ILE D 380 -11.58 -21.95 28.39
N GLU D 381 -11.53 -23.21 27.95
CA GLU D 381 -10.27 -23.93 27.77
C GLU D 381 -10.28 -24.65 26.42
N ASP D 382 -9.23 -24.39 25.62
CA ASP D 382 -8.88 -25.23 24.48
C ASP D 382 -8.27 -26.53 25.01
N MSE D 383 -8.68 -27.64 24.42
CA MSE D 383 -8.25 -28.94 24.93
C MSE D 383 -7.89 -29.85 23.76
O MSE D 383 -8.72 -30.05 22.87
CB MSE D 383 -9.36 -29.58 25.77
CG MSE D 383 -9.91 -28.70 26.89
SE MSE D 383 -10.93 -29.78 28.21
CE MSE D 383 -12.23 -30.57 27.02
N GLU D 384 -6.65 -30.36 23.77
CA GLU D 384 -6.23 -31.41 22.87
C GLU D 384 -6.49 -32.75 23.56
N LEU D 385 -7.59 -33.41 23.19
CA LEU D 385 -7.93 -34.71 23.74
C LEU D 385 -7.11 -35.75 22.99
N ALA D 386 -6.23 -36.46 23.71
CA ALA D 386 -5.29 -37.39 23.11
C ALA D 386 -5.80 -38.83 23.23
N PHE D 387 -6.21 -39.41 22.09
CA PHE D 387 -6.76 -40.75 22.06
C PHE D 387 -5.66 -41.76 21.73
N GLU D 388 -5.71 -42.90 22.40
CA GLU D 388 -4.81 -44.02 22.20
C GLU D 388 -5.60 -45.32 22.01
N PHE D 389 -5.24 -46.08 20.96
CA PHE D 389 -5.86 -47.37 20.69
C PHE D 389 -4.85 -48.49 20.90
N TYR D 390 -5.29 -49.58 21.56
CA TYR D 390 -4.43 -50.69 21.95
C TYR D 390 -4.94 -52.02 21.36
N ASP D 391 -4.00 -52.91 21.04
CA ASP D 391 -4.31 -54.26 20.59
C ASP D 391 -4.34 -55.19 21.81
N SER D 392 -4.54 -56.49 21.55
CA SER D 392 -4.69 -57.47 22.61
C SER D 392 -3.40 -57.68 23.40
N ASP D 393 -2.24 -57.26 22.85
CA ASP D 393 -0.97 -57.36 23.55
C ASP D 393 -0.66 -56.06 24.30
N ASN D 394 -1.64 -55.15 24.35
CA ASN D 394 -1.55 -53.91 25.09
C ASN D 394 -0.50 -52.99 24.46
N LYS D 395 -0.30 -53.13 23.15
CA LYS D 395 0.57 -52.25 22.36
C LYS D 395 -0.29 -51.20 21.69
N ILE D 396 0.22 -49.97 21.67
CA ILE D 396 -0.49 -48.89 21.00
C ILE D 396 -0.42 -49.13 19.50
N ILE D 397 -1.55 -48.93 18.80
CA ILE D 397 -1.57 -49.09 17.35
C ILE D 397 -2.03 -47.80 16.64
N LYS D 398 -2.58 -46.82 17.36
CA LYS D 398 -2.98 -45.56 16.75
C LYS D 398 -3.03 -44.43 17.79
N ASN D 399 -2.55 -43.23 17.40
CA ASN D 399 -2.75 -42.00 18.15
C ASN D 399 -3.64 -41.08 17.30
N GLU D 400 -4.55 -40.36 17.96
CA GLU D 400 -5.31 -39.33 17.25
C GLU D 400 -5.76 -38.28 18.28
N SER D 401 -5.55 -36.99 17.92
CA SER D 401 -6.02 -35.87 18.73
C SER D 401 -7.41 -35.42 18.25
N ILE D 402 -8.29 -35.08 19.21
CA ILE D 402 -9.48 -34.31 18.94
C ILE D 402 -9.39 -33.00 19.70
N ASN D 403 -9.39 -31.87 18.97
CA ASN D 403 -9.27 -30.55 19.56
C ASN D 403 -10.64 -29.94 19.79
N ILE D 404 -10.94 -29.58 21.04
CA ILE D 404 -12.22 -28.97 21.36
C ILE D 404 -12.00 -27.69 22.15
N LEU D 405 -13.04 -26.85 22.16
CA LEU D 405 -13.09 -25.65 22.97
C LEU D 405 -14.29 -25.77 23.91
N ALA D 406 -14.03 -25.75 25.22
CA ALA D 406 -15.03 -26.19 26.18
C ALA D 406 -15.13 -25.23 27.35
N SER D 407 -16.34 -25.18 27.95
CA SER D 407 -16.61 -24.42 29.15
C SER D 407 -17.83 -25.05 29.84
N LYS D 408 -17.94 -24.84 31.16
CA LYS D 408 -19.12 -25.28 31.91
C LYS D 408 -20.33 -24.42 31.53
N THR D 409 -20.07 -23.14 31.23
CA THR D 409 -21.12 -22.19 30.89
C THR D 409 -20.96 -21.77 29.42
N ALA D 410 -22.04 -21.27 28.83
CA ALA D 410 -22.01 -20.74 27.47
C ALA D 410 -21.19 -19.45 27.47
N PHE D 411 -20.65 -19.10 26.29
CA PHE D 411 -19.76 -17.96 26.13
C PHE D 411 -19.93 -17.38 24.72
N GLU D 412 -19.57 -16.10 24.56
CA GLU D 412 -19.69 -15.39 23.31
C GLU D 412 -18.53 -15.76 22.40
N LEU D 413 -18.86 -16.07 21.14
CA LEU D 413 -17.89 -16.25 20.06
C LEU D 413 -17.88 -15.01 19.17
N PRO D 414 -16.79 -14.74 18.43
CA PRO D 414 -16.87 -13.79 17.33
C PRO D 414 -17.73 -14.36 16.22
N GLU D 415 -18.42 -13.47 15.49
CA GLU D 415 -19.42 -13.86 14.53
C GLU D 415 -19.20 -13.07 13.24
N LEU D 416 -19.28 -13.77 12.10
CA LEU D 416 -19.19 -13.16 10.78
C LEU D 416 -20.51 -13.39 10.04
N THR D 417 -21.09 -12.29 9.54
CA THR D 417 -22.27 -12.34 8.66
C THR D 417 -21.98 -11.50 7.42
N ILE D 418 -22.68 -11.83 6.32
CA ILE D 418 -22.57 -11.08 5.06
C ILE D 418 -23.97 -10.67 4.59
N GLU D 419 -24.01 -9.54 3.88
CA GLU D 419 -25.16 -9.14 3.11
C GLU D 419 -24.74 -9.09 1.64
N VAL D 420 -25.51 -9.71 0.76
CA VAL D 420 -25.18 -9.87 -0.64
C VAL D 420 -26.18 -9.12 -1.51
N THR D 421 -25.68 -8.50 -2.58
CA THR D 421 -26.49 -7.80 -3.55
C THR D 421 -26.15 -8.34 -4.93
N PRO D 422 -27.10 -8.58 -5.87
CA PRO D 422 -28.50 -8.85 -5.53
C PRO D 422 -28.66 -9.96 -4.52
N GLU D 423 -29.72 -9.84 -3.74
CA GLU D 423 -29.93 -10.65 -2.54
C GLU D 423 -30.68 -11.94 -2.86
N LYS D 424 -31.66 -11.87 -3.77
CA LYS D 424 -32.57 -12.99 -4.02
C LYS D 424 -32.64 -13.35 -5.51
N ASP D 425 -32.36 -12.41 -6.41
CA ASP D 425 -32.53 -12.63 -7.83
C ASP D 425 -31.43 -11.90 -8.62
N LEU D 426 -30.57 -12.70 -9.28
CA LEU D 426 -29.45 -12.20 -10.03
C LEU D 426 -29.88 -11.37 -11.25
N ASN D 427 -31.13 -11.51 -11.69
CA ASN D 427 -31.65 -10.70 -12.77
C ASN D 427 -31.76 -9.23 -12.37
N GLU D 428 -31.67 -8.89 -11.07
CA GLU D 428 -31.87 -7.53 -10.61
C GLU D 428 -30.59 -6.70 -10.76
N GLY D 429 -29.54 -7.22 -11.38
CA GLY D 429 -28.31 -6.46 -11.52
C GLY D 429 -27.25 -7.22 -12.30
N LYS D 430 -26.34 -6.47 -12.95
CA LYS D 430 -25.17 -7.03 -13.61
C LYS D 430 -23.97 -7.06 -12.66
N ILE D 431 -24.08 -6.40 -11.51
CA ILE D 431 -22.96 -6.29 -10.59
C ILE D 431 -23.39 -6.69 -9.20
N ALA D 432 -22.51 -7.43 -8.50
CA ALA D 432 -22.77 -7.90 -7.15
C ALA D 432 -21.81 -7.27 -6.15
N SER D 433 -22.22 -7.31 -4.88
CA SER D 433 -21.38 -6.92 -3.75
C SER D 433 -21.58 -7.92 -2.63
N ILE D 434 -20.49 -8.18 -1.90
CA ILE D 434 -20.55 -8.84 -0.62
C ILE D 434 -20.07 -7.87 0.44
N LYS D 435 -20.99 -7.51 1.36
CA LYS D 435 -20.69 -6.69 2.52
C LYS D 435 -20.44 -7.61 3.71
N THR D 436 -19.23 -7.55 4.27
CA THR D 436 -18.85 -8.43 5.36
C THR D 436 -18.86 -7.66 6.67
N LYS D 437 -19.39 -8.31 7.73
CA LYS D 437 -19.40 -7.74 9.07
C LYS D 437 -18.91 -8.78 10.08
N ILE D 438 -17.89 -8.40 10.88
CA ILE D 438 -17.31 -9.27 11.89
C ILE D 438 -17.44 -8.60 13.25
N GLU D 439 -18.22 -9.20 14.16
CA GLU D 439 -18.24 -8.74 15.55
C GLU D 439 -17.13 -9.45 16.31
N THR D 440 -16.15 -8.69 16.80
CA THR D 440 -15.04 -9.28 17.53
C THR D 440 -15.51 -9.73 18.92
N SER D 441 -14.64 -10.45 19.62
CA SER D 441 -14.88 -10.91 20.97
C SER D 441 -13.55 -10.91 21.72
N GLU D 442 -13.54 -10.47 22.97
CA GLU D 442 -12.35 -9.93 23.60
C GLU D 442 -11.23 -10.98 23.69
N ASN D 443 -11.55 -12.26 23.92
CA ASN D 443 -10.53 -13.26 24.24
C ASN D 443 -10.02 -14.01 22.99
N PHE D 444 -10.72 -13.82 21.88
CA PHE D 444 -10.47 -14.52 20.64
C PHE D 444 -9.63 -13.62 19.74
N THR D 445 -8.67 -14.22 19.04
CA THR D 445 -7.78 -13.49 18.14
C THR D 445 -8.16 -13.81 16.71
N LEU D 446 -8.41 -12.78 15.90
CA LEU D 446 -8.56 -12.94 14.46
C LEU D 446 -7.18 -13.04 13.84
N LEU D 447 -7.06 -13.86 12.78
CA LEU D 447 -5.88 -13.90 11.93
C LEU D 447 -6.12 -13.02 10.71
N ASP D 448 -5.07 -12.44 10.14
CA ASP D 448 -5.27 -11.46 9.08
C ASP D 448 -5.45 -12.22 7.77
N ASP D 449 -6.57 -12.92 7.62
CA ASP D 449 -6.71 -13.85 6.50
C ASP D 449 -8.16 -13.86 5.99
N LEU D 450 -8.82 -12.69 5.97
CA LEU D 450 -10.22 -12.62 5.55
C LEU D 450 -10.31 -12.94 4.06
N LYS D 451 -11.21 -13.87 3.69
CA LYS D 451 -11.36 -14.30 2.31
C LYS D 451 -12.82 -14.21 1.86
N ILE D 452 -13.00 -13.86 0.58
CA ILE D 452 -14.29 -13.64 -0.02
C ILE D 452 -14.38 -14.49 -1.29
N SER D 453 -15.52 -15.16 -1.50
CA SER D 453 -15.75 -15.95 -2.70
C SER D 453 -17.12 -15.63 -3.30
N TYR D 454 -17.15 -15.33 -4.61
CA TYR D 454 -18.37 -15.23 -5.40
C TYR D 454 -18.30 -16.31 -6.48
N ASN D 455 -18.72 -17.54 -6.11
CA ASN D 455 -18.57 -18.69 -6.97
C ASN D 455 -19.78 -18.86 -7.88
N THR D 456 -19.59 -18.54 -9.17
CA THR D 456 -20.67 -18.32 -10.13
C THR D 456 -21.05 -19.63 -10.84
N HIS D 457 -20.43 -20.75 -10.47
CA HIS D 457 -20.83 -22.09 -10.86
C HIS D 457 -20.71 -22.33 -12.36
N LEU D 458 -19.77 -21.66 -13.04
CA LEU D 458 -19.54 -21.89 -14.46
C LEU D 458 -18.60 -23.09 -14.66
N GLY D 459 -19.19 -24.28 -14.89
CA GLY D 459 -18.44 -25.51 -14.96
C GLY D 459 -17.72 -25.74 -13.64
N TRP D 460 -16.42 -26.07 -13.72
CA TRP D 460 -15.59 -26.30 -12.55
C TRP D 460 -14.92 -25.00 -12.09
N ALA D 461 -15.05 -23.91 -12.85
CA ALA D 461 -14.41 -22.65 -12.48
C ALA D 461 -15.06 -22.11 -11.21
N ILE D 462 -14.23 -21.67 -10.25
CA ILE D 462 -14.71 -21.27 -8.93
C ILE D 462 -15.06 -19.78 -8.87
N GLY D 463 -14.85 -19.06 -9.99
CA GLY D 463 -15.12 -17.63 -10.04
C GLY D 463 -14.20 -16.81 -9.13
N SER D 464 -14.62 -15.57 -8.89
CA SER D 464 -13.81 -14.56 -8.22
C SER D 464 -13.55 -14.93 -6.77
N GLN D 465 -12.39 -14.51 -6.30
CA GLN D 465 -11.95 -14.74 -4.93
C GLN D 465 -11.05 -13.57 -4.53
N ALA D 466 -11.17 -13.11 -3.29
CA ALA D 466 -10.39 -11.95 -2.84
C ALA D 466 -9.88 -12.16 -1.42
N SER D 467 -8.65 -11.70 -1.17
CA SER D 467 -8.06 -11.62 0.16
C SER D 467 -8.09 -10.17 0.61
N VAL D 468 -8.60 -9.92 1.82
CA VAL D 468 -8.76 -8.58 2.33
C VAL D 468 -7.99 -8.47 3.63
N SER D 469 -7.06 -7.51 3.69
CA SER D 469 -6.30 -7.23 4.90
C SER D 469 -7.21 -6.52 5.89
N ILE D 470 -7.07 -6.86 7.18
CA ILE D 470 -7.78 -6.16 8.24
C ILE D 470 -6.79 -5.65 9.28
N SER D 471 -5.53 -5.43 8.87
CA SER D 471 -4.49 -4.92 9.76
C SER D 471 -4.86 -3.52 10.27
N ASP D 472 -5.55 -2.74 9.45
CA ASP D 472 -5.92 -1.38 9.84
C ASP D 472 -7.08 -1.36 10.83
N GLN D 473 -7.80 -2.48 11.00
CA GLN D 473 -9.04 -2.48 11.76
C GLN D 473 -8.98 -3.40 12.98
N LEU D 474 -7.78 -3.64 13.50
CA LEU D 474 -7.56 -4.77 14.41
C LEU D 474 -8.39 -4.61 15.68
N ASP D 475 -8.25 -3.45 16.34
CA ASP D 475 -8.76 -3.24 17.69
C ASP D 475 -10.25 -2.90 17.71
N LYS D 476 -10.82 -2.59 16.54
CA LYS D 476 -12.23 -2.18 16.43
C LYS D 476 -13.16 -3.32 16.84
N LYS D 477 -14.35 -2.92 17.33
CA LYS D 477 -15.35 -3.84 17.84
C LYS D 477 -16.09 -4.52 16.68
N ILE D 478 -16.40 -3.75 15.63
CA ILE D 478 -17.02 -4.25 14.41
C ILE D 478 -16.07 -3.99 13.24
N ILE D 479 -15.74 -5.05 12.49
CA ILE D 479 -14.86 -4.99 11.34
C ILE D 479 -15.70 -5.25 10.09
N THR D 480 -15.59 -4.37 9.09
CA THR D 480 -16.42 -4.48 7.89
C THR D 480 -15.55 -4.46 6.64
N SER D 481 -16.12 -4.92 5.53
CA SER D 481 -15.51 -4.88 4.22
C SER D 481 -16.61 -4.85 3.17
N GLU D 482 -16.29 -4.29 1.99
CA GLU D 482 -17.21 -4.28 0.87
C GLU D 482 -16.44 -4.66 -0.40
N ASN D 483 -16.85 -5.73 -1.07
CA ASN D 483 -16.17 -6.21 -2.26
C ASN D 483 -17.18 -6.40 -3.39
N PHE D 484 -16.75 -6.06 -4.62
CA PHE D 484 -17.62 -6.02 -5.79
C PHE D 484 -17.22 -7.11 -6.79
N PHE D 485 -18.21 -7.61 -7.53
CA PHE D 485 -18.00 -8.68 -8.49
C PHE D 485 -18.95 -8.49 -9.68
N ASN D 486 -18.43 -8.69 -10.89
CA ASN D 486 -19.25 -8.68 -12.08
C ASN D 486 -19.98 -10.03 -12.16
N ILE D 487 -21.28 -10.01 -12.45
CA ILE D 487 -22.08 -11.22 -12.56
C ILE D 487 -22.12 -11.68 -14.01
N PRO D 488 -21.54 -12.83 -14.38
CA PRO D 488 -21.68 -13.34 -15.74
C PRO D 488 -23.15 -13.55 -16.12
N ASP D 489 -23.51 -13.26 -17.36
CA ASP D 489 -24.88 -13.37 -17.83
C ASP D 489 -25.36 -14.82 -17.79
N ASN D 490 -24.43 -15.77 -17.94
CA ASN D 490 -24.77 -17.19 -17.97
C ASN D 490 -24.54 -17.84 -16.60
N CYS D 491 -24.44 -17.00 -15.56
CA CYS D 491 -24.44 -17.50 -14.20
C CYS D 491 -25.88 -17.69 -13.73
N TRP D 492 -26.21 -18.93 -13.38
CA TRP D 492 -27.57 -19.30 -13.03
C TRP D 492 -27.72 -19.38 -11.51
N VAL D 493 -26.61 -19.66 -10.82
CA VAL D 493 -26.62 -19.72 -9.37
C VAL D 493 -25.22 -19.36 -8.85
N VAL D 494 -25.19 -18.67 -7.70
CA VAL D 494 -23.92 -18.27 -7.10
C VAL D 494 -23.94 -18.69 -5.62
N ASN D 495 -22.79 -19.19 -5.17
CA ASN D 495 -22.49 -19.32 -3.75
C ASN D 495 -21.57 -18.17 -3.36
N ALA D 496 -22.14 -17.22 -2.61
CA ALA D 496 -21.40 -16.10 -2.08
C ALA D 496 -21.03 -16.39 -0.63
N SER D 497 -19.74 -16.34 -0.30
CA SER D 497 -19.27 -16.68 1.03
C SER D 497 -18.07 -15.84 1.44
N ALA D 498 -17.88 -15.76 2.75
CA ALA D 498 -16.72 -15.10 3.33
C ALA D 498 -16.38 -15.80 4.63
N GLY D 499 -15.11 -15.72 5.03
CA GLY D 499 -14.62 -16.41 6.21
C GLY D 499 -13.25 -15.94 6.64
N ILE D 500 -12.95 -16.15 7.93
CA ILE D 500 -11.70 -15.72 8.54
C ILE D 500 -11.37 -16.68 9.68
N SER D 501 -10.06 -16.83 9.94
CA SER D 501 -9.58 -17.72 10.99
C SER D 501 -9.62 -17.01 12.33
N VAL D 502 -9.92 -17.79 13.37
CA VAL D 502 -9.94 -17.33 14.75
C VAL D 502 -9.07 -18.28 15.57
N ARG D 503 -8.45 -17.77 16.64
CA ARG D 503 -7.66 -18.60 17.53
C ARG D 503 -8.01 -18.29 18.97
N TYR D 504 -8.20 -19.36 19.77
CA TYR D 504 -8.19 -19.30 21.22
C TYR D 504 -7.19 -20.34 21.70
N GLY D 505 -6.09 -19.89 22.34
CA GLY D 505 -5.00 -20.78 22.72
C GLY D 505 -4.44 -21.51 21.51
N LYS D 506 -4.45 -22.85 21.56
CA LYS D 506 -3.98 -23.68 20.45
C LYS D 506 -5.13 -24.06 19.51
N PHE D 507 -6.35 -23.64 19.82
CA PHE D 507 -7.53 -24.03 19.05
C PHE D 507 -7.79 -23.00 17.95
N THR D 508 -7.79 -23.47 16.70
CA THR D 508 -7.98 -22.61 15.55
C THR D 508 -9.19 -23.10 14.76
N PHE D 509 -10.06 -22.15 14.37
CA PHE D 509 -11.27 -22.47 13.66
C PHE D 509 -11.65 -21.28 12.77
N LYS D 510 -12.73 -21.44 12.00
CA LYS D 510 -13.14 -20.40 11.07
C LYS D 510 -14.57 -19.94 11.37
N ILE D 511 -14.80 -18.63 11.22
CA ILE D 511 -16.15 -18.10 11.23
C ILE D 511 -16.47 -17.61 9.83
N HIS D 512 -17.74 -17.71 9.45
CA HIS D 512 -18.11 -17.58 8.04
C HIS D 512 -19.62 -17.44 7.86
N ASP D 513 -19.99 -17.08 6.63
CA ASP D 513 -21.38 -16.99 6.24
C ASP D 513 -21.46 -17.30 4.74
N GLN D 514 -22.67 -17.66 4.30
CA GLN D 514 -22.89 -18.28 3.00
C GLN D 514 -24.28 -17.89 2.54
N LYS D 515 -24.39 -17.50 1.26
CA LYS D 515 -25.67 -17.27 0.63
C LYS D 515 -25.66 -17.95 -0.73
N ILE D 516 -26.74 -18.68 -1.03
CA ILE D 516 -26.93 -19.30 -2.32
C ILE D 516 -28.07 -18.56 -3.02
N ILE D 517 -27.78 -18.00 -4.21
CA ILE D 517 -28.69 -17.06 -4.85
C ILE D 517 -28.86 -17.46 -6.31
N TYR D 518 -30.13 -17.48 -6.77
CA TYR D 518 -30.47 -17.95 -8.10
C TYR D 518 -30.78 -16.79 -9.04
N ARG D 519 -30.59 -17.03 -10.34
CA ARG D 519 -31.10 -16.15 -11.38
C ARG D 519 -32.51 -16.58 -11.76
N GLY D 520 -33.51 -15.72 -11.53
CA GLY D 520 -34.87 -16.06 -11.91
C GLY D 520 -35.34 -17.34 -11.22
N ASP D 521 -36.21 -18.10 -11.88
CA ASP D 521 -36.91 -19.19 -11.23
C ASP D 521 -36.55 -20.55 -11.84
N TRP D 522 -35.38 -20.66 -12.49
CA TRP D 522 -35.03 -21.88 -13.20
C TRP D 522 -34.91 -23.06 -12.24
N ALA D 523 -34.69 -22.76 -10.96
CA ALA D 523 -34.37 -23.79 -9.97
C ALA D 523 -35.56 -24.08 -9.05
N LYS D 524 -36.77 -23.64 -9.44
CA LYS D 524 -37.96 -23.88 -8.62
C LYS D 524 -38.16 -25.37 -8.36
N GLU D 525 -37.70 -26.25 -9.26
CA GLU D 525 -37.83 -27.68 -9.05
C GLU D 525 -36.58 -28.24 -8.37
N VAL D 526 -35.40 -28.00 -8.96
CA VAL D 526 -34.19 -28.74 -8.58
C VAL D 526 -33.56 -28.18 -7.32
N GLY D 527 -33.83 -26.91 -6.99
CA GLY D 527 -33.13 -26.23 -5.90
C GLY D 527 -33.73 -26.58 -4.54
N ARG D 528 -32.89 -26.50 -3.50
CA ARG D 528 -33.32 -26.78 -2.13
C ARG D 528 -34.36 -25.74 -1.70
N LYS D 529 -35.47 -26.19 -1.09
CA LYS D 529 -36.52 -25.27 -0.66
C LYS D 529 -36.21 -24.73 0.73
N LEU D 530 -35.76 -23.47 0.82
CA LEU D 530 -35.65 -22.76 2.09
C LEU D 530 -36.94 -21.94 2.24
C ACT E . 25.92 36.45 -13.78
O ACT E . 25.34 35.54 -13.14
OXT ACT E . 27.18 36.63 -13.78
CH3 ACT E . 25.04 37.41 -14.61
C1 GOL F . 17.96 28.75 -2.52
O1 GOL F . 17.16 29.73 -1.84
C2 GOL F . 18.83 29.27 -3.67
O2 GOL F . 19.88 30.06 -3.10
C3 GOL F . 19.40 28.16 -4.56
O3 GOL F . 19.59 28.47 -5.95
C ACT G . 21.99 32.23 -11.63
O ACT G . 22.59 32.44 -10.53
OXT ACT G . 20.79 31.82 -11.72
CH3 ACT G . 22.80 32.42 -12.93
C1 MLA H . 19.57 25.40 -9.36
O1A MLA H . 20.18 25.14 -10.42
O1B MLA H . 19.58 26.54 -8.84
C2 MLA H . 18.78 24.29 -8.65
C3 MLA H . 18.38 22.95 -9.31
O3A MLA H . 17.39 22.92 -10.10
O3B MLA H . 19.01 21.90 -8.97
C ACT I . -4.17 40.84 -3.64
O ACT I . -4.39 40.92 -2.32
OXT ACT I . -3.53 41.72 -4.34
CH3 ACT I . -4.74 39.68 -4.49
C1 GOL J . 0.60 38.07 -16.83
O1 GOL J . 0.07 37.49 -18.01
C2 GOL J . -0.22 37.73 -15.60
O2 GOL J . 0.57 37.96 -14.44
C3 GOL J . -1.53 38.49 -15.51
O3 GOL J . -1.36 39.89 -15.30
C1 GOL K . -25.66 30.12 -5.18
O1 GOL K . -26.61 30.61 -6.12
C2 GOL K . -25.29 31.23 -4.23
O2 GOL K . -26.32 31.40 -3.25
C3 GOL K . -23.96 30.99 -3.55
O3 GOL K . -23.93 29.72 -2.92
#